data_4FM5
#
_entry.id   4FM5
#
_cell.length_a   181.632
_cell.length_b   135.696
_cell.length_c   125.150
_cell.angle_alpha   90.00
_cell.angle_beta   90.00
_cell.angle_gamma   90.00
#
_symmetry.space_group_name_H-M   'P 21 21 2'
#
loop_
_entity.id
_entity.type
_entity.pdbx_description
1 polymer 'Prostaglandin G/H synthase 2'
2 branched 2-acetamido-2-deoxy-beta-D-glucopyranose-(1-4)-2-acetamido-2-deoxy-beta-D-glucopyranose
3 non-polymer 'octyl beta-D-glucopyranoside'
4 non-polymer 'PROTOPORPHYRIN IX CONTAINING FE'
5 non-polymer '(2-fluorobiphenyl-4-yl)acetic acid'
6 water water
#
_entity_poly.entity_id   1
_entity_poly.type   'polypeptide(L)'
_entity_poly.pdbx_seq_one_letter_code
;MLFRAVLLCAALGLSQAANPCCSNPCQNRGECMSTGFDQYKCDCTRTGFYGENCTTPEFLTRIKLLLKPTPNTVHYILTH
FKGVWNIVNNIPFLRSLIMKYVLTSRSYLIDSPPTYNVHYGYKSWEAFSNLSYYTRALPPVADDCPTPMGVKGNKELPDS
KEVLEKVLLRREFIPDPQGSNMMFAFFAQHFTHQFFKTDHKRGPGFTRGLGHGVDLNHIYGETLDRQHKLRLFKDGKLKY
QVIGGEVYPPTVKDTQVEMIYPPHIPENLQFAVGQEVFGLVPGLMMYATIWLREHNRVCDILKQEHPEWGDEQLFQTSRL
ILIGETIKIVIEDYVQHLSGYHFKLKFDPELLFNQQFQYQNRIASEFNTLYHWHPLLPDTFNIEDQEYSFKQFLYNNSIL
LEHGLTQFVESFTRQIAGRVAGGRNVPIAVQAVAKASIDQSREMKYQSLNEYRKRFSLKPYTSFEELTGEKEMAAELKAL
YSDIDVMELYPALLVEKPRPDAIFGETMVELGAPFSLKGLMGNPICSPQYWKPSTFGGEVGFKIINTASIQSLICNNVKG
CPFTSFNVQDPQPTKTATINASASHSRLDDINPTVLIKRRSTEL
;
_entity_poly.pdbx_strand_id   A,B,C,D
#
loop_
_chem_comp.id
_chem_comp.type
_chem_comp.name
_chem_comp.formula
BOG D-saccharide 'octyl beta-D-glucopyranoside' 'C14 H28 O6'
DF0 non-polymer '(2-fluorobiphenyl-4-yl)acetic acid' 'C14 H11 F O2'
HEM non-polymer 'PROTOPORPHYRIN IX CONTAINING FE' 'C34 H32 Fe N4 O4'
NAG D-saccharide, beta linking 2-acetamido-2-deoxy-beta-D-glucopyranose 'C8 H15 N O6'
#
# COMPACT_ATOMS: atom_id res chain seq x y z
N ALA A 18 4.31 29.59 -11.29
CA ALA A 18 3.64 28.46 -12.01
C ALA A 18 3.71 27.24 -11.10
N ASN A 19 4.91 27.06 -10.53
CA ASN A 19 5.16 26.03 -9.53
C ASN A 19 4.20 26.21 -8.36
N PRO A 20 3.29 25.25 -8.16
CA PRO A 20 2.29 25.39 -7.10
C PRO A 20 2.87 25.33 -5.68
N CYS A 21 4.18 25.13 -5.55
CA CYS A 21 4.86 25.15 -4.26
C CYS A 21 5.55 26.48 -3.94
N CYS A 22 5.53 27.43 -4.88
CA CYS A 22 6.19 28.74 -4.72
C CYS A 22 5.85 29.47 -3.45
N SER A 23 4.63 29.24 -2.95
CA SER A 23 4.14 29.91 -1.74
C SER A 23 4.66 29.33 -0.42
N ASN A 24 5.44 28.26 -0.49
CA ASN A 24 5.95 27.60 0.71
C ASN A 24 4.84 27.24 1.70
N PRO A 25 3.78 26.59 1.22
CA PRO A 25 2.57 26.41 1.97
C PRO A 25 2.74 25.50 3.18
N CYS A 26 3.59 24.48 3.06
CA CYS A 26 3.73 23.51 4.14
C CYS A 26 4.50 24.15 5.25
N GLN A 27 4.01 23.96 6.46
CA GLN A 27 4.64 24.46 7.68
C GLN A 27 5.30 23.33 8.45
N ASN A 28 6.01 23.66 9.53
CA ASN A 28 6.61 22.68 10.46
C ASN A 28 7.56 21.59 9.91
N ARG A 29 8.34 21.98 8.90
CA ARG A 29 9.40 21.14 8.29
C ARG A 29 8.87 20.01 7.38
N GLY A 30 7.64 20.16 6.90
CA GLY A 30 7.07 19.23 5.95
C GLY A 30 7.46 19.63 4.55
N GLU A 31 7.53 18.68 3.64
CA GLU A 31 8.08 18.95 2.31
C GLU A 31 6.96 19.15 1.30
N CYS A 32 7.08 20.18 0.46
CA CYS A 32 6.10 20.45 -0.60
C CYS A 32 6.41 19.65 -1.85
N MET A 33 5.38 19.13 -2.51
CA MET A 33 5.56 18.42 -3.77
C MET A 33 4.42 18.80 -4.71
N SER A 34 4.75 19.09 -5.97
CA SER A 34 3.72 19.36 -7.02
C SER A 34 3.09 18.08 -7.57
N THR A 35 1.76 18.06 -7.67
CA THR A 35 1.01 16.90 -8.20
C THR A 35 0.14 17.33 -9.37
N GLY A 36 0.76 17.63 -10.51
CA GLY A 36 0.09 18.30 -11.62
C GLY A 36 0.40 19.77 -11.57
N PHE A 37 0.00 20.52 -12.60
CA PHE A 37 0.43 21.92 -12.75
C PHE A 37 -0.02 22.94 -11.69
N ASP A 38 -1.20 22.74 -11.09
CA ASP A 38 -1.81 23.73 -10.19
C ASP A 38 -2.03 23.23 -8.76
N GLN A 39 -1.70 21.96 -8.48
CA GLN A 39 -1.93 21.38 -7.16
C GLN A 39 -0.62 20.92 -6.56
N TYR A 40 -0.56 20.97 -5.23
CA TYR A 40 0.58 20.49 -4.50
C TYR A 40 0.11 19.50 -3.45
N LYS A 41 1.07 18.86 -2.80
CA LYS A 41 0.80 18.02 -1.65
C LYS A 41 1.97 18.18 -0.68
N CYS A 42 1.63 18.28 0.61
CA CYS A 42 2.63 18.31 1.64
C CYS A 42 2.77 16.95 2.24
N ASP A 43 4.02 16.50 2.41
CA ASP A 43 4.34 15.25 3.09
C ASP A 43 4.70 15.57 4.55
N CYS A 44 3.89 15.10 5.49
CA CYS A 44 4.06 15.52 6.88
C CYS A 44 4.87 14.54 7.72
N THR A 45 5.46 13.53 7.07
CA THR A 45 6.10 12.44 7.80
C THR A 45 7.02 12.98 8.90
N ARG A 46 6.76 12.50 10.12
CA ARG A 46 7.57 12.79 11.31
C ARG A 46 7.64 14.25 11.72
N THR A 47 6.74 15.10 11.17
CA THR A 47 6.79 16.53 11.52
C THR A 47 6.13 16.86 12.84
N GLY A 48 5.44 15.89 13.44
CA GLY A 48 4.55 16.13 14.58
C GLY A 48 3.21 16.80 14.25
N PHE A 49 2.89 16.92 12.95
CA PHE A 49 1.69 17.61 12.51
C PHE A 49 1.06 16.86 11.39
N TYR A 50 -0.16 17.24 11.01
CA TYR A 50 -0.89 16.64 9.87
C TYR A 50 -1.90 17.64 9.26
N GLY A 51 -2.51 17.23 8.15
CA GLY A 51 -3.39 18.11 7.39
C GLY A 51 -2.75 18.59 6.10
N GLU A 52 -3.50 19.31 5.29
CA GLU A 52 -3.04 19.71 3.99
C GLU A 52 -1.67 20.42 4.07
N ASN A 53 -1.46 21.24 5.10
CA ASN A 53 -0.22 22.00 5.26
C ASN A 53 0.58 21.70 6.52
N CYS A 54 0.40 20.55 7.12
CA CYS A 54 1.02 20.17 8.41
C CYS A 54 0.87 21.24 9.44
N THR A 55 -0.31 21.84 9.51
CA THR A 55 -0.62 22.88 10.51
C THR A 55 -1.33 22.34 11.73
N THR A 56 -2.10 21.25 11.57
CA THR A 56 -2.91 20.81 12.69
C THR A 56 -2.11 19.78 13.48
N PRO A 57 -1.89 20.05 14.78
CA PRO A 57 -0.92 19.27 15.55
C PRO A 57 -1.48 17.99 16.09
N GLU A 58 -0.65 16.96 16.17
CA GLU A 58 -0.98 15.75 16.93
C GLU A 58 -1.06 16.13 18.41
N PHE A 59 -1.59 15.25 19.24
CA PHE A 59 -1.86 15.58 20.64
C PHE A 59 -0.56 15.75 21.43
N LEU A 60 0.34 14.77 21.29
CA LEU A 60 1.64 14.80 21.96
C LEU A 60 2.39 16.11 21.62
N THR A 61 2.25 16.57 20.38
CA THR A 61 2.82 17.84 19.93
C THR A 61 2.15 19.02 20.64
N ARG A 62 0.82 18.95 20.82
CA ARG A 62 0.07 20.05 21.43
C ARG A 62 0.60 20.34 22.82
N ILE A 63 0.87 19.27 23.59
CA ILE A 63 1.49 19.38 24.92
C ILE A 63 2.88 20.04 24.91
N LYS A 64 3.75 19.62 23.97
CA LYS A 64 5.13 20.13 23.88
C LYS A 64 5.18 21.64 23.61
N LEU A 65 4.41 22.10 22.63
CA LEU A 65 4.34 23.53 22.32
C LEU A 65 3.77 24.36 23.46
N LEU A 66 3.06 23.75 24.41
CA LEU A 66 2.60 24.43 25.64
C LEU A 66 3.70 24.54 26.68
N LEU A 67 4.54 23.51 26.79
CA LEU A 67 5.64 23.52 27.75
C LEU A 67 6.96 24.15 27.25
N LYS A 68 7.04 24.49 25.96
CA LYS A 68 8.31 24.93 25.35
C LYS A 68 8.61 26.42 25.57
N PRO A 69 9.67 26.74 26.35
CA PRO A 69 9.98 28.14 26.55
C PRO A 69 10.45 28.80 25.24
N THR A 70 10.18 30.09 25.06
CA THR A 70 10.74 30.81 23.90
C THR A 70 12.26 30.99 24.06
N PRO A 71 12.97 31.09 22.93
CA PRO A 71 14.40 31.33 22.99
C PRO A 71 14.80 32.57 23.84
N ASN A 72 13.97 33.62 23.90
CA ASN A 72 14.31 34.82 24.68
C ASN A 72 14.10 34.60 26.18
N THR A 73 13.16 33.70 26.51
CA THR A 73 12.97 33.21 27.88
C THR A 73 14.22 32.45 28.28
N VAL A 74 14.54 31.44 27.49
CA VAL A 74 15.71 30.62 27.77
C VAL A 74 16.98 31.49 27.86
N HIS A 75 17.08 32.53 27.02
CA HIS A 75 18.21 33.46 27.04
C HIS A 75 18.31 34.24 28.31
N TYR A 76 17.17 34.73 28.77
CA TYR A 76 17.09 35.40 30.06
C TYR A 76 17.62 34.52 31.21
N ILE A 77 17.19 33.26 31.25
CA ILE A 77 17.58 32.38 32.37
C ILE A 77 19.11 32.18 32.35
N LEU A 78 19.68 31.96 31.15
CA LEU A 78 21.12 31.69 30.96
C LEU A 78 21.98 32.90 31.27
N THR A 79 21.43 34.10 31.07
CA THR A 79 22.20 35.34 31.28
C THR A 79 21.86 36.05 32.59
N HIS A 80 21.06 35.41 33.45
CA HIS A 80 20.77 35.91 34.79
C HIS A 80 21.01 34.85 35.82
N PHE A 81 20.78 35.19 37.09
CA PHE A 81 20.93 34.28 38.23
C PHE A 81 22.35 33.77 38.31
N LYS A 82 23.31 34.68 38.19
CA LYS A 82 24.72 34.33 38.22
C LYS A 82 25.11 33.52 39.46
N GLY A 83 24.41 33.74 40.58
CA GLY A 83 24.62 32.95 41.78
C GLY A 83 24.22 31.48 41.70
N VAL A 84 23.12 31.22 41.01
CA VAL A 84 22.65 29.84 40.75
C VAL A 84 23.57 29.08 39.76
N TRP A 85 24.15 29.80 38.80
CA TRP A 85 25.06 29.18 37.84
C TRP A 85 26.39 28.83 38.42
N ASN A 86 26.94 29.72 39.25
CA ASN A 86 28.17 29.43 40.00
C ASN A 86 28.15 28.05 40.64
N ILE A 87 27.01 27.70 41.24
CA ILE A 87 26.79 26.41 41.90
C ILE A 87 26.66 25.30 40.83
N VAL A 88 25.78 25.54 39.84
CA VAL A 88 25.54 24.55 38.77
C VAL A 88 26.80 24.21 37.97
N ASN A 89 27.60 25.23 37.66
CA ASN A 89 28.88 25.00 36.96
C ASN A 89 29.89 24.14 37.73
N ASN A 90 29.67 23.96 39.04
CA ASN A 90 30.60 23.19 39.90
C ASN A 90 30.08 21.84 40.37
N ILE A 91 28.91 21.46 39.89
CA ILE A 91 28.36 20.11 40.05
C ILE A 91 28.49 19.37 38.71
N PRO A 92 29.55 18.55 38.53
CA PRO A 92 29.78 17.90 37.23
C PRO A 92 28.57 17.16 36.69
N PHE A 93 27.84 16.44 37.54
CA PHE A 93 26.58 15.79 37.13
C PHE A 93 25.71 16.73 36.28
N LEU A 94 25.53 17.95 36.79
CA LEU A 94 24.52 18.89 36.29
C LEU A 94 24.96 19.63 35.04
N ARG A 95 26.15 20.19 35.10
CA ARG A 95 26.79 20.82 33.96
C ARG A 95 26.75 19.87 32.76
N SER A 96 27.06 18.60 33.01
CA SER A 96 26.96 17.60 31.97
C SER A 96 25.52 17.47 31.44
N LEU A 97 24.54 17.37 32.34
CA LEU A 97 23.15 17.20 31.89
C LEU A 97 22.69 18.37 31.01
N ILE A 98 23.11 19.59 31.37
CA ILE A 98 22.66 20.77 30.64
C ILE A 98 23.35 20.82 29.28
N MET A 99 24.67 20.65 29.27
CA MET A 99 25.44 20.74 28.03
C MET A 99 24.96 19.68 27.05
N LYS A 100 24.69 18.49 27.55
CA LYS A 100 24.16 17.43 26.70
C LYS A 100 22.86 17.87 26.08
N TYR A 101 22.02 18.55 26.87
CA TYR A 101 20.73 18.98 26.35
C TYR A 101 20.94 20.08 25.28
N VAL A 102 21.88 21.00 25.51
CA VAL A 102 22.15 22.02 24.50
C VAL A 102 22.63 21.37 23.18
N LEU A 103 23.49 20.35 23.26
CA LEU A 103 24.02 19.68 22.07
C LEU A 103 22.96 18.96 21.24
N THR A 104 22.15 18.13 21.90
CA THR A 104 21.13 17.30 21.25
C THR A 104 19.96 18.18 20.74
N SER A 105 19.51 19.13 21.55
CA SER A 105 18.39 19.97 21.15
C SER A 105 18.75 20.87 19.97
N ARG A 106 19.99 21.36 19.98
CA ARG A 106 20.49 22.16 18.85
C ARG A 106 20.68 21.32 17.58
N SER A 107 21.39 20.20 17.69
CA SER A 107 21.76 19.45 16.50
C SER A 107 20.55 19.02 15.71
N TYR A 108 19.50 18.66 16.44
CA TYR A 108 18.27 18.15 15.84
C TYR A 108 17.71 19.12 14.78
N LEU A 109 17.98 20.43 14.90
CA LEU A 109 17.57 21.39 13.86
C LEU A 109 18.32 21.26 12.50
N ILE A 110 19.39 20.47 12.44
CA ILE A 110 20.15 20.29 11.18
C ILE A 110 19.77 18.95 10.50
N ASP A 111 19.73 18.95 9.15
CA ASP A 111 19.49 17.77 8.34
C ASP A 111 20.80 17.08 8.04
N SER A 112 21.04 15.91 8.62
CA SER A 112 22.33 15.24 8.48
C SER A 112 22.02 13.78 8.33
N PRO A 113 22.31 13.20 7.17
CA PRO A 113 22.96 13.74 5.97
C PRO A 113 22.23 14.94 5.38
N PRO A 114 22.94 15.75 4.60
CA PRO A 114 22.39 16.96 4.06
C PRO A 114 21.44 16.71 2.92
N THR A 115 20.66 17.76 2.63
CA THR A 115 19.57 17.70 1.65
C THR A 115 19.82 18.56 0.40
N TYR A 116 19.55 19.86 0.47
CA TYR A 116 19.51 20.71 -0.73
C TYR A 116 20.78 21.52 -1.04
N ASN A 117 20.84 22.07 -2.26
CA ASN A 117 21.81 23.15 -2.57
C ASN A 117 21.17 24.21 -3.45
N VAL A 118 21.96 25.12 -4.05
CA VAL A 118 21.42 26.18 -4.95
C VAL A 118 20.64 25.60 -6.10
N HIS A 119 21.06 24.48 -6.64
CA HIS A 119 20.41 23.96 -7.84
C HIS A 119 19.31 22.94 -7.56
N TYR A 120 19.24 22.45 -6.34
CA TYR A 120 18.30 21.40 -6.02
C TYR A 120 17.38 21.72 -4.89
N GLY A 121 16.14 22.01 -5.23
CA GLY A 121 15.04 22.22 -4.29
C GLY A 121 14.29 20.96 -3.96
N TYR A 122 14.75 19.83 -4.49
CA TYR A 122 14.24 18.51 -4.12
C TYR A 122 15.43 17.66 -3.69
N LYS A 123 15.18 16.62 -2.90
CA LYS A 123 16.24 15.68 -2.53
C LYS A 123 16.72 15.00 -3.78
N SER A 124 18.04 14.85 -3.91
CA SER A 124 18.64 14.26 -5.10
C SER A 124 20.03 13.76 -4.84
N TRP A 125 20.46 12.73 -5.57
CA TRP A 125 21.78 12.14 -5.38
C TRP A 125 22.90 13.09 -5.72
N GLU A 126 22.63 13.97 -6.66
CA GLU A 126 23.63 14.94 -7.06
C GLU A 126 23.81 15.90 -5.91
N ALA A 127 22.71 16.35 -5.30
CA ALA A 127 22.79 17.28 -4.14
C ALA A 127 23.59 16.65 -3.00
N PHE A 128 23.32 15.35 -2.76
CA PHE A 128 23.96 14.62 -1.70
C PHE A 128 25.42 14.24 -1.96
N SER A 129 25.77 13.83 -3.16
CA SER A 129 27.15 13.36 -3.41
C SER A 129 28.19 14.45 -3.75
N ASN A 130 27.74 15.59 -4.28
CA ASN A 130 28.62 16.62 -4.82
C ASN A 130 29.04 17.54 -3.71
N LEU A 131 30.27 17.37 -3.29
CA LEU A 131 30.84 18.07 -2.13
C LEU A 131 31.28 19.51 -2.43
N SER A 132 31.24 19.91 -3.70
CA SER A 132 31.54 21.31 -4.12
C SER A 132 30.51 22.38 -3.73
N TYR A 133 29.28 21.95 -3.45
CA TYR A 133 28.21 22.87 -3.10
C TYR A 133 28.20 23.05 -1.59
N TYR A 134 27.99 24.28 -1.14
CA TYR A 134 27.49 24.49 0.20
C TYR A 134 26.10 23.85 0.16
N THR A 135 25.69 23.23 1.27
CA THR A 135 24.33 22.68 1.41
C THR A 135 23.43 23.80 1.83
N ARG A 136 22.22 23.48 2.21
CA ARG A 136 21.20 24.53 2.25
C ARG A 136 20.07 24.13 3.19
N ALA A 137 19.86 24.95 4.22
CA ALA A 137 18.87 24.64 5.28
C ALA A 137 17.44 24.81 4.73
N LEU A 138 17.29 25.69 3.76
CA LEU A 138 16.03 25.83 3.08
C LEU A 138 16.20 25.85 1.57
N PRO A 139 15.29 25.18 0.86
CA PRO A 139 15.34 25.08 -0.58
C PRO A 139 15.33 26.43 -1.24
N PRO A 140 16.08 26.57 -2.32
CA PRO A 140 15.91 27.79 -3.12
C PRO A 140 14.52 27.90 -3.73
N VAL A 141 14.09 29.13 -3.88
CA VAL A 141 12.88 29.50 -4.55
C VAL A 141 13.00 29.07 -6.04
N ALA A 142 11.99 28.38 -6.54
CA ALA A 142 12.02 27.91 -7.92
C ALA A 142 12.22 29.10 -8.89
N ASP A 143 12.78 28.81 -10.06
CA ASP A 143 13.05 29.84 -11.04
C ASP A 143 11.80 30.35 -11.70
N ASP A 144 10.74 29.56 -11.72
CA ASP A 144 9.47 30.07 -12.28
C ASP A 144 8.45 30.46 -11.18
N CYS A 145 8.91 31.28 -10.25
CA CYS A 145 8.03 31.85 -9.26
C CYS A 145 7.88 33.32 -9.59
N PRO A 146 6.65 33.84 -9.46
CA PRO A 146 6.38 35.16 -9.96
C PRO A 146 7.11 36.25 -9.23
N THR A 147 7.65 35.96 -8.05
CA THR A 147 8.43 36.94 -7.28
C THR A 147 9.71 36.29 -6.74
N PRO A 148 10.67 37.10 -6.26
CA PRO A 148 11.96 36.60 -5.76
C PRO A 148 11.89 35.81 -4.44
N MET A 149 11.15 36.33 -3.45
CA MET A 149 10.65 35.46 -2.37
C MET A 149 9.60 34.76 -3.16
N GLY A 150 8.96 33.73 -2.68
CA GLY A 150 8.02 33.01 -3.56
C GLY A 150 6.93 33.73 -4.38
N VAL A 151 5.92 34.19 -3.68
CA VAL A 151 4.73 34.73 -4.33
C VAL A 151 4.37 36.13 -3.80
N LYS A 152 4.97 36.53 -2.68
CA LYS A 152 4.76 37.83 -2.05
C LYS A 152 5.74 38.87 -2.61
N GLY A 153 5.43 40.14 -2.39
CA GLY A 153 6.28 41.26 -2.82
C GLY A 153 6.12 41.64 -4.28
N ASN A 154 6.88 42.65 -4.68
CA ASN A 154 6.86 43.15 -6.04
C ASN A 154 7.83 42.33 -6.89
N LYS A 155 7.82 42.52 -8.21
CA LYS A 155 8.66 41.67 -9.10
C LYS A 155 10.15 41.73 -8.78
N GLU A 156 10.61 42.88 -8.29
CA GLU A 156 11.99 43.03 -7.84
C GLU A 156 12.08 43.37 -6.35
N LEU A 157 13.13 42.85 -5.71
CA LEU A 157 13.48 43.26 -4.36
C LEU A 157 14.04 44.66 -4.44
N PRO A 158 14.03 45.38 -3.31
CA PRO A 158 14.49 46.76 -3.30
C PRO A 158 15.96 46.91 -3.68
N ASP A 159 16.30 48.03 -4.26
CA ASP A 159 17.68 48.27 -4.71
C ASP A 159 18.65 48.03 -3.58
N SER A 160 19.57 47.10 -3.79
CA SER A 160 20.50 46.67 -2.73
C SER A 160 21.41 47.82 -2.19
N LYS A 161 21.87 48.68 -3.10
CA LYS A 161 22.63 49.88 -2.73
C LYS A 161 21.86 50.70 -1.69
N GLU A 162 20.55 50.73 -1.82
CA GLU A 162 19.72 51.61 -0.99
C GLU A 162 19.43 51.02 0.38
N VAL A 163 19.31 49.69 0.42
CA VAL A 163 19.20 48.99 1.68
C VAL A 163 20.51 49.18 2.47
N LEU A 164 21.61 49.08 1.76
CA LEU A 164 22.95 49.27 2.27
C LEU A 164 23.08 50.61 2.95
N GLU A 165 22.81 51.67 2.20
CA GLU A 165 23.07 53.04 2.66
C GLU A 165 22.08 53.53 3.72
N LYS A 166 20.84 53.07 3.64
CA LYS A 166 19.82 53.51 4.57
C LYS A 166 19.88 52.88 5.98
N VAL A 167 20.21 51.59 6.08
CA VAL A 167 20.19 50.88 7.39
C VAL A 167 21.41 50.05 7.77
N LEU A 168 22.36 49.87 6.85
CA LEU A 168 23.52 49.04 7.10
C LEU A 168 24.84 49.78 7.34
N LEU A 169 25.07 50.88 6.62
CA LEU A 169 26.34 51.59 6.74
C LEU A 169 26.50 52.32 8.08
N ARG A 170 27.75 52.37 8.56
CA ARG A 170 28.12 53.01 9.83
C ARG A 170 28.23 54.53 9.75
N ARG A 171 27.50 55.23 10.63
CA ARG A 171 27.60 56.67 10.72
C ARG A 171 28.63 56.96 11.80
N GLU A 172 28.31 56.55 13.02
CA GLU A 172 29.29 56.58 14.09
C GLU A 172 29.54 55.19 14.54
N PHE A 173 30.78 54.96 14.99
CA PHE A 173 31.17 53.65 15.47
C PHE A 173 30.32 53.30 16.70
N ILE A 174 29.70 52.11 16.64
CA ILE A 174 28.96 51.58 17.77
C ILE A 174 29.79 50.42 18.31
N PRO A 175 30.36 50.61 19.52
CA PRO A 175 31.08 49.55 20.20
C PRO A 175 30.15 48.44 20.65
N ASP A 176 30.70 47.23 20.67
CA ASP A 176 29.98 46.10 21.18
C ASP A 176 29.83 46.30 22.68
N PRO A 177 28.58 46.28 23.21
CA PRO A 177 28.26 46.31 24.66
C PRO A 177 28.80 45.12 25.47
N GLN A 178 28.97 43.97 24.82
CA GLN A 178 29.41 42.72 25.44
C GLN A 178 30.94 42.66 25.57
N GLY A 179 31.66 43.67 25.07
CA GLY A 179 33.11 43.74 25.25
C GLY A 179 34.00 42.99 24.26
N SER A 180 33.42 42.53 23.17
CA SER A 180 34.18 41.78 22.20
C SER A 180 35.31 42.63 21.60
N ASN A 181 36.49 42.07 21.54
CA ASN A 181 37.68 42.83 21.17
C ASN A 181 38.25 42.27 19.88
N MET A 182 39.40 42.76 19.44
CA MET A 182 39.94 42.31 18.15
C MET A 182 40.55 40.92 18.17
N MET A 183 40.91 40.41 19.35
CA MET A 183 41.34 39.03 19.43
C MET A 183 40.15 38.17 19.10
N PHE A 184 38.99 38.57 19.60
CA PHE A 184 37.78 37.91 19.22
C PHE A 184 37.58 38.06 17.72
N ALA A 185 37.61 39.27 17.20
CA ALA A 185 37.16 39.49 15.81
C ALA A 185 38.01 38.73 14.84
N PHE A 186 39.33 38.78 14.99
CA PHE A 186 40.21 38.09 14.05
C PHE A 186 40.23 36.59 14.29
N PHE A 187 39.81 36.16 15.48
CA PHE A 187 39.66 34.73 15.76
C PHE A 187 38.46 34.17 14.97
N ALA A 188 37.32 34.86 15.03
CA ALA A 188 36.15 34.56 14.18
C ALA A 188 36.58 34.50 12.73
N GLN A 189 37.34 35.50 12.30
CA GLN A 189 37.88 35.48 10.93
C GLN A 189 38.81 34.29 10.57
N HIS A 190 39.76 34.02 11.43
CA HIS A 190 40.73 32.95 11.16
C HIS A 190 40.03 31.64 11.11
N PHE A 191 39.35 31.32 12.18
CA PHE A 191 38.75 30.00 12.33
C PHE A 191 37.73 29.71 11.22
N THR A 192 36.81 30.62 10.94
CA THR A 192 35.74 30.36 9.98
C THR A 192 36.23 30.21 8.55
N HIS A 193 37.36 30.85 8.24
CA HIS A 193 37.91 30.80 6.86
C HIS A 193 38.62 29.53 6.52
N GLN A 194 38.42 28.52 7.35
CA GLN A 194 38.85 27.20 7.02
C GLN A 194 37.67 26.44 6.47
N PHE A 195 36.43 26.87 6.79
CA PHE A 195 35.24 26.24 6.17
C PHE A 195 34.39 27.12 5.23
N PHE A 196 34.54 28.43 5.31
CA PHE A 196 33.98 29.30 4.33
C PHE A 196 35.09 29.67 3.35
N LYS A 197 35.06 29.05 2.18
CA LYS A 197 36.03 29.30 1.13
C LYS A 197 35.29 29.29 -0.21
N THR A 198 34.52 30.30 -0.49
CA THR A 198 33.69 30.22 -1.67
C THR A 198 34.52 30.08 -2.95
N ASP A 199 34.04 29.22 -3.85
CA ASP A 199 34.69 29.00 -5.12
C ASP A 199 34.08 29.98 -6.12
N HIS A 200 34.70 31.12 -6.27
CA HIS A 200 34.12 32.18 -7.01
C HIS A 200 34.02 31.87 -8.49
N LYS A 201 34.94 31.08 -8.99
CA LYS A 201 34.88 30.61 -10.37
C LYS A 201 33.60 29.82 -10.65
N ARG A 202 33.16 29.03 -9.69
CA ARG A 202 31.96 28.22 -9.88
C ARG A 202 30.74 29.06 -9.68
N GLY A 203 30.82 29.98 -8.73
CA GLY A 203 29.65 30.70 -8.30
C GLY A 203 29.48 30.63 -6.79
N PRO A 204 28.68 31.56 -6.27
CA PRO A 204 28.47 31.50 -4.84
C PRO A 204 27.70 30.23 -4.61
N GLY A 205 27.67 29.75 -3.38
CA GLY A 205 26.93 28.53 -3.12
C GLY A 205 27.73 27.31 -3.48
N PHE A 206 28.92 27.53 -4.05
CA PHE A 206 29.97 26.52 -4.16
C PHE A 206 31.10 26.83 -3.17
N THR A 207 31.76 25.79 -2.67
CA THR A 207 32.78 25.93 -1.62
C THR A 207 34.07 25.29 -2.11
N ARG A 208 35.21 25.82 -1.71
CA ARG A 208 36.49 25.17 -2.00
C ARG A 208 37.01 24.25 -0.85
N GLY A 209 36.35 24.33 0.32
CA GLY A 209 36.66 23.48 1.48
C GLY A 209 35.88 22.17 1.51
N LEU A 210 36.44 21.13 0.89
CA LEU A 210 35.74 19.90 0.75
C LEU A 210 35.80 19.08 2.03
N GLY A 211 36.45 19.60 3.08
CA GLY A 211 36.37 19.02 4.44
C GLY A 211 35.05 19.27 5.17
N HIS A 212 34.31 20.31 4.75
CA HIS A 212 33.04 20.68 5.34
C HIS A 212 33.09 20.65 6.87
N GLY A 213 34.10 21.32 7.42
CA GLY A 213 34.28 21.35 8.86
C GLY A 213 35.66 21.78 9.38
N VAL A 214 35.90 21.50 10.64
CA VAL A 214 37.13 21.93 11.29
C VAL A 214 38.23 20.92 11.04
N ASP A 215 38.98 21.10 9.94
CA ASP A 215 40.10 20.20 9.60
C ASP A 215 41.44 20.90 9.59
N LEU A 216 41.40 22.19 9.94
CA LEU A 216 42.60 23.01 9.98
C LEU A 216 43.33 23.01 8.67
N ASN A 217 42.62 23.01 7.55
CA ASN A 217 43.28 23.20 6.29
C ASN A 217 43.84 24.58 6.17
N HIS A 218 43.32 25.53 6.92
CA HIS A 218 43.82 26.91 6.86
C HIS A 218 45.23 27.03 7.41
N ILE A 219 45.60 26.06 8.25
CA ILE A 219 46.96 25.89 8.73
C ILE A 219 47.80 24.97 7.81
N TYR A 220 47.25 23.83 7.42
CA TYR A 220 47.99 22.75 6.78
C TYR A 220 47.82 22.59 5.26
N GLY A 221 46.87 23.29 4.69
CA GLY A 221 46.58 23.21 3.26
C GLY A 221 45.43 22.27 2.96
N GLU A 222 44.67 22.58 1.91
CA GLU A 222 43.53 21.73 1.48
C GLU A 222 43.96 20.43 0.78
N THR A 223 45.02 20.52 -0.03
CA THR A 223 45.54 19.38 -0.79
C THR A 223 46.85 18.82 -0.19
N LEU A 224 47.13 17.57 -0.52
CA LEU A 224 48.35 16.91 -0.05
C LEU A 224 49.56 17.60 -0.62
N ASP A 225 49.48 17.94 -1.90
CA ASP A 225 50.56 18.61 -2.65
C ASP A 225 51.02 19.85 -1.96
N ARG A 226 50.05 20.70 -1.62
CA ARG A 226 50.29 21.91 -0.85
C ARG A 226 50.81 21.59 0.57
N GLN A 227 50.24 20.59 1.23
CA GLN A 227 50.66 20.29 2.61
C GLN A 227 52.14 19.92 2.65
N HIS A 228 52.54 19.09 1.71
CA HIS A 228 53.93 18.69 1.64
C HIS A 228 54.88 19.87 1.47
N LYS A 229 54.46 20.90 0.73
CA LYS A 229 55.31 22.08 0.55
C LYS A 229 55.45 22.87 1.80
N LEU A 230 54.47 22.82 2.70
CA LEU A 230 54.51 23.57 3.97
C LEU A 230 55.30 22.81 5.03
N ARG A 231 55.59 21.53 4.80
CA ARG A 231 56.19 20.68 5.81
C ARG A 231 57.71 20.67 5.77
N LEU A 232 58.31 20.52 6.95
CA LEU A 232 59.74 20.37 7.10
C LEU A 232 60.25 18.93 6.92
N PHE A 233 59.39 17.95 7.19
CA PHE A 233 59.75 16.52 7.13
C PHE A 233 60.86 16.10 8.09
N LYS A 234 60.98 16.83 9.21
CA LYS A 234 61.85 16.46 10.33
C LYS A 234 61.04 16.67 11.61
N ASP A 235 60.85 15.62 12.38
CA ASP A 235 60.13 15.71 13.66
C ASP A 235 58.70 16.15 13.56
N GLY A 236 58.10 15.94 12.38
CA GLY A 236 56.68 16.20 12.15
C GLY A 236 56.38 17.67 12.00
N LYS A 237 57.42 18.49 11.95
CA LYS A 237 57.30 19.95 12.02
C LYS A 237 56.89 20.59 10.73
N LEU A 238 56.48 21.86 10.84
CA LEU A 238 56.02 22.70 9.76
C LEU A 238 57.13 23.72 9.50
N LYS A 239 57.59 23.86 8.25
CA LYS A 239 58.62 24.85 7.90
C LYS A 239 58.32 26.21 8.50
N TYR A 240 59.38 26.95 8.84
CA TYR A 240 59.28 28.30 9.37
C TYR A 240 60.58 29.05 9.09
N GLN A 241 60.59 30.36 9.37
CA GLN A 241 61.81 31.20 9.37
C GLN A 241 61.94 31.99 10.66
N VAL A 242 63.16 32.36 11.03
CA VAL A 242 63.34 33.17 12.21
C VAL A 242 63.72 34.53 11.72
N ILE A 243 62.90 35.54 12.04
CA ILE A 243 63.14 36.96 11.72
C ILE A 243 63.11 37.71 13.04
N GLY A 244 64.13 38.53 13.29
CA GLY A 244 64.36 39.03 14.65
C GLY A 244 64.60 37.79 15.48
N GLY A 245 64.19 37.79 16.72
CA GLY A 245 64.32 36.54 17.47
C GLY A 245 63.21 35.57 17.13
N GLU A 246 62.17 36.04 16.47
CA GLU A 246 60.87 35.41 16.54
C GLU A 246 60.57 34.45 15.37
N VAL A 247 59.78 33.40 15.66
CA VAL A 247 59.35 32.41 14.64
C VAL A 247 58.14 32.81 13.80
N TYR A 248 58.32 32.93 12.49
CA TYR A 248 57.23 33.26 11.56
C TYR A 248 57.05 32.19 10.50
N PRO A 249 55.97 32.24 9.73
CA PRO A 249 55.78 31.31 8.64
C PRO A 249 56.73 31.56 7.48
N PRO A 250 57.08 30.50 6.74
CA PRO A 250 58.07 30.64 5.69
C PRO A 250 57.54 31.44 4.50
N THR A 251 58.43 31.74 3.56
CA THR A 251 58.11 32.59 2.43
C THR A 251 57.52 31.75 1.32
N VAL A 252 56.82 32.42 0.41
CA VAL A 252 56.48 31.80 -0.88
C VAL A 252 57.73 31.40 -1.65
N LYS A 253 58.77 32.26 -1.68
CA LYS A 253 59.99 31.95 -2.46
C LYS A 253 60.55 30.60 -2.07
N ASP A 254 60.70 30.41 -0.75
CA ASP A 254 61.29 29.19 -0.16
C ASP A 254 60.41 27.94 -0.39
N THR A 255 59.10 28.05 -0.19
CA THR A 255 58.16 26.89 -0.22
C THR A 255 57.43 26.60 -1.53
N GLN A 256 57.29 27.62 -2.38
CA GLN A 256 56.49 27.55 -3.63
C GLN A 256 54.97 27.38 -3.47
N VAL A 257 54.41 27.61 -2.30
CA VAL A 257 52.96 27.47 -2.18
C VAL A 257 52.36 28.72 -2.80
N GLU A 258 51.22 28.58 -3.45
CA GLU A 258 50.49 29.73 -3.98
C GLU A 258 49.87 30.58 -2.86
N MET A 259 50.09 31.90 -2.93
CA MET A 259 49.46 32.84 -2.01
C MET A 259 48.93 33.99 -2.82
N ILE A 260 47.92 34.67 -2.28
CA ILE A 260 47.36 35.84 -2.90
C ILE A 260 48.01 37.05 -2.26
N TYR A 261 48.93 37.67 -2.99
CA TYR A 261 49.49 38.95 -2.59
C TYR A 261 49.41 39.97 -3.74
N PRO A 262 49.20 41.26 -3.42
CA PRO A 262 49.25 42.25 -4.49
C PRO A 262 50.68 42.38 -5.03
N PRO A 263 50.81 42.80 -6.30
CA PRO A 263 52.10 42.70 -6.99
C PRO A 263 53.23 43.51 -6.36
N HIS A 264 52.88 44.48 -5.51
CA HIS A 264 53.90 45.33 -4.91
C HIS A 264 54.50 44.77 -3.63
N ILE A 265 54.22 43.51 -3.28
CA ILE A 265 54.66 42.98 -1.99
C ILE A 265 56.02 42.30 -2.12
N PRO A 266 57.07 42.82 -1.46
CA PRO A 266 58.41 42.25 -1.58
C PRO A 266 58.46 40.80 -1.14
N GLU A 267 59.27 40.00 -1.82
CA GLU A 267 59.25 38.56 -1.62
C GLU A 267 59.48 38.07 -0.18
N ASN A 268 60.25 38.82 0.60
CA ASN A 268 60.56 38.45 1.98
C ASN A 268 59.34 38.54 2.91
N LEU A 269 58.33 39.29 2.46
CA LEU A 269 57.11 39.49 3.22
C LEU A 269 55.95 38.60 2.71
N GLN A 270 56.19 37.86 1.64
CA GLN A 270 55.17 36.96 1.12
C GLN A 270 55.13 35.68 1.91
N PHE A 271 54.43 35.69 3.04
CA PHE A 271 54.42 34.52 3.90
C PHE A 271 53.54 33.45 3.27
N ALA A 272 53.91 32.20 3.43
CA ALA A 272 53.12 31.09 2.92
C ALA A 272 52.46 30.34 4.08
N VAL A 273 51.14 30.40 4.12
CA VAL A 273 50.38 29.70 5.14
C VAL A 273 49.51 28.69 4.41
N GLY A 274 48.65 27.94 5.09
CA GLY A 274 47.86 26.92 4.41
C GLY A 274 46.62 27.44 3.69
N GLN A 275 46.18 28.65 4.03
CA GLN A 275 45.04 29.33 3.44
C GLN A 275 45.58 30.51 2.62
N GLU A 276 45.26 30.51 1.34
CA GLU A 276 45.93 31.42 0.42
C GLU A 276 45.57 32.91 0.59
N VAL A 277 44.62 33.18 1.46
CA VAL A 277 44.13 34.53 1.61
C VAL A 277 44.67 35.21 2.85
N PHE A 278 45.31 34.48 3.75
CA PHE A 278 45.63 35.02 5.10
C PHE A 278 46.79 36.00 5.05
N GLY A 279 47.35 36.15 3.85
CA GLY A 279 48.33 37.19 3.61
C GLY A 279 47.75 38.56 3.62
N LEU A 280 46.45 38.68 3.35
CA LEU A 280 45.86 40.00 3.12
C LEU A 280 45.44 40.79 4.38
N VAL A 281 45.54 40.20 5.56
CA VAL A 281 45.25 40.94 6.80
C VAL A 281 46.25 40.49 7.84
N PRO A 282 46.90 41.44 8.55
CA PRO A 282 47.79 41.09 9.67
C PRO A 282 47.13 40.30 10.79
N GLY A 283 45.89 40.60 11.10
CA GLY A 283 45.16 39.81 12.08
C GLY A 283 45.18 38.30 11.80
N LEU A 284 44.85 37.93 10.57
CA LEU A 284 44.90 36.52 10.12
C LEU A 284 46.32 36.02 10.29
N MET A 285 47.27 36.74 9.73
CA MET A 285 48.64 36.28 9.78
C MET A 285 49.17 36.12 11.25
N MET A 286 48.58 36.87 12.19
CA MET A 286 48.91 36.74 13.61
C MET A 286 48.48 35.40 14.16
N TYR A 287 47.21 35.06 13.99
CA TYR A 287 46.73 33.75 14.42
C TYR A 287 47.45 32.67 13.63
N ALA A 288 47.60 32.90 12.33
CA ALA A 288 48.31 32.02 11.46
C ALA A 288 49.68 31.65 12.04
N THR A 289 50.39 32.65 12.54
CA THR A 289 51.67 32.40 13.19
C THR A 289 51.52 31.66 14.53
N ILE A 290 50.58 32.07 15.36
CA ILE A 290 50.39 31.45 16.67
C ILE A 290 50.20 29.93 16.58
N TRP A 291 49.34 29.52 15.63
CA TRP A 291 49.03 28.08 15.39
C TRP A 291 50.20 27.34 14.84
N LEU A 292 51.04 28.03 14.08
CA LEU A 292 52.20 27.40 13.42
C LEU A 292 53.16 27.04 14.50
N ARG A 293 53.43 28.00 15.36
CA ARG A 293 54.23 27.75 16.55
C ARG A 293 53.65 26.60 17.35
N GLU A 294 52.34 26.65 17.56
CA GLU A 294 51.67 25.60 18.33
C GLU A 294 51.91 24.21 17.74
N HIS A 295 51.74 24.07 16.45
CA HIS A 295 51.88 22.78 15.86
C HIS A 295 53.25 22.22 16.15
N ASN A 296 54.27 23.08 16.07
CA ASN A 296 55.66 22.69 16.29
C ASN A 296 56.00 22.50 17.74
N ARG A 297 55.38 23.29 18.60
CA ARG A 297 55.45 23.06 20.06
C ARG A 297 54.99 21.63 20.48
N VAL A 298 53.84 21.23 19.91
CA VAL A 298 53.23 19.92 20.17
C VAL A 298 54.13 18.79 19.64
N CYS A 299 54.82 19.06 18.53
CA CYS A 299 55.78 18.11 17.98
C CYS A 299 56.91 17.79 18.91
N ASP A 300 57.46 18.80 19.55
CA ASP A 300 58.54 18.57 20.51
C ASP A 300 58.06 17.73 21.66
N ILE A 301 56.83 17.99 22.13
CA ILE A 301 56.23 17.23 23.22
C ILE A 301 56.03 15.78 22.82
N LEU A 302 55.43 15.56 21.65
CA LEU A 302 55.22 14.19 21.14
C LEU A 302 56.55 13.47 20.89
N LYS A 303 57.54 14.17 20.32
CA LYS A 303 58.87 13.61 20.13
C LYS A 303 59.48 13.13 21.45
N GLN A 304 59.27 13.88 22.51
CA GLN A 304 59.82 13.55 23.83
C GLN A 304 59.16 12.30 24.39
N GLU A 305 57.85 12.21 24.22
CA GLU A 305 57.07 11.02 24.62
C GLU A 305 57.31 9.81 23.74
N HIS A 306 57.77 10.03 22.51
CA HIS A 306 57.88 8.99 21.48
C HIS A 306 59.10 9.12 20.63
N PRO A 307 60.27 8.76 21.18
CA PRO A 307 61.51 8.82 20.38
C PRO A 307 61.53 7.81 19.23
N GLU A 308 60.76 6.73 19.35
CA GLU A 308 60.53 5.77 18.23
C GLU A 308 59.68 6.26 17.08
N TRP A 309 59.07 7.43 17.20
CA TRP A 309 58.17 7.90 16.17
C TRP A 309 58.90 8.61 15.05
N GLY A 310 58.43 8.40 13.82
CA GLY A 310 58.97 9.06 12.65
C GLY A 310 58.30 10.37 12.40
N ASP A 311 58.65 11.00 11.29
CA ASP A 311 58.09 12.28 10.89
C ASP A 311 56.58 12.25 10.59
N GLU A 312 56.10 11.26 9.83
CA GLU A 312 54.67 11.25 9.43
C GLU A 312 53.80 11.27 10.67
N GLN A 313 54.04 10.30 11.54
CA GLN A 313 53.23 10.11 12.71
C GLN A 313 53.32 11.32 13.67
N LEU A 314 54.48 11.96 13.81
CA LEU A 314 54.54 13.13 14.66
C LEU A 314 53.63 14.19 14.07
N PHE A 315 53.76 14.36 12.75
CA PHE A 315 53.00 15.36 12.04
C PHE A 315 51.52 15.11 12.08
N GLN A 316 51.07 13.88 11.82
CA GLN A 316 49.63 13.58 11.80
C GLN A 316 49.07 13.65 13.21
N THR A 317 49.76 13.07 14.20
CA THR A 317 49.30 13.12 15.59
C THR A 317 49.26 14.58 16.08
N SER A 318 50.20 15.43 15.66
CA SER A 318 50.10 16.83 16.11
C SER A 318 48.85 17.51 15.55
N ARG A 319 48.54 17.22 14.30
CA ARG A 319 47.39 17.83 13.64
C ARG A 319 46.13 17.40 14.39
N LEU A 320 46.02 16.12 14.70
CA LEU A 320 44.83 15.67 15.42
C LEU A 320 44.65 16.43 16.73
N ILE A 321 45.76 16.71 17.41
CA ILE A 321 45.74 17.44 18.68
C ILE A 321 45.23 18.88 18.46
N LEU A 322 45.81 19.60 17.50
CA LEU A 322 45.31 20.95 17.16
C LEU A 322 43.85 20.99 16.64
N ILE A 323 43.37 19.94 15.98
CA ILE A 323 41.94 19.87 15.69
C ILE A 323 41.19 19.87 17.02
N GLY A 324 41.70 19.10 17.99
CA GLY A 324 41.11 19.01 19.32
C GLY A 324 41.18 20.29 20.13
N GLU A 325 42.34 20.93 20.14
CA GLU A 325 42.47 22.19 20.82
C GLU A 325 41.50 23.23 20.23
N THR A 326 41.44 23.30 18.90
CA THR A 326 40.60 24.28 18.22
C THR A 326 39.13 24.13 18.65
N ILE A 327 38.61 22.90 18.65
CA ILE A 327 37.22 22.67 19.07
C ILE A 327 37.03 23.06 20.55
N LYS A 328 38.02 22.76 21.38
CA LYS A 328 37.95 23.04 22.80
C LYS A 328 37.86 24.54 23.06
N ILE A 329 38.73 25.29 22.40
CA ILE A 329 38.75 26.75 22.58
C ILE A 329 37.50 27.36 21.93
N VAL A 330 37.12 26.86 20.75
CA VAL A 330 35.96 27.37 20.03
C VAL A 330 34.70 27.27 20.94
N ILE A 331 34.55 26.16 21.65
CA ILE A 331 33.36 25.99 22.53
C ILE A 331 33.54 26.75 23.87
N GLU A 332 34.60 26.47 24.62
CA GLU A 332 34.68 26.98 26.00
C GLU A 332 35.16 28.42 26.16
N ASP A 333 35.70 29.03 25.11
CA ASP A 333 36.11 30.44 25.20
C ASP A 333 35.34 31.32 24.24
N TYR A 334 35.42 31.02 22.94
CA TYR A 334 34.83 31.87 21.89
C TYR A 334 33.31 31.84 21.93
N VAL A 335 32.68 30.71 21.74
CA VAL A 335 31.21 30.67 21.86
C VAL A 335 30.75 31.17 23.24
N GLN A 336 31.33 30.57 24.29
CA GLN A 336 31.16 31.02 25.66
C GLN A 336 31.04 32.54 25.77
N HIS A 337 32.03 33.23 25.23
CA HIS A 337 32.02 34.68 25.28
C HIS A 337 30.85 35.23 24.48
N LEU A 338 30.70 34.83 23.22
CA LEU A 338 29.67 35.50 22.38
C LEU A 338 28.26 35.14 22.79
N SER A 339 28.12 34.07 23.56
CA SER A 339 26.82 33.64 24.04
C SER A 339 26.32 34.48 25.22
N GLY A 340 27.26 34.90 26.06
CA GLY A 340 26.93 35.74 27.22
C GLY A 340 26.35 34.98 28.41
N TYR A 341 26.39 33.66 28.32
CA TYR A 341 25.84 32.81 29.33
C TYR A 341 26.76 32.81 30.51
N HIS A 342 26.15 32.67 31.69
CA HIS A 342 26.86 32.45 32.96
C HIS A 342 27.11 30.98 33.09
N PHE A 343 26.33 30.17 32.38
CA PHE A 343 26.56 28.74 32.32
C PHE A 343 27.80 28.49 31.48
N LYS A 344 28.64 27.60 31.97
CA LYS A 344 29.96 27.33 31.41
C LYS A 344 29.88 26.15 30.45
N LEU A 345 29.80 26.47 29.16
CA LEU A 345 29.65 25.47 28.12
C LEU A 345 30.87 24.54 28.19
N LYS A 346 30.71 23.30 27.73
CA LYS A 346 31.72 22.28 27.89
C LYS A 346 32.00 21.55 26.59
N PHE A 347 33.27 21.28 26.33
CA PHE A 347 33.62 20.36 25.23
C PHE A 347 33.95 18.97 25.78
N ASP A 348 33.03 18.04 25.60
CA ASP A 348 33.18 16.67 26.07
C ASP A 348 32.37 15.77 25.14
N PRO A 349 33.06 15.07 24.23
CA PRO A 349 32.40 14.16 23.32
C PRO A 349 31.60 13.04 23.99
N GLU A 350 31.93 12.66 25.23
CA GLU A 350 31.20 11.59 25.93
C GLU A 350 29.72 11.87 26.08
N LEU A 351 29.38 13.16 26.19
CA LEU A 351 28.02 13.57 26.39
C LEU A 351 27.13 12.91 25.33
N LEU A 352 27.62 12.81 24.09
CA LEU A 352 26.82 12.30 22.95
C LEU A 352 26.90 10.79 22.70
N PHE A 353 27.65 10.08 23.54
CA PHE A 353 27.89 8.66 23.30
C PHE A 353 26.66 7.80 23.54
N ASN A 354 25.78 8.19 24.45
CA ASN A 354 24.49 7.48 24.57
C ASN A 354 23.35 8.30 23.92
N GLN A 355 23.69 9.06 22.88
CA GLN A 355 22.67 9.84 22.19
C GLN A 355 22.69 9.47 20.74
N GLN A 356 21.57 9.74 20.08
CA GLN A 356 21.52 9.63 18.62
C GLN A 356 22.22 10.86 18.06
N PHE A 357 23.25 10.65 17.25
CA PHE A 357 23.94 11.80 16.68
C PHE A 357 24.72 11.43 15.45
N GLN A 358 24.80 12.35 14.49
CA GLN A 358 25.52 12.04 13.25
C GLN A 358 26.90 12.68 13.20
N TYR A 359 27.93 11.85 13.30
CA TYR A 359 29.32 12.32 13.17
C TYR A 359 29.67 12.57 11.69
N GLN A 360 29.03 13.58 11.13
CA GLN A 360 29.34 14.08 9.81
C GLN A 360 28.79 15.53 9.78
N ASN A 361 29.19 16.33 8.78
CA ASN A 361 28.70 17.71 8.61
C ASN A 361 28.86 18.22 7.15
N ARG A 362 28.04 19.21 6.78
CA ARG A 362 28.21 19.91 5.52
C ARG A 362 27.94 21.40 5.71
N ILE A 363 28.87 22.28 5.33
CA ILE A 363 28.66 23.65 5.72
C ILE A 363 27.62 24.29 4.79
N ALA A 364 26.83 25.15 5.42
CA ALA A 364 25.60 25.65 4.81
C ALA A 364 25.70 27.08 4.34
N SER A 365 25.11 27.33 3.19
CA SER A 365 25.15 28.67 2.66
C SER A 365 24.72 29.63 3.78
N GLU A 366 23.54 29.42 4.32
CA GLU A 366 23.01 30.34 5.32
C GLU A 366 23.97 30.56 6.51
N PHE A 367 24.74 29.54 6.85
CA PHE A 367 25.72 29.69 7.88
C PHE A 367 26.79 30.66 7.46
N ASN A 368 27.38 30.45 6.26
CA ASN A 368 28.34 31.39 5.65
C ASN A 368 27.69 32.80 5.60
N THR A 369 26.50 32.94 5.02
CA THR A 369 25.80 34.26 4.95
C THR A 369 25.68 34.97 6.28
N LEU A 370 25.20 34.25 7.28
CA LEU A 370 24.95 34.83 8.59
C LEU A 370 26.24 35.23 9.28
N TYR A 371 27.36 34.55 8.97
CA TYR A 371 28.65 34.78 9.66
C TYR A 371 29.45 35.95 9.05
N HIS A 372 28.83 36.79 8.22
CA HIS A 372 29.49 37.97 7.70
C HIS A 372 29.45 39.13 8.65
N TRP A 373 30.32 39.06 9.66
CA TRP A 373 30.33 39.95 10.85
C TRP A 373 31.22 41.18 10.76
N HIS A 374 31.19 41.84 9.61
CA HIS A 374 32.08 42.97 9.36
C HIS A 374 31.88 44.12 10.28
N PRO A 375 30.65 44.33 10.79
CA PRO A 375 30.53 45.45 11.72
C PRO A 375 31.48 45.30 12.92
N LEU A 376 32.03 44.09 13.14
CA LEU A 376 33.01 43.91 14.21
C LEU A 376 34.17 44.88 14.03
N LEU A 377 34.52 45.14 12.78
CA LEU A 377 35.73 45.86 12.43
C LEU A 377 35.63 47.34 12.80
N PRO A 378 36.74 47.94 13.31
CA PRO A 378 36.71 49.32 13.72
C PRO A 378 37.04 50.27 12.56
N ASP A 379 37.07 51.58 12.87
CA ASP A 379 37.43 52.63 11.90
C ASP A 379 38.95 52.67 11.66
N THR A 380 39.72 52.48 12.75
CA THR A 380 41.19 52.33 12.69
C THR A 380 41.65 51.12 13.48
N PHE A 381 42.76 50.54 13.08
CA PHE A 381 43.29 49.40 13.78
C PHE A 381 44.41 49.86 14.69
N ASN A 382 44.17 49.78 16.00
CA ASN A 382 45.06 50.42 16.97
C ASN A 382 46.00 49.43 17.60
N ILE A 383 47.22 49.39 17.06
CA ILE A 383 48.32 48.56 17.58
C ILE A 383 49.30 49.51 18.25
N GLU A 384 49.75 49.20 19.46
CA GLU A 384 50.66 50.06 20.20
C GLU A 384 50.30 51.57 20.23
N ASP A 385 51.18 52.43 19.75
CA ASP A 385 50.94 53.87 19.73
C ASP A 385 50.31 54.31 18.40
N GLN A 386 49.94 53.38 17.53
CA GLN A 386 49.56 53.70 16.15
C GLN A 386 48.10 53.49 15.92
N GLU A 387 47.60 54.13 14.86
CA GLU A 387 46.21 54.03 14.42
C GLU A 387 46.21 53.88 12.90
N TYR A 388 46.16 52.64 12.42
CA TYR A 388 46.27 52.36 10.99
C TYR A 388 44.90 52.33 10.36
N SER A 389 44.78 53.01 9.23
CA SER A 389 43.56 52.99 8.42
C SER A 389 43.50 51.65 7.77
N PHE A 390 42.35 51.34 7.17
CA PHE A 390 42.23 50.11 6.38
C PHE A 390 43.28 50.04 5.30
N LYS A 391 43.44 51.14 4.56
CA LYS A 391 44.37 51.16 3.43
C LYS A 391 45.77 50.81 3.88
N GLN A 392 46.16 51.35 5.05
CA GLN A 392 47.48 51.10 5.63
C GLN A 392 47.60 49.69 6.15
N PHE A 393 46.48 49.07 6.53
CA PHE A 393 46.54 47.77 7.22
C PHE A 393 46.56 46.58 6.29
N LEU A 394 45.72 46.64 5.27
CA LEU A 394 45.57 45.50 4.37
C LEU A 394 46.84 45.15 3.60
N TYR A 395 47.03 43.85 3.44
CA TYR A 395 48.20 43.28 2.79
C TYR A 395 49.52 43.88 3.27
N ASN A 396 49.57 44.30 4.53
CA ASN A 396 50.77 44.94 5.08
C ASN A 396 51.33 44.23 6.29
N ASN A 397 52.09 43.19 6.07
CA ASN A 397 52.63 42.38 7.17
C ASN A 397 53.86 42.96 7.85
N SER A 398 54.49 43.96 7.27
CA SER A 398 55.62 44.59 7.95
C SER A 398 55.16 45.19 9.28
N ILE A 399 53.89 45.60 9.35
CA ILE A 399 53.30 46.07 10.60
C ILE A 399 53.44 44.95 11.62
N LEU A 400 53.02 43.74 11.23
CA LEU A 400 53.20 42.56 12.07
C LEU A 400 54.65 42.45 12.49
N LEU A 401 55.58 42.60 11.56
CA LEU A 401 57.03 42.51 11.87
C LEU A 401 57.53 43.66 12.73
N GLU A 402 57.03 44.87 12.48
CA GLU A 402 57.50 46.03 13.25
C GLU A 402 57.14 45.90 14.73
N HIS A 403 55.91 45.50 15.03
CA HIS A 403 55.45 45.46 16.39
C HIS A 403 55.70 44.15 17.10
N GLY A 404 55.60 43.05 16.36
CA GLY A 404 55.75 41.70 16.92
C GLY A 404 54.46 41.12 17.50
N LEU A 405 54.39 39.79 17.67
CA LEU A 405 53.15 39.15 18.16
C LEU A 405 52.71 39.65 19.52
N THR A 406 53.65 39.91 20.39
CA THR A 406 53.33 40.33 21.73
C THR A 406 52.46 41.60 21.74
N GLN A 407 52.97 42.67 21.12
CA GLN A 407 52.22 43.93 21.06
C GLN A 407 50.88 43.82 20.32
N PHE A 408 50.78 42.92 19.34
CA PHE A 408 49.51 42.63 18.68
C PHE A 408 48.50 42.10 19.67
N VAL A 409 48.80 40.97 20.28
CA VAL A 409 47.99 40.43 21.35
C VAL A 409 47.61 41.50 22.39
N GLU A 410 48.58 42.30 22.82
CA GLU A 410 48.31 43.28 23.89
C GLU A 410 47.33 44.34 23.43
N SER A 411 47.59 44.90 22.26
CA SER A 411 46.77 45.94 21.71
C SER A 411 45.40 45.41 21.26
N PHE A 412 45.35 44.21 20.68
CA PHE A 412 44.07 43.68 20.19
C PHE A 412 43.16 43.20 21.31
N THR A 413 43.74 42.79 22.44
CA THR A 413 42.98 42.52 23.68
C THR A 413 42.34 43.80 24.22
N ARG A 414 43.02 44.93 24.05
CA ARG A 414 42.55 46.24 24.54
C ARG A 414 41.48 46.90 23.64
N GLN A 415 41.53 46.72 22.34
CA GLN A 415 40.67 47.47 21.42
C GLN A 415 39.29 46.82 21.26
N ILE A 416 38.20 47.55 21.56
CA ILE A 416 36.84 47.02 21.30
C ILE A 416 36.50 46.88 19.79
N ALA A 417 35.74 45.82 19.51
CA ALA A 417 35.20 45.50 18.19
C ALA A 417 33.84 46.14 18.14
N GLY A 418 33.26 46.24 16.94
CA GLY A 418 31.92 46.82 16.76
C GLY A 418 30.74 45.89 17.02
N ARG A 419 29.60 46.48 17.42
CA ARG A 419 28.37 45.72 17.60
C ARG A 419 27.88 45.30 16.24
N VAL A 420 27.43 44.05 16.12
CA VAL A 420 27.02 43.49 14.82
C VAL A 420 25.53 43.74 14.47
N ALA A 421 24.64 43.32 15.36
CA ALA A 421 23.22 43.66 15.24
C ALA A 421 22.98 45.14 15.65
N GLY A 422 21.76 45.63 15.50
CA GLY A 422 21.48 46.99 15.94
C GLY A 422 21.48 48.01 14.83
N GLY A 423 22.00 47.62 13.67
CA GLY A 423 21.92 48.44 12.46
C GLY A 423 23.05 49.43 12.30
N ARG A 424 23.27 49.85 11.05
CA ARG A 424 24.17 50.95 10.77
C ARG A 424 25.55 50.84 11.42
N ASN A 425 26.22 49.71 11.24
CA ASN A 425 27.58 49.60 11.74
C ASN A 425 28.56 48.90 10.81
N VAL A 426 28.20 48.78 9.54
CA VAL A 426 29.14 48.26 8.55
C VAL A 426 30.04 49.38 8.14
N PRO A 427 31.35 49.25 8.39
CA PRO A 427 32.29 50.31 8.02
C PRO A 427 32.31 50.52 6.49
N ILE A 428 32.33 51.78 6.06
CA ILE A 428 32.32 52.17 4.62
C ILE A 428 33.43 51.47 3.83
N ALA A 429 34.60 51.31 4.45
CA ALA A 429 35.73 50.58 3.83
C ALA A 429 35.38 49.19 3.21
N VAL A 430 34.33 48.53 3.69
CA VAL A 430 33.93 47.22 3.17
C VAL A 430 32.46 47.22 2.69
N GLN A 431 31.98 48.35 2.23
CA GLN A 431 30.61 48.42 1.77
C GLN A 431 30.42 47.49 0.58
N ALA A 432 31.39 47.44 -0.33
CA ALA A 432 31.32 46.47 -1.45
C ALA A 432 30.88 45.08 -0.95
N VAL A 433 31.47 44.66 0.16
CA VAL A 433 31.31 43.30 0.70
C VAL A 433 29.88 43.07 1.17
N ALA A 434 29.34 44.05 1.87
CA ALA A 434 27.98 43.97 2.37
C ALA A 434 26.98 43.97 1.20
N LYS A 435 27.23 44.75 0.16
CA LYS A 435 26.29 44.80 -0.97
C LYS A 435 26.32 43.44 -1.69
N ALA A 436 27.55 42.98 -1.98
CA ALA A 436 27.77 41.65 -2.46
C ALA A 436 26.89 40.68 -1.69
N SER A 437 26.92 40.79 -0.37
CA SER A 437 26.24 39.82 0.46
C SER A 437 24.74 39.84 0.18
N ILE A 438 24.18 41.03 0.08
CA ILE A 438 22.78 41.12 -0.31
C ILE A 438 22.62 40.52 -1.72
N ASP A 439 23.45 40.95 -2.65
CA ASP A 439 23.27 40.56 -4.05
C ASP A 439 23.34 39.06 -4.28
N GLN A 440 24.31 38.42 -3.66
CA GLN A 440 24.50 36.99 -3.82
C GLN A 440 23.45 36.13 -3.10
N SER A 441 22.88 36.63 -2.00
CA SER A 441 21.73 35.95 -1.38
C SER A 441 20.64 35.81 -2.40
N ARG A 442 20.35 36.92 -3.04
CA ARG A 442 19.34 37.00 -4.09
C ARG A 442 19.70 36.15 -5.27
N GLU A 443 20.95 36.22 -5.65
CA GLU A 443 21.41 35.41 -6.75
C GLU A 443 21.16 33.90 -6.46
N MET A 444 21.36 33.48 -5.20
CA MET A 444 21.15 32.09 -4.81
C MET A 444 19.67 31.78 -4.52
N LYS A 445 18.79 32.75 -4.65
CA LYS A 445 17.36 32.52 -4.42
C LYS A 445 17.08 32.15 -2.97
N TYR A 446 17.62 32.90 -2.03
CA TYR A 446 17.27 32.66 -0.62
C TYR A 446 15.77 32.94 -0.34
N GLN A 447 15.18 32.13 0.54
CA GLN A 447 13.87 32.43 1.07
C GLN A 447 13.94 33.60 2.06
N SER A 448 12.77 34.12 2.44
CA SER A 448 12.66 35.34 3.23
C SER A 448 13.14 35.11 4.66
N LEU A 449 13.28 36.22 5.38
CA LEU A 449 13.70 36.18 6.75
C LEU A 449 12.77 35.31 7.58
N ASN A 450 11.47 35.47 7.37
CA ASN A 450 10.49 34.78 8.24
C ASN A 450 10.40 33.29 7.98
N GLU A 451 10.57 32.88 6.74
CA GLU A 451 10.58 31.47 6.42
C GLU A 451 11.74 30.83 7.18
N TYR A 452 12.89 31.52 7.25
CA TYR A 452 14.04 31.02 8.04
C TYR A 452 13.72 30.98 9.55
N ARG A 453 13.09 32.05 10.04
CA ARG A 453 12.70 32.14 11.43
C ARG A 453 11.82 30.95 11.80
N LYS A 454 10.82 30.69 10.96
CA LYS A 454 9.94 29.54 11.14
C LYS A 454 10.73 28.23 11.15
N ARG A 455 11.50 28.01 10.08
CA ARG A 455 12.41 26.84 9.99
C ARG A 455 13.23 26.56 11.29
N PHE A 456 13.62 27.60 12.05
CA PHE A 456 14.37 27.40 13.34
C PHE A 456 13.55 27.61 14.63
N SER A 457 12.23 27.46 14.47
CA SER A 457 11.27 27.50 15.55
C SER A 457 11.12 28.89 16.17
N LEU A 458 11.05 29.91 15.33
CA LEU A 458 10.95 31.27 15.80
C LEU A 458 9.69 31.93 15.25
N LYS A 459 9.05 32.72 16.11
CA LYS A 459 7.89 33.52 15.74
C LYS A 459 8.23 34.44 14.58
N PRO A 460 7.50 34.34 13.45
CA PRO A 460 7.70 35.34 12.38
C PRO A 460 7.48 36.74 12.93
N TYR A 461 8.23 37.71 12.43
CA TYR A 461 8.03 39.09 12.86
C TYR A 461 6.81 39.59 12.18
N THR A 462 5.99 40.32 12.92
CA THR A 462 4.70 40.79 12.41
C THR A 462 4.81 42.18 11.83
N SER A 463 5.92 42.86 12.11
CA SER A 463 6.18 44.23 11.63
C SER A 463 7.66 44.51 11.64
N PHE A 464 8.07 45.56 10.93
CA PHE A 464 9.48 45.95 10.86
C PHE A 464 9.97 46.50 12.18
N GLU A 465 9.08 47.16 12.89
CA GLU A 465 9.42 47.84 14.14
C GLU A 465 9.58 46.78 15.28
N GLU A 466 8.92 45.63 15.11
CA GLU A 466 9.13 44.50 16.01
C GLU A 466 10.53 43.96 15.79
N LEU A 467 10.94 43.86 14.51
CA LEU A 467 12.27 43.41 14.10
C LEU A 467 13.42 44.28 14.68
N THR A 468 13.34 45.60 14.45
CA THR A 468 14.43 46.54 14.82
C THR A 468 14.39 46.97 16.28
N GLY A 469 13.19 47.01 16.86
CA GLY A 469 12.97 47.53 18.22
C GLY A 469 12.94 49.05 18.32
N GLU A 470 12.92 49.71 17.17
CA GLU A 470 13.04 51.16 17.07
C GLU A 470 12.22 51.63 15.85
N LYS A 471 12.11 52.94 15.66
CA LYS A 471 11.15 53.44 14.71
C LYS A 471 11.72 53.79 13.35
N GLU A 472 12.94 54.33 13.34
CA GLU A 472 13.47 55.04 12.16
C GLU A 472 13.98 54.12 11.05
N MET A 473 14.87 53.20 11.42
CA MET A 473 15.29 52.14 10.51
C MET A 473 14.06 51.37 10.02
N ALA A 474 13.15 51.06 10.95
CA ALA A 474 11.95 50.30 10.58
C ALA A 474 11.13 51.05 9.49
N ALA A 475 10.94 52.36 9.69
CA ALA A 475 10.22 53.20 8.71
C ALA A 475 10.83 53.09 7.32
N GLU A 476 12.15 53.25 7.28
CA GLU A 476 12.93 53.17 6.08
C GLU A 476 12.80 51.80 5.42
N LEU A 477 12.84 50.75 6.23
CA LEU A 477 12.70 49.40 5.71
C LEU A 477 11.31 49.14 5.15
N LYS A 478 10.29 49.77 5.75
CA LYS A 478 8.91 49.58 5.35
C LYS A 478 8.64 50.31 4.05
N ALA A 479 9.34 51.42 3.84
CA ALA A 479 9.26 52.14 2.56
C ALA A 479 9.85 51.37 1.39
N LEU A 480 10.79 50.47 1.68
CA LEU A 480 11.62 49.83 0.66
C LEU A 480 11.06 48.48 0.27
N TYR A 481 11.03 47.56 1.25
CA TYR A 481 10.25 46.32 1.19
C TYR A 481 8.89 46.85 1.53
N SER A 482 7.80 46.19 1.16
CA SER A 482 6.52 46.71 1.67
C SER A 482 5.98 45.86 2.79
N ASP A 483 6.19 44.54 2.65
CA ASP A 483 5.67 43.54 3.56
C ASP A 483 6.83 42.96 4.39
N ILE A 484 6.60 42.74 5.69
CA ILE A 484 7.61 42.12 6.56
C ILE A 484 7.98 40.68 6.11
N ASP A 485 7.00 39.96 5.56
CA ASP A 485 7.24 38.58 5.08
C ASP A 485 8.13 38.54 3.83
N VAL A 486 8.49 39.73 3.31
CA VAL A 486 9.34 39.88 2.11
C VAL A 486 10.74 40.40 2.51
N MET A 487 10.95 40.65 3.80
CA MET A 487 12.24 41.08 4.31
C MET A 487 13.26 39.97 4.10
N GLU A 488 14.51 40.34 3.84
CA GLU A 488 15.59 39.38 3.56
C GLU A 488 16.37 39.08 4.83
N LEU A 489 16.96 37.89 4.84
CA LEU A 489 17.69 37.37 5.99
C LEU A 489 18.91 38.22 6.36
N TYR A 490 19.86 38.37 5.43
CA TYR A 490 21.14 39.01 5.76
C TYR A 490 20.94 40.39 6.35
N PRO A 491 20.31 41.31 5.59
CA PRO A 491 20.08 42.64 6.13
C PRO A 491 19.41 42.58 7.50
N ALA A 492 18.41 41.72 7.64
CA ALA A 492 17.66 41.65 8.87
C ALA A 492 18.53 41.23 10.07
N LEU A 493 19.53 40.38 9.83
CA LEU A 493 20.41 39.98 10.94
C LEU A 493 21.12 41.20 11.53
N LEU A 494 21.61 42.12 10.67
CA LEU A 494 22.47 43.24 11.10
C LEU A 494 21.71 44.45 11.59
N VAL A 495 20.42 44.42 11.38
CA VAL A 495 19.52 45.55 11.62
C VAL A 495 18.54 45.15 12.71
N GLU A 496 18.57 43.87 13.10
CA GLU A 496 17.77 43.30 14.21
C GLU A 496 18.04 43.95 15.55
N LYS A 497 17.00 43.92 16.39
CA LYS A 497 17.05 44.37 17.77
C LYS A 497 17.97 43.50 18.56
N PRO A 498 19.13 44.00 18.96
CA PRO A 498 19.99 43.21 19.84
C PRO A 498 19.31 42.84 21.12
N ARG A 499 19.67 41.67 21.65
CA ARG A 499 19.33 41.35 23.04
C ARG A 499 19.92 42.43 23.95
N PRO A 500 19.43 42.54 25.21
CA PRO A 500 19.90 43.65 26.04
C PRO A 500 21.40 43.61 26.21
N ASP A 501 22.09 44.67 25.73
CA ASP A 501 23.53 44.84 25.91
C ASP A 501 24.29 43.68 25.31
N ALA A 502 23.73 43.18 24.21
CA ALA A 502 24.26 42.03 23.50
C ALA A 502 24.67 42.44 22.08
N ILE A 503 25.55 41.62 21.51
CA ILE A 503 26.12 41.87 20.19
C ILE A 503 25.14 41.45 19.09
N PHE A 504 24.28 40.45 19.40
CA PHE A 504 23.43 39.76 18.42
C PHE A 504 21.95 39.71 18.76
N GLY A 505 21.10 39.71 17.74
CA GLY A 505 19.67 39.43 17.96
C GLY A 505 19.32 37.96 18.04
N GLU A 506 18.06 37.67 18.34
CA GLU A 506 17.55 36.31 18.41
C GLU A 506 17.92 35.48 17.16
N THR A 507 17.61 36.01 15.98
CA THR A 507 17.75 35.27 14.73
C THR A 507 19.18 34.79 14.47
N MET A 508 20.17 35.65 14.75
CA MET A 508 21.59 35.29 14.64
C MET A 508 21.95 34.12 15.53
N VAL A 509 21.63 34.22 16.82
CA VAL A 509 22.01 33.15 17.74
C VAL A 509 21.33 31.84 17.32
N GLU A 510 20.02 31.91 17.06
CA GLU A 510 19.20 30.71 16.87
C GLU A 510 19.41 29.94 15.56
N LEU A 511 19.82 30.67 14.51
CA LEU A 511 20.32 30.06 13.28
C LEU A 511 21.76 29.58 13.44
N GLY A 512 22.60 30.43 14.01
CA GLY A 512 24.01 30.14 14.11
C GLY A 512 24.26 28.91 14.97
N ALA A 513 23.68 28.87 16.17
CA ALA A 513 24.08 27.85 17.13
C ALA A 513 23.98 26.39 16.62
N PRO A 514 22.87 26.03 15.94
CA PRO A 514 22.81 24.69 15.40
C PRO A 514 23.86 24.44 14.33
N PHE A 515 24.10 25.37 13.41
CA PHE A 515 25.14 25.12 12.37
C PHE A 515 26.53 25.01 13.00
N SER A 516 26.75 25.80 14.03
CA SER A 516 28.02 25.82 14.71
C SER A 516 28.31 24.54 15.46
N LEU A 517 27.38 24.09 16.27
CA LEU A 517 27.68 22.96 17.15
C LEU A 517 27.71 21.63 16.37
N LYS A 518 27.02 21.57 15.24
CA LYS A 518 27.15 20.41 14.38
C LYS A 518 28.53 20.36 13.71
N GLY A 519 28.98 21.49 13.20
CA GLY A 519 30.33 21.56 12.63
C GLY A 519 31.39 21.08 13.63
N LEU A 520 31.29 21.57 14.87
CA LEU A 520 32.22 21.22 15.95
C LEU A 520 32.10 19.80 16.39
N MET A 521 30.89 19.34 16.66
CA MET A 521 30.71 18.00 17.25
C MET A 521 30.60 16.90 16.18
N GLY A 522 30.21 17.27 14.96
CA GLY A 522 30.18 16.34 13.83
C GLY A 522 31.55 15.89 13.29
N ASN A 523 32.61 16.50 13.80
CA ASN A 523 33.97 16.12 13.46
C ASN A 523 34.23 14.67 13.89
N PRO A 524 35.09 13.95 13.16
CA PRO A 524 35.22 12.56 13.53
C PRO A 524 35.95 12.35 14.84
N ILE A 525 36.87 13.24 15.22
CA ILE A 525 37.66 13.01 16.43
C ILE A 525 36.75 12.90 17.67
N CYS A 526 35.54 13.40 17.53
CA CYS A 526 34.55 13.38 18.61
C CYS A 526 33.81 12.06 18.73
N SER A 527 34.08 11.13 17.81
CA SER A 527 33.31 9.88 17.72
C SER A 527 33.96 8.90 18.67
N PRO A 528 33.19 7.99 19.26
CA PRO A 528 33.71 6.99 20.22
C PRO A 528 35.04 6.40 19.81
N GLN A 529 35.13 5.98 18.54
CA GLN A 529 36.29 5.21 18.06
C GLN A 529 37.56 6.06 17.88
N TYR A 530 37.42 7.40 17.90
CA TYR A 530 38.57 8.32 17.82
C TYR A 530 38.95 8.92 19.18
N TRP A 531 37.94 9.26 19.98
CA TRP A 531 38.11 9.90 21.29
C TRP A 531 38.66 9.00 22.38
N LYS A 532 39.96 8.78 22.35
CA LYS A 532 40.63 8.04 23.37
C LYS A 532 42.10 8.39 23.26
N PRO A 533 42.82 8.33 24.39
CA PRO A 533 44.19 8.85 24.44
C PRO A 533 45.10 8.42 23.30
N SER A 534 45.04 7.14 22.93
CA SER A 534 46.02 6.61 22.00
C SER A 534 45.91 7.31 20.65
N THR A 535 44.69 7.69 20.26
CA THR A 535 44.53 8.51 19.08
C THR A 535 45.49 9.70 19.08
N PHE A 536 45.70 10.30 20.26
CA PHE A 536 46.47 11.54 20.39
C PHE A 536 47.88 11.35 20.94
N GLY A 537 48.40 10.13 20.80
CA GLY A 537 49.74 9.82 21.25
C GLY A 537 49.81 9.54 22.73
N GLY A 538 48.68 9.20 23.33
CA GLY A 538 48.63 8.87 24.76
C GLY A 538 48.03 9.95 25.65
N GLU A 539 48.30 9.82 26.94
CA GLU A 539 47.54 10.56 27.94
C GLU A 539 47.96 12.01 27.98
N VAL A 540 49.26 12.25 27.79
CA VAL A 540 49.80 13.61 27.76
C VAL A 540 49.30 14.38 26.52
N GLY A 541 49.30 13.73 25.36
CA GLY A 541 48.68 14.29 24.15
C GLY A 541 47.22 14.68 24.35
N PHE A 542 46.46 13.77 24.95
CA PHE A 542 45.04 14.01 25.23
C PHE A 542 44.92 15.21 26.15
N LYS A 543 45.80 15.29 27.13
CA LYS A 543 45.71 16.36 28.12
C LYS A 543 45.81 17.74 27.49
N ILE A 544 46.59 17.85 26.40
CA ILE A 544 46.74 19.12 25.66
C ILE A 544 45.39 19.56 25.15
N ILE A 545 44.61 18.61 24.65
CA ILE A 545 43.31 18.95 24.12
C ILE A 545 42.43 19.41 25.27
N ASN A 546 42.36 18.60 26.32
CA ASN A 546 41.37 18.80 27.36
C ASN A 546 41.67 19.93 28.35
N THR A 547 42.88 20.48 28.31
CA THR A 547 43.22 21.68 29.07
C THR A 547 43.46 22.90 28.19
N ALA A 548 43.16 22.80 26.89
CA ALA A 548 43.38 23.92 25.93
C ALA A 548 42.50 25.12 26.29
N SER A 549 43.03 26.31 26.10
CA SER A 549 42.26 27.57 26.26
C SER A 549 42.93 28.66 25.45
N ILE A 550 42.23 29.74 25.13
CA ILE A 550 42.88 30.86 24.40
C ILE A 550 44.04 31.46 25.22
N GLN A 551 43.95 31.46 26.54
CA GLN A 551 45.05 32.00 27.31
C GLN A 551 46.29 31.11 27.19
N SER A 552 46.11 29.81 27.19
CA SER A 552 47.30 28.99 27.14
C SER A 552 47.80 28.81 25.70
N LEU A 553 46.92 28.94 24.71
CA LEU A 553 47.36 28.90 23.31
C LEU A 553 48.36 30.05 23.08
N ILE A 554 48.06 31.21 23.70
CA ILE A 554 48.88 32.42 23.56
C ILE A 554 50.06 32.49 24.50
N CYS A 555 49.87 32.01 25.74
CA CYS A 555 50.93 31.93 26.73
C CYS A 555 52.11 31.05 26.33
N ASN A 556 51.80 29.86 25.84
CA ASN A 556 52.80 28.91 25.37
C ASN A 556 53.56 29.29 24.08
N ASN A 557 53.04 30.25 23.32
CA ASN A 557 53.56 30.57 22.01
C ASN A 557 53.88 32.02 21.72
N VAL A 558 53.55 32.95 22.62
CA VAL A 558 53.86 34.36 22.42
C VAL A 558 54.79 34.82 23.53
N LYS A 559 55.80 35.58 23.13
CA LYS A 559 56.89 36.07 23.98
C LYS A 559 56.34 36.78 25.24
N GLY A 560 56.72 36.33 26.42
CA GLY A 560 56.30 36.96 27.66
C GLY A 560 54.90 36.63 28.18
N CYS A 561 54.29 35.55 27.74
CA CYS A 561 52.96 35.13 28.21
C CYS A 561 51.96 36.29 28.51
N PRO A 562 51.61 37.09 27.48
CA PRO A 562 50.71 38.21 27.71
C PRO A 562 49.34 37.73 28.05
N PHE A 563 48.62 38.52 28.82
CA PHE A 563 47.24 38.24 29.07
C PHE A 563 46.47 38.46 27.75
N THR A 564 45.59 37.51 27.39
CA THR A 564 44.49 37.76 26.41
C THR A 564 43.18 37.27 26.91
N SER A 565 42.16 37.63 26.14
CA SER A 565 40.78 37.30 26.39
C SER A 565 40.02 37.71 25.12
N PHE A 566 38.76 37.33 25.01
CA PHE A 566 37.96 37.76 23.90
C PHE A 566 37.16 38.96 24.35
N ASN A 567 37.53 39.50 25.50
CA ASN A 567 36.71 40.49 26.16
C ASN A 567 37.55 41.60 26.73
N VAL A 568 37.15 42.84 26.48
CA VAL A 568 37.84 44.02 26.98
C VAL A 568 37.74 44.10 28.53
N GLN A 569 38.84 44.49 29.18
CA GLN A 569 38.99 44.42 30.65
C GLN A 569 38.89 45.77 31.39
N ALA B 18 61.04 -4.74 15.45
CA ALA B 18 61.55 -3.44 15.99
C ALA B 18 60.38 -2.73 16.65
N ASN B 19 59.36 -2.45 15.84
CA ASN B 19 58.08 -1.96 16.34
C ASN B 19 57.56 -2.90 17.45
N PRO B 20 57.39 -2.37 18.68
CA PRO B 20 56.93 -3.23 19.75
C PRO B 20 55.46 -3.65 19.68
N CYS B 21 54.74 -3.14 18.67
CA CYS B 21 53.34 -3.50 18.41
C CYS B 21 53.18 -4.55 17.32
N CYS B 22 54.29 -5.03 16.77
CA CYS B 22 54.27 -6.05 15.71
C CYS B 22 53.55 -7.34 16.07
N SER B 23 53.58 -7.72 17.35
CA SER B 23 52.94 -8.97 17.80
C SER B 23 51.40 -8.91 17.91
N ASN B 24 50.83 -7.72 17.71
CA ASN B 24 49.38 -7.49 17.89
C ASN B 24 48.94 -7.84 19.31
N PRO B 25 49.69 -7.38 20.31
CA PRO B 25 49.47 -7.87 21.67
C PRO B 25 48.12 -7.53 22.28
N CYS B 26 47.54 -6.37 21.99
CA CYS B 26 46.25 -5.97 22.58
C CYS B 26 45.11 -6.75 21.96
N GLN B 27 44.25 -7.30 22.79
CA GLN B 27 43.08 -8.05 22.34
C GLN B 27 41.81 -7.22 22.50
N ASN B 28 40.68 -7.79 22.10
CA ASN B 28 39.34 -7.19 22.26
C ASN B 28 39.17 -5.78 21.76
N ARG B 29 39.77 -5.50 20.61
CA ARG B 29 39.58 -4.23 19.90
C ARG B 29 40.27 -3.02 20.52
N GLY B 30 41.23 -3.27 21.39
CA GLY B 30 42.02 -2.20 21.99
C GLY B 30 43.08 -1.79 21.01
N GLU B 31 43.64 -0.61 21.20
CA GLU B 31 44.62 -0.10 20.28
C GLU B 31 46.00 -0.21 20.90
N CYS B 32 46.98 -0.71 20.15
CA CYS B 32 48.39 -0.72 20.57
C CYS B 32 49.10 0.62 20.26
N MET B 33 49.97 1.04 21.15
CA MET B 33 50.75 2.25 20.95
C MET B 33 52.15 2.05 21.49
N SER B 34 53.16 2.50 20.77
CA SER B 34 54.54 2.34 21.21
C SER B 34 54.90 3.42 22.20
N THR B 35 55.62 3.04 23.28
CA THR B 35 56.06 4.02 24.32
C THR B 35 57.59 3.96 24.56
N GLY B 36 58.36 4.35 23.56
CA GLY B 36 59.79 4.05 23.52
C GLY B 36 60.05 2.83 22.65
N PHE B 37 61.31 2.57 22.32
CA PHE B 37 61.68 1.61 21.27
C PHE B 37 61.28 0.15 21.52
N ASP B 38 61.16 -0.24 22.79
CA ASP B 38 60.95 -1.65 23.13
C ASP B 38 59.68 -1.91 23.92
N GLN B 39 58.94 -0.86 24.27
CA GLN B 39 57.74 -0.99 25.11
C GLN B 39 56.51 -0.51 24.35
N TYR B 40 55.39 -1.15 24.64
CA TYR B 40 54.09 -0.72 24.12
C TYR B 40 53.13 -0.47 25.27
N LYS B 41 51.96 0.04 24.92
CA LYS B 41 50.85 0.23 25.86
C LYS B 41 49.51 0.11 25.11
N CYS B 42 48.61 -0.68 25.66
CA CYS B 42 47.30 -0.81 25.06
C CYS B 42 46.36 0.21 25.64
N ASP B 43 45.48 0.72 24.79
CA ASP B 43 44.41 1.62 25.20
C ASP B 43 43.13 0.85 25.17
N CYS B 44 42.54 0.63 26.35
CA CYS B 44 41.39 -0.28 26.47
C CYS B 44 40.04 0.42 26.51
N THR B 45 40.03 1.74 26.28
CA THR B 45 38.84 2.54 26.36
C THR B 45 37.64 1.88 25.67
N ARG B 46 36.58 1.71 26.46
CA ARG B 46 35.30 1.16 26.02
C ARG B 46 35.36 -0.23 25.43
N THR B 47 36.45 -0.96 25.61
CA THR B 47 36.49 -2.30 25.04
C THR B 47 35.71 -3.31 25.86
N GLY B 48 35.30 -2.93 27.07
CA GLY B 48 34.74 -3.86 28.06
C GLY B 48 35.79 -4.71 28.81
N PHE B 49 37.07 -4.35 28.69
CA PHE B 49 38.17 -5.11 29.30
C PHE B 49 39.16 -4.14 29.89
N TYR B 50 40.11 -4.67 30.67
CA TYR B 50 41.26 -3.90 31.13
C TYR B 50 42.51 -4.77 31.30
N GLY B 51 43.62 -4.15 31.67
CA GLY B 51 44.87 -4.87 31.86
C GLY B 51 45.82 -4.66 30.70
N GLU B 52 47.07 -5.10 30.84
CA GLU B 52 48.13 -4.73 29.90
C GLU B 52 47.75 -4.97 28.43
N ASN B 53 46.98 -6.03 28.18
CA ASN B 53 46.58 -6.41 26.81
C ASN B 53 45.04 -6.42 26.59
N CYS B 54 44.29 -5.75 27.46
CA CYS B 54 42.81 -5.77 27.47
C CYS B 54 42.20 -7.17 27.51
N THR B 55 42.87 -8.07 28.22
CA THR B 55 42.45 -9.47 28.31
C THR B 55 41.57 -9.74 29.53
N THR B 56 41.69 -8.96 30.59
CA THR B 56 40.92 -9.30 31.78
C THR B 56 39.59 -8.51 31.72
N PRO B 57 38.44 -9.22 31.82
CA PRO B 57 37.12 -8.61 31.61
C PRO B 57 36.55 -7.87 32.78
N GLU B 58 35.85 -6.77 32.52
CA GLU B 58 34.99 -6.14 33.52
C GLU B 58 33.87 -7.12 33.85
N PHE B 59 33.13 -6.86 34.93
CA PHE B 59 32.15 -7.83 35.43
C PHE B 59 30.94 -7.92 34.52
N LEU B 60 30.38 -6.76 34.17
CA LEU B 60 29.30 -6.66 33.19
C LEU B 60 29.63 -7.46 31.91
N THR B 61 30.89 -7.41 31.49
CA THR B 61 31.38 -8.18 30.32
C THR B 61 31.42 -9.68 30.56
N ARG B 62 31.82 -10.10 31.75
CA ARG B 62 31.94 -11.52 32.09
C ARG B 62 30.59 -12.23 31.91
N ILE B 63 29.52 -11.55 32.33
CA ILE B 63 28.15 -12.02 32.12
C ILE B 63 27.77 -12.18 30.63
N LYS B 64 28.06 -11.16 29.82
CA LYS B 64 27.71 -11.18 28.39
C LYS B 64 28.38 -12.35 27.67
N LEU B 65 29.67 -12.57 27.90
CA LEU B 65 30.37 -13.73 27.31
C LEU B 65 29.88 -15.10 27.78
N LEU B 66 29.16 -15.16 28.90
CA LEU B 66 28.50 -16.41 29.31
C LEU B 66 27.24 -16.64 28.47
N LEU B 67 26.49 -15.57 28.23
CA LEU B 67 25.18 -15.66 27.56
C LEU B 67 25.23 -15.56 26.05
N LYS B 68 26.39 -15.23 25.48
CA LYS B 68 26.49 -14.94 24.04
C LYS B 68 26.63 -16.23 23.25
N PRO B 69 25.63 -16.56 22.41
CA PRO B 69 25.71 -17.79 21.63
C PRO B 69 26.75 -17.68 20.53
N THR B 70 27.48 -18.74 20.25
CA THR B 70 28.42 -18.68 19.14
C THR B 70 27.67 -18.45 17.80
N PRO B 71 28.41 -17.95 16.77
CA PRO B 71 27.80 -17.79 15.45
C PRO B 71 27.26 -19.10 14.86
N ASN B 72 27.91 -20.23 15.11
CA ASN B 72 27.40 -21.50 14.56
C ASN B 72 26.09 -21.90 15.25
N THR B 73 25.95 -21.59 16.55
CA THR B 73 24.66 -21.83 17.28
C THR B 73 23.55 -20.99 16.67
N VAL B 74 23.82 -19.70 16.54
CA VAL B 74 22.92 -18.73 15.91
C VAL B 74 22.55 -19.15 14.46
N HIS B 75 23.56 -19.62 13.73
CA HIS B 75 23.33 -20.13 12.38
C HIS B 75 22.39 -21.30 12.41
N TYR B 76 22.66 -22.28 13.27
CA TYR B 76 21.78 -23.46 13.43
C TYR B 76 20.32 -23.02 13.65
N ILE B 77 20.11 -22.07 14.57
CA ILE B 77 18.76 -21.65 14.89
C ILE B 77 18.10 -21.01 13.65
N LEU B 78 18.87 -20.21 12.90
CA LEU B 78 18.33 -19.51 11.72
C LEU B 78 18.01 -20.43 10.54
N THR B 79 18.63 -21.61 10.51
CA THR B 79 18.45 -22.54 9.40
C THR B 79 17.74 -23.84 9.81
N HIS B 80 17.17 -23.84 11.00
CA HIS B 80 16.27 -24.90 11.44
C HIS B 80 14.97 -24.32 11.97
N PHE B 81 14.06 -25.21 12.36
CA PHE B 81 12.76 -24.86 12.95
C PHE B 81 11.89 -24.09 11.98
N LYS B 82 11.85 -24.56 10.74
CA LYS B 82 11.15 -23.86 9.65
C LYS B 82 9.70 -23.55 10.02
N GLY B 83 9.10 -24.45 10.81
CA GLY B 83 7.75 -24.28 11.32
C GLY B 83 7.63 -23.05 12.20
N VAL B 84 8.58 -22.84 13.10
CA VAL B 84 8.53 -21.68 14.02
C VAL B 84 8.76 -20.35 13.29
N TRP B 85 9.61 -20.37 12.25
CA TRP B 85 9.92 -19.17 11.46
C TRP B 85 8.76 -18.76 10.60
N ASN B 86 8.11 -19.74 9.97
CA ASN B 86 6.84 -19.52 9.29
C ASN B 86 5.86 -18.68 10.11
N ILE B 87 5.76 -18.97 11.41
CA ILE B 87 4.91 -18.19 12.31
C ILE B 87 5.52 -16.84 12.63
N VAL B 88 6.80 -16.83 13.03
CA VAL B 88 7.52 -15.57 13.34
C VAL B 88 7.55 -14.58 12.15
N ASN B 89 7.75 -15.06 10.93
CA ASN B 89 7.69 -14.19 9.73
C ASN B 89 6.37 -13.48 9.47
N ASN B 90 5.29 -13.96 10.09
CA ASN B 90 3.93 -13.41 9.86
C ASN B 90 3.37 -12.60 11.04
N ILE B 91 4.22 -12.40 12.05
CA ILE B 91 3.99 -11.44 13.13
C ILE B 91 4.91 -10.23 12.85
N PRO B 92 4.38 -9.14 12.22
CA PRO B 92 5.16 -7.93 11.95
C PRO B 92 5.91 -7.40 13.15
N PHE B 93 5.25 -7.31 14.30
CA PHE B 93 5.91 -6.92 15.56
C PHE B 93 7.27 -7.61 15.73
N LEU B 94 7.28 -8.93 15.50
CA LEU B 94 8.42 -9.79 15.85
C LEU B 94 9.52 -9.83 14.78
N ARG B 95 9.09 -10.00 13.54
CA ARG B 95 9.99 -9.88 12.43
C ARG B 95 10.78 -8.60 12.61
N SER B 96 10.06 -7.50 12.89
CA SER B 96 10.67 -6.18 13.09
C SER B 96 11.69 -6.20 14.22
N LEU B 97 11.33 -6.81 15.34
CA LEU B 97 12.22 -6.84 16.48
C LEU B 97 13.50 -7.54 16.08
N ILE B 98 13.40 -8.64 15.33
CA ILE B 98 14.58 -9.47 15.05
C ILE B 98 15.54 -8.79 14.05
N MET B 99 14.97 -8.30 12.94
CA MET B 99 15.74 -7.65 11.89
C MET B 99 16.53 -6.54 12.53
N LYS B 100 15.88 -5.80 13.40
CA LYS B 100 16.45 -4.63 14.08
C LYS B 100 17.67 -5.05 14.89
N TYR B 101 17.63 -6.26 15.43
CA TYR B 101 18.74 -6.76 16.21
C TYR B 101 19.88 -7.26 15.34
N VAL B 102 19.57 -7.76 14.15
CA VAL B 102 20.64 -8.10 13.20
C VAL B 102 21.34 -6.82 12.71
N LEU B 103 20.57 -5.79 12.38
CA LEU B 103 21.12 -4.49 11.93
C LEU B 103 22.07 -3.85 12.98
N THR B 104 21.57 -3.68 14.21
CA THR B 104 22.33 -3.02 15.29
C THR B 104 23.53 -3.87 15.75
N SER B 105 23.32 -5.18 15.89
CA SER B 105 24.41 -6.03 16.36
C SER B 105 25.53 -6.14 15.31
N ARG B 106 25.13 -6.23 14.04
CA ARG B 106 26.09 -6.34 12.91
C ARG B 106 26.90 -5.09 12.65
N SER B 107 26.20 -3.97 12.65
CA SER B 107 26.81 -2.68 12.35
C SER B 107 27.85 -2.27 13.37
N TYR B 108 27.61 -2.64 14.62
CA TYR B 108 28.49 -2.30 15.71
C TYR B 108 29.93 -2.87 15.52
N LEU B 109 30.08 -3.90 14.70
CA LEU B 109 31.42 -4.43 14.37
C LEU B 109 32.24 -3.55 13.41
N ILE B 110 31.64 -2.55 12.76
CA ILE B 110 32.33 -1.68 11.79
C ILE B 110 32.65 -0.34 12.45
N ASP B 111 33.85 0.21 12.20
CA ASP B 111 34.23 1.51 12.78
C ASP B 111 33.68 2.56 11.90
N SER B 112 32.78 3.40 12.40
CA SER B 112 32.18 4.46 11.57
C SER B 112 32.01 5.72 12.41
N PRO B 113 32.71 6.84 12.06
CA PRO B 113 33.64 7.09 10.93
C PRO B 113 34.83 6.12 10.81
N PRO B 114 35.45 6.02 9.61
CA PRO B 114 36.46 5.02 9.36
C PRO B 114 37.79 5.35 9.99
N THR B 115 38.67 4.35 10.08
CA THR B 115 39.93 4.47 10.82
C THR B 115 41.20 4.30 9.97
N TYR B 116 41.56 3.08 9.61
CA TYR B 116 42.82 2.84 8.88
C TYR B 116 42.76 2.62 7.36
N ASN B 117 43.93 2.75 6.71
CA ASN B 117 44.10 2.35 5.30
C ASN B 117 45.46 1.64 5.10
N VAL B 118 45.88 1.41 3.84
CA VAL B 118 47.16 0.73 3.58
C VAL B 118 48.34 1.38 4.25
N HIS B 119 48.34 2.70 4.27
CA HIS B 119 49.49 3.48 4.68
C HIS B 119 49.41 3.97 6.11
N TYR B 120 48.26 3.83 6.75
CA TYR B 120 48.12 4.31 8.11
C TYR B 120 47.64 3.27 9.08
N GLY B 121 48.58 2.84 9.92
CA GLY B 121 48.29 1.93 11.05
C GLY B 121 47.92 2.61 12.36
N TYR B 122 47.78 3.92 12.27
CA TYR B 122 47.37 4.78 13.34
C TYR B 122 46.33 5.75 12.83
N LYS B 123 45.41 6.15 13.68
CA LYS B 123 44.37 7.07 13.28
C LYS B 123 45.05 8.30 12.75
N SER B 124 44.58 8.81 11.63
CA SER B 124 45.20 9.98 11.07
C SER B 124 44.19 10.73 10.21
N TRP B 125 44.34 12.05 10.11
CA TRP B 125 43.42 12.85 9.31
C TRP B 125 43.50 12.52 7.86
N GLU B 126 44.70 12.17 7.40
CA GLU B 126 44.89 11.78 6.04
C GLU B 126 44.08 10.49 5.81
N ALA B 127 44.14 9.58 6.77
CA ALA B 127 43.40 8.34 6.70
C ALA B 127 41.92 8.61 6.62
N PHE B 128 41.45 9.54 7.44
CA PHE B 128 40.04 9.84 7.45
C PHE B 128 39.56 10.62 6.22
N SER B 129 40.30 11.62 5.77
CA SER B 129 39.73 12.55 4.79
C SER B 129 39.89 12.06 3.36
N ASN B 130 40.89 11.21 3.10
CA ASN B 130 41.23 10.84 1.72
C ASN B 130 40.35 9.68 1.19
N LEU B 131 39.39 10.03 0.35
CA LEU B 131 38.40 9.10 -0.13
C LEU B 131 38.91 8.14 -1.18
N SER B 132 40.11 8.36 -1.72
CA SER B 132 40.70 7.44 -2.71
C SER B 132 41.16 6.09 -2.17
N TYR B 133 41.36 5.98 -0.85
CA TYR B 133 41.78 4.71 -0.21
C TYR B 133 40.58 3.86 0.13
N TYR B 134 40.69 2.55 -0.04
CA TYR B 134 39.76 1.67 0.67
C TYR B 134 40.13 1.81 2.14
N THR B 135 39.14 1.73 3.01
CA THR B 135 39.42 1.71 4.45
C THR B 135 39.80 0.30 4.84
N ARG B 136 39.95 0.08 6.14
CA ARG B 136 40.62 -1.11 6.59
C ARG B 136 40.18 -1.56 8.01
N ALA B 137 39.54 -2.72 8.11
CA ALA B 137 39.02 -3.22 9.42
C ALA B 137 40.13 -3.47 10.46
N LEU B 138 41.29 -3.91 10.00
CA LEU B 138 42.45 -4.02 10.85
C LEU B 138 43.64 -3.30 10.21
N PRO B 139 44.39 -2.56 11.02
CA PRO B 139 45.57 -1.89 10.60
C PRO B 139 46.50 -2.81 9.80
N PRO B 140 47.30 -2.23 8.90
CA PRO B 140 48.36 -3.04 8.31
C PRO B 140 49.45 -3.38 9.34
N VAL B 141 50.13 -4.49 9.09
CA VAL B 141 51.37 -4.87 9.78
C VAL B 141 52.47 -3.91 9.34
N ALA B 142 53.16 -3.32 10.31
CA ALA B 142 54.19 -2.29 10.03
C ALA B 142 55.31 -2.87 9.19
N ASP B 143 55.98 -1.98 8.45
CA ASP B 143 57.01 -2.38 7.48
C ASP B 143 58.22 -2.93 8.17
N ASP B 144 58.53 -2.43 9.37
CA ASP B 144 59.67 -2.96 10.13
C ASP B 144 59.17 -3.96 11.16
N CYS B 145 58.50 -4.99 10.68
CA CYS B 145 58.19 -6.12 11.51
C CYS B 145 59.03 -7.27 10.95
N PRO B 146 59.58 -8.11 11.81
CA PRO B 146 60.49 -9.14 11.30
C PRO B 146 59.85 -10.15 10.34
N THR B 147 58.53 -10.34 10.40
CA THR B 147 57.82 -11.29 9.54
C THR B 147 56.60 -10.64 8.89
N PRO B 148 56.09 -11.25 7.82
CA PRO B 148 55.00 -10.61 7.09
C PRO B 148 53.71 -10.48 7.90
N MET B 149 53.39 -11.51 8.69
CA MET B 149 52.30 -11.43 9.70
C MET B 149 52.71 -10.89 11.06
N GLY B 150 53.55 -9.91 11.18
CA GLY B 150 54.04 -9.46 12.48
C GLY B 150 55.30 -10.13 13.00
N VAL B 151 55.14 -11.09 13.92
CA VAL B 151 56.30 -11.69 14.60
C VAL B 151 56.38 -13.22 14.39
N LYS B 152 55.25 -13.86 14.03
CA LYS B 152 55.17 -15.31 13.77
C LYS B 152 55.50 -15.66 12.33
N GLY B 153 55.83 -16.93 12.13
CA GLY B 153 56.16 -17.47 10.82
C GLY B 153 57.58 -17.20 10.31
N ASN B 154 57.86 -17.66 9.10
CA ASN B 154 59.17 -17.50 8.49
C ASN B 154 59.21 -16.16 7.78
N LYS B 155 60.40 -15.75 7.36
CA LYS B 155 60.61 -14.42 6.77
C LYS B 155 59.76 -14.18 5.54
N GLU B 156 59.49 -15.24 4.77
CA GLU B 156 58.55 -15.17 3.65
C GLU B 156 57.33 -16.07 3.86
N LEU B 157 56.17 -15.61 3.42
CA LEU B 157 55.00 -16.49 3.32
C LEU B 157 55.22 -17.55 2.21
N PRO B 158 54.48 -18.68 2.29
CA PRO B 158 54.64 -19.72 1.28
C PRO B 158 54.32 -19.24 -0.12
N ASP B 159 55.07 -19.75 -1.10
CA ASP B 159 54.92 -19.35 -2.48
C ASP B 159 53.45 -19.30 -2.88
N SER B 160 53.01 -18.17 -3.37
CA SER B 160 51.59 -18.01 -3.72
C SER B 160 51.14 -19.03 -4.80
N LYS B 161 51.95 -19.22 -5.85
CA LYS B 161 51.69 -20.22 -6.91
C LYS B 161 51.33 -21.62 -6.37
N GLU B 162 51.97 -21.98 -5.26
CA GLU B 162 51.81 -23.31 -4.68
C GLU B 162 50.58 -23.42 -3.77
N VAL B 163 50.20 -22.36 -3.07
CA VAL B 163 48.96 -22.34 -2.29
C VAL B 163 47.81 -22.52 -3.27
N LEU B 164 47.87 -21.73 -4.35
CA LEU B 164 46.92 -21.74 -5.48
C LEU B 164 46.70 -23.19 -5.95
N GLU B 165 47.79 -23.79 -6.41
CA GLU B 165 47.70 -25.05 -7.15
C GLU B 165 47.27 -26.15 -6.22
N LYS B 166 47.83 -26.16 -5.02
CA LYS B 166 47.57 -27.25 -4.08
C LYS B 166 46.16 -27.27 -3.46
N VAL B 167 45.59 -26.11 -3.13
CA VAL B 167 44.30 -26.06 -2.40
C VAL B 167 43.25 -25.16 -3.02
N LEU B 168 43.55 -24.44 -4.09
CA LEU B 168 42.55 -23.52 -4.63
C LEU B 168 41.99 -23.87 -6.01
N LEU B 169 42.79 -24.47 -6.86
CA LEU B 169 42.35 -24.74 -8.22
C LEU B 169 41.38 -25.92 -8.32
N ARG B 170 40.45 -25.81 -9.25
CA ARG B 170 39.40 -26.77 -9.46
C ARG B 170 39.92 -27.96 -10.24
N ARG B 171 39.63 -29.16 -9.77
CA ARG B 171 39.92 -30.40 -10.50
C ARG B 171 38.62 -30.78 -11.21
N GLU B 172 37.60 -31.07 -10.41
CA GLU B 172 36.23 -31.29 -10.88
C GLU B 172 35.30 -30.27 -10.29
N PHE B 173 34.39 -29.79 -11.11
CA PHE B 173 33.43 -28.77 -10.67
C PHE B 173 32.75 -29.24 -9.39
N ILE B 174 32.65 -28.34 -8.41
CA ILE B 174 31.82 -28.60 -7.21
C ILE B 174 30.62 -27.67 -7.18
N PRO B 175 29.42 -28.22 -7.40
CA PRO B 175 28.26 -27.37 -7.45
C PRO B 175 27.99 -26.86 -6.06
N ASP B 176 27.35 -25.69 -6.01
CA ASP B 176 26.85 -25.14 -4.77
C ASP B 176 25.67 -25.98 -4.27
N PRO B 177 25.81 -26.58 -3.08
CA PRO B 177 24.74 -27.34 -2.43
C PRO B 177 23.55 -26.50 -2.05
N GLN B 178 23.76 -25.20 -1.90
CA GLN B 178 22.68 -24.28 -1.60
C GLN B 178 21.86 -23.90 -2.86
N GLY B 179 22.23 -24.40 -4.03
CA GLY B 179 21.44 -24.14 -5.25
C GLY B 179 21.63 -22.82 -6.00
N SER B 180 22.67 -22.06 -5.66
CA SER B 180 22.91 -20.75 -6.25
C SER B 180 23.13 -20.90 -7.73
N ASN B 181 22.55 -19.99 -8.52
CA ASN B 181 22.59 -20.09 -9.99
C ASN B 181 23.27 -18.85 -10.57
N MET B 182 23.33 -18.75 -11.90
CA MET B 182 24.09 -17.68 -12.54
C MET B 182 23.40 -16.33 -12.45
N MET B 183 22.09 -16.31 -12.22
CA MET B 183 21.43 -15.03 -11.93
C MET B 183 21.97 -14.54 -10.59
N PHE B 184 22.15 -15.45 -9.64
CA PHE B 184 22.80 -15.06 -8.40
C PHE B 184 24.24 -14.67 -8.63
N ALA B 185 24.98 -15.51 -9.36
CA ALA B 185 26.41 -15.22 -9.57
C ALA B 185 26.63 -13.88 -10.29
N PHE B 186 25.94 -13.59 -11.40
CA PHE B 186 26.20 -12.33 -12.10
C PHE B 186 25.61 -11.12 -11.37
N PHE B 187 24.65 -11.36 -10.50
CA PHE B 187 24.07 -10.25 -9.77
C PHE B 187 25.12 -9.74 -8.77
N ALA B 188 25.71 -10.65 -7.98
CA ALA B 188 26.85 -10.31 -7.16
C ALA B 188 27.90 -9.49 -7.95
N GLN B 189 28.34 -10.03 -9.07
CA GLN B 189 29.31 -9.34 -9.90
C GLN B 189 28.86 -7.94 -10.31
N HIS B 190 27.62 -7.84 -10.76
CA HIS B 190 27.10 -6.57 -11.17
C HIS B 190 27.09 -5.62 -10.01
N PHE B 191 26.38 -5.96 -8.96
CA PHE B 191 26.13 -5.06 -7.88
C PHE B 191 27.39 -4.65 -7.13
N THR B 192 28.28 -5.57 -6.89
CA THR B 192 29.51 -5.31 -6.16
C THR B 192 30.47 -4.48 -6.95
N HIS B 193 30.38 -4.52 -8.28
CA HIS B 193 31.29 -3.77 -9.14
C HIS B 193 30.98 -2.30 -9.23
N GLN B 194 30.10 -1.81 -8.36
CA GLN B 194 29.86 -0.37 -8.22
C GLN B 194 30.63 0.19 -7.03
N PHE B 195 30.87 -0.64 -6.03
CA PHE B 195 31.72 -0.19 -4.92
C PHE B 195 33.12 -0.84 -4.85
N PHE B 196 33.36 -1.97 -5.53
CA PHE B 196 34.72 -2.47 -5.80
C PHE B 196 35.16 -2.04 -7.20
N LYS B 197 36.00 -1.02 -7.24
CA LYS B 197 36.62 -0.49 -8.45
C LYS B 197 38.08 -0.08 -8.13
N THR B 198 38.98 -1.04 -8.03
CA THR B 198 40.33 -0.74 -7.62
C THR B 198 40.99 0.18 -8.67
N ASP B 199 41.73 1.17 -8.18
CA ASP B 199 42.47 2.13 -8.99
C ASP B 199 43.88 1.59 -9.16
N HIS B 200 44.08 0.83 -10.23
CA HIS B 200 45.31 0.06 -10.43
C HIS B 200 46.51 0.92 -10.71
N LYS B 201 46.27 2.11 -11.25
CA LYS B 201 47.32 3.11 -11.36
C LYS B 201 47.88 3.50 -9.99
N ARG B 202 47.00 3.71 -8.99
CA ARG B 202 47.42 4.04 -7.63
C ARG B 202 48.01 2.84 -6.92
N GLY B 203 47.48 1.66 -7.21
CA GLY B 203 47.78 0.47 -6.44
C GLY B 203 46.55 -0.16 -5.83
N PRO B 204 46.66 -1.41 -5.38
CA PRO B 204 45.54 -2.03 -4.68
C PRO B 204 45.37 -1.33 -3.35
N GLY B 205 44.17 -1.28 -2.83
CA GLY B 205 43.98 -0.49 -1.61
C GLY B 205 43.65 0.96 -1.88
N PHE B 206 43.60 1.34 -3.17
CA PHE B 206 42.96 2.59 -3.66
C PHE B 206 41.74 2.29 -4.55
N THR B 207 40.70 3.09 -4.44
CA THR B 207 39.40 2.81 -5.05
C THR B 207 39.06 3.93 -6.03
N ARG B 208 38.32 3.61 -7.07
CA ARG B 208 37.86 4.65 -7.99
C ARG B 208 36.40 5.04 -7.70
N GLY B 209 35.72 4.25 -6.85
CA GLY B 209 34.34 4.52 -6.45
C GLY B 209 34.25 5.38 -5.22
N LEU B 210 34.29 6.68 -5.42
CA LEU B 210 34.36 7.62 -4.29
C LEU B 210 33.04 7.74 -3.55
N GLY B 211 31.98 7.10 -4.08
CA GLY B 211 30.72 6.98 -3.35
C GLY B 211 30.77 6.05 -2.13
N HIS B 212 31.73 5.14 -2.10
CA HIS B 212 31.84 4.24 -0.98
C HIS B 212 30.52 3.65 -0.57
N GLY B 213 29.81 3.11 -1.55
CA GLY B 213 28.52 2.48 -1.31
C GLY B 213 27.66 2.38 -2.56
N VAL B 214 26.38 2.13 -2.32
CA VAL B 214 25.45 1.88 -3.40
C VAL B 214 24.91 3.15 -4.00
N ASP B 215 25.55 3.65 -5.04
CA ASP B 215 25.09 4.86 -5.72
C ASP B 215 24.69 4.65 -7.19
N LEU B 216 24.72 3.40 -7.61
CA LEU B 216 24.46 3.05 -9.00
C LEU B 216 25.28 3.84 -10.01
N ASN B 217 26.50 4.16 -9.67
CA ASN B 217 27.43 4.70 -10.67
C ASN B 217 27.72 3.69 -11.80
N HIS B 218 27.48 2.40 -11.53
CA HIS B 218 27.69 1.39 -12.56
C HIS B 218 26.59 1.42 -13.60
N ILE B 219 25.47 2.07 -13.26
CA ILE B 219 24.44 2.33 -14.24
C ILE B 219 24.61 3.74 -14.80
N TYR B 220 24.91 4.71 -13.95
CA TYR B 220 24.82 6.13 -14.30
C TYR B 220 26.15 6.89 -14.45
N GLY B 221 27.25 6.24 -14.14
CA GLY B 221 28.54 6.87 -14.21
C GLY B 221 28.95 7.57 -12.93
N GLU B 222 30.26 7.48 -12.65
CA GLU B 222 30.90 8.04 -11.47
C GLU B 222 31.02 9.55 -11.54
N THR B 223 31.26 10.09 -12.74
CA THR B 223 31.41 11.54 -12.95
C THR B 223 30.20 12.10 -13.71
N LEU B 224 29.92 13.39 -13.49
CA LEU B 224 28.77 14.12 -14.09
C LEU B 224 28.93 14.17 -15.58
N ASP B 225 30.17 14.36 -16.02
CA ASP B 225 30.51 14.45 -17.45
C ASP B 225 30.10 13.17 -18.20
N ARG B 226 30.42 12.02 -17.60
CA ARG B 226 30.01 10.75 -18.13
C ARG B 226 28.49 10.58 -18.06
N GLN B 227 27.89 10.91 -16.92
CA GLN B 227 26.44 10.78 -16.75
C GLN B 227 25.69 11.51 -17.88
N HIS B 228 26.10 12.75 -18.15
CA HIS B 228 25.49 13.56 -19.21
C HIS B 228 25.57 12.92 -20.62
N LYS B 229 26.66 12.22 -20.90
CA LYS B 229 26.82 11.53 -22.18
C LYS B 229 25.85 10.37 -22.29
N LEU B 230 25.50 9.77 -21.14
CA LEU B 230 24.63 8.58 -21.07
C LEU B 230 23.16 8.96 -21.09
N ARG B 231 22.88 10.23 -20.83
CA ARG B 231 21.51 10.72 -20.70
C ARG B 231 20.90 11.28 -21.98
N LEU B 232 19.60 11.04 -22.14
CA LEU B 232 18.86 11.48 -23.32
C LEU B 232 18.43 12.95 -23.22
N PHE B 233 18.19 13.41 -22.00
CA PHE B 233 17.66 14.76 -21.69
C PHE B 233 16.21 14.99 -22.11
N LYS B 234 15.47 13.91 -22.30
CA LYS B 234 14.04 13.97 -22.51
C LYS B 234 13.36 13.03 -21.49
N ASP B 235 12.46 13.57 -20.67
CA ASP B 235 11.67 12.76 -19.75
C ASP B 235 12.50 12.01 -18.69
N GLY B 236 13.70 12.52 -18.38
CA GLY B 236 14.57 11.97 -17.34
C GLY B 236 15.31 10.72 -17.77
N LYS B 237 15.13 10.35 -19.04
CA LYS B 237 15.58 9.06 -19.57
C LYS B 237 17.09 8.97 -19.88
N LEU B 238 17.50 7.72 -20.09
CA LEU B 238 18.89 7.32 -20.35
C LEU B 238 18.91 6.85 -21.81
N LYS B 239 19.84 7.37 -22.62
CA LYS B 239 19.95 6.96 -24.03
C LYS B 239 19.88 5.44 -24.20
N TYR B 240 19.32 4.99 -25.31
CA TYR B 240 19.30 3.59 -25.61
C TYR B 240 19.18 3.42 -27.11
N GLN B 241 19.32 2.17 -27.56
CA GLN B 241 19.09 1.83 -28.96
C GLN B 241 18.17 0.64 -29.03
N VAL B 242 17.43 0.53 -30.14
CA VAL B 242 16.54 -0.59 -30.37
C VAL B 242 17.19 -1.45 -31.47
N ILE B 243 17.45 -2.72 -31.13
CA ILE B 243 18.04 -3.72 -32.01
C ILE B 243 17.14 -4.93 -31.94
N GLY B 244 16.74 -5.43 -33.11
CA GLY B 244 15.64 -6.38 -33.17
C GLY B 244 14.47 -5.57 -32.69
N GLY B 245 13.57 -6.21 -31.96
CA GLY B 245 12.52 -5.45 -31.29
C GLY B 245 12.95 -4.88 -29.95
N GLU B 246 14.14 -5.28 -29.46
CA GLU B 246 14.51 -5.14 -28.05
C GLU B 246 15.37 -3.92 -27.76
N VAL B 247 15.22 -3.39 -26.54
CA VAL B 247 16.00 -2.23 -26.04
C VAL B 247 17.35 -2.65 -25.44
N TYR B 248 18.43 -2.07 -25.96
CA TYR B 248 19.81 -2.26 -25.45
C TYR B 248 20.49 -0.91 -25.22
N PRO B 249 21.64 -0.92 -24.53
CA PRO B 249 22.34 0.33 -24.26
C PRO B 249 22.98 0.89 -25.52
N PRO B 250 23.31 2.17 -25.51
CA PRO B 250 23.79 2.78 -26.71
C PRO B 250 25.21 2.44 -26.95
N THR B 251 25.70 2.90 -28.09
CA THR B 251 27.03 2.58 -28.53
C THR B 251 28.03 3.58 -27.97
N VAL B 252 29.28 3.16 -27.87
CA VAL B 252 30.35 4.12 -27.65
C VAL B 252 30.37 5.17 -28.75
N LYS B 253 30.24 4.75 -30.02
CA LYS B 253 30.32 5.70 -31.14
C LYS B 253 29.29 6.79 -30.97
N ASP B 254 28.05 6.41 -30.71
CA ASP B 254 26.96 7.40 -30.56
C ASP B 254 27.16 8.31 -29.34
N THR B 255 27.69 7.80 -28.24
CA THR B 255 27.71 8.54 -26.96
C THR B 255 29.03 9.15 -26.56
N GLN B 256 30.11 8.57 -27.07
CA GLN B 256 31.49 8.92 -26.69
C GLN B 256 31.92 8.51 -25.25
N VAL B 257 31.16 7.68 -24.54
CA VAL B 257 31.59 7.33 -23.19
C VAL B 257 32.70 6.28 -23.36
N GLU B 258 33.76 6.40 -22.56
CA GLU B 258 34.88 5.45 -22.62
C GLU B 258 34.42 4.07 -22.12
N MET B 259 34.78 3.02 -22.85
CA MET B 259 34.54 1.64 -22.44
C MET B 259 35.74 0.77 -22.76
N ILE B 260 35.99 -0.24 -21.95
CA ILE B 260 37.12 -1.13 -22.17
C ILE B 260 36.67 -2.31 -23.01
N TYR B 261 36.99 -2.26 -24.30
CA TYR B 261 36.77 -3.38 -25.22
C TYR B 261 38.05 -3.68 -25.95
N PRO B 262 38.35 -4.96 -26.14
CA PRO B 262 39.48 -5.28 -27.00
C PRO B 262 39.30 -4.72 -28.42
N PRO B 263 40.42 -4.41 -29.07
CA PRO B 263 40.44 -3.69 -30.37
C PRO B 263 39.62 -4.37 -31.48
N HIS B 264 39.43 -5.68 -31.37
CA HIS B 264 38.73 -6.44 -32.42
C HIS B 264 37.22 -6.39 -32.37
N ILE B 265 36.65 -5.57 -31.48
CA ILE B 265 35.21 -5.54 -31.30
C ILE B 265 34.58 -4.48 -32.19
N PRO B 266 33.69 -4.90 -33.11
CA PRO B 266 33.03 -3.94 -34.00
C PRO B 266 32.21 -2.88 -33.26
N GLU B 267 32.19 -1.67 -33.82
CA GLU B 267 31.59 -0.52 -33.14
C GLU B 267 30.07 -0.62 -32.81
N ASN B 268 29.34 -1.48 -33.51
CA ASN B 268 27.92 -1.69 -33.20
C ASN B 268 27.64 -2.54 -31.94
N LEU B 269 28.68 -3.21 -31.44
CA LEU B 269 28.59 -4.05 -30.23
C LEU B 269 29.33 -3.45 -29.03
N GLN B 270 30.00 -2.31 -29.23
CA GLN B 270 30.66 -1.58 -28.15
C GLN B 270 29.62 -0.82 -27.35
N PHE B 271 28.98 -1.51 -26.42
CA PHE B 271 27.89 -0.91 -25.64
C PHE B 271 28.42 0.03 -24.56
N ALA B 272 27.72 1.13 -24.37
CA ALA B 272 28.13 2.12 -23.38
C ALA B 272 27.17 2.06 -22.20
N VAL B 273 27.70 1.63 -21.05
CA VAL B 273 26.97 1.58 -19.79
C VAL B 273 27.78 2.41 -18.80
N GLY B 274 27.43 2.46 -17.55
CA GLY B 274 28.08 3.44 -16.67
C GLY B 274 29.37 2.93 -16.09
N GLN B 275 29.54 1.62 -16.14
CA GLN B 275 30.74 0.99 -15.62
C GLN B 275 31.52 0.51 -16.82
N GLU B 276 32.70 1.10 -16.99
CA GLU B 276 33.49 0.92 -18.18
C GLU B 276 33.97 -0.50 -18.39
N VAL B 277 33.62 -1.40 -17.50
CA VAL B 277 34.15 -2.75 -17.56
C VAL B 277 33.08 -3.76 -17.94
N PHE B 278 31.83 -3.36 -17.90
CA PHE B 278 30.72 -4.31 -18.04
C PHE B 278 30.56 -4.84 -19.46
N GLY B 279 31.36 -4.33 -20.38
CA GLY B 279 31.40 -4.87 -21.72
C GLY B 279 31.98 -6.26 -21.76
N LEU B 280 32.79 -6.60 -20.76
CA LEU B 280 33.66 -7.77 -20.72
C LEU B 280 32.98 -9.09 -20.61
N VAL B 281 31.85 -9.09 -19.96
CA VAL B 281 31.11 -10.34 -19.73
C VAL B 281 29.65 -10.08 -20.02
N PRO B 282 29.06 -10.88 -20.92
CA PRO B 282 27.64 -10.78 -21.25
C PRO B 282 26.71 -10.82 -20.05
N GLY B 283 27.12 -11.52 -19.00
CA GLY B 283 26.38 -11.56 -17.74
C GLY B 283 26.16 -10.18 -17.15
N LEU B 284 27.23 -9.40 -17.12
CA LEU B 284 27.17 -8.01 -16.67
C LEU B 284 26.26 -7.20 -17.54
N MET B 285 26.45 -7.36 -18.85
CA MET B 285 25.75 -6.56 -19.83
C MET B 285 24.24 -6.87 -19.85
N MET B 286 23.88 -8.10 -19.49
CA MET B 286 22.49 -8.47 -19.25
C MET B 286 21.89 -7.57 -18.12
N TYR B 287 22.42 -7.66 -16.91
CA TYR B 287 21.90 -6.85 -15.79
C TYR B 287 21.95 -5.40 -16.17
N ALA B 288 23.07 -5.00 -16.76
CA ALA B 288 23.23 -3.63 -17.24
C ALA B 288 22.04 -3.15 -18.14
N THR B 289 21.57 -4.02 -19.04
CA THR B 289 20.44 -3.72 -19.91
C THR B 289 19.13 -3.67 -19.11
N ILE B 290 18.90 -4.69 -18.29
CA ILE B 290 17.72 -4.73 -17.43
C ILE B 290 17.57 -3.42 -16.62
N TRP B 291 18.63 -2.98 -15.92
CA TRP B 291 18.56 -1.79 -15.10
C TRP B 291 18.34 -0.54 -15.91
N LEU B 292 18.88 -0.49 -17.13
CA LEU B 292 18.63 0.63 -18.06
C LEU B 292 17.14 0.72 -18.43
N ARG B 293 16.55 -0.43 -18.74
CA ARG B 293 15.12 -0.49 -19.02
C ARG B 293 14.31 -0.06 -17.80
N GLU B 294 14.72 -0.50 -16.61
CA GLU B 294 14.02 -0.15 -15.38
C GLU B 294 14.10 1.34 -15.09
N HIS B 295 15.24 1.96 -15.31
CA HIS B 295 15.33 3.40 -15.08
C HIS B 295 14.36 4.12 -15.99
N ASN B 296 14.35 3.76 -17.28
CA ASN B 296 13.40 4.36 -18.26
C ASN B 296 11.93 3.99 -17.99
N ARG B 297 11.71 2.77 -17.50
CA ARG B 297 10.38 2.39 -17.02
C ARG B 297 9.86 3.39 -15.94
N VAL B 298 10.67 3.61 -14.91
CA VAL B 298 10.31 4.43 -13.74
C VAL B 298 10.09 5.88 -14.19
N CYS B 299 10.90 6.34 -15.13
CA CYS B 299 10.66 7.61 -15.82
C CYS B 299 9.26 7.75 -16.42
N ASP B 300 8.78 6.71 -17.09
CA ASP B 300 7.43 6.81 -17.62
C ASP B 300 6.38 6.90 -16.51
N ILE B 301 6.61 6.15 -15.44
CA ILE B 301 5.71 6.15 -14.29
C ILE B 301 5.68 7.55 -13.66
N LEU B 302 6.87 8.10 -13.40
CA LEU B 302 7.01 9.42 -12.76
C LEU B 302 6.49 10.58 -13.60
N LYS B 303 6.71 10.55 -14.92
CA LYS B 303 6.13 11.53 -15.84
C LYS B 303 4.59 11.53 -15.77
N GLN B 304 3.99 10.34 -15.66
CA GLN B 304 2.53 10.22 -15.61
C GLN B 304 1.98 10.80 -14.33
N GLU B 305 2.69 10.58 -13.23
CA GLU B 305 2.34 11.18 -11.96
C GLU B 305 2.63 12.68 -11.92
N HIS B 306 3.54 13.15 -12.78
CA HIS B 306 4.03 14.52 -12.71
C HIS B 306 4.24 15.13 -14.08
N PRO B 307 3.16 15.36 -14.83
CA PRO B 307 3.36 16.03 -16.12
C PRO B 307 4.13 17.34 -15.98
N GLU B 308 4.05 18.01 -14.80
CA GLU B 308 4.80 19.29 -14.52
C GLU B 308 6.32 19.18 -14.33
N TRP B 309 6.84 17.97 -14.29
CA TRP B 309 8.24 17.80 -13.98
C TRP B 309 9.08 17.88 -15.21
N GLY B 310 10.23 18.50 -15.08
CA GLY B 310 11.20 18.54 -16.19
C GLY B 310 12.09 17.32 -16.20
N ASP B 311 13.08 17.31 -17.09
CA ASP B 311 13.96 16.18 -17.29
C ASP B 311 14.90 15.96 -16.07
N GLU B 312 15.47 17.03 -15.50
CA GLU B 312 16.36 16.82 -14.34
C GLU B 312 15.60 16.02 -13.27
N GLN B 313 14.43 16.51 -12.89
CA GLN B 313 13.77 15.96 -11.72
C GLN B 313 13.34 14.50 -11.96
N LEU B 314 12.81 14.21 -13.14
CA LEU B 314 12.44 12.84 -13.48
C LEU B 314 13.67 11.97 -13.33
N PHE B 315 14.78 12.45 -13.91
CA PHE B 315 16.02 11.70 -13.86
C PHE B 315 16.54 11.45 -12.46
N GLN B 316 16.62 12.49 -11.63
CA GLN B 316 17.20 12.34 -10.30
C GLN B 316 16.27 11.54 -9.40
N THR B 317 14.96 11.80 -9.45
CA THR B 317 14.02 11.01 -8.64
C THR B 317 14.03 9.51 -9.08
N SER B 318 14.19 9.27 -10.38
CA SER B 318 14.22 7.88 -10.85
C SER B 318 15.43 7.20 -10.27
N ARG B 319 16.57 7.88 -10.28
CA ARG B 319 17.80 7.30 -9.75
C ARG B 319 17.62 6.96 -8.29
N LEU B 320 17.01 7.87 -7.53
CA LEU B 320 16.81 7.66 -6.11
C LEU B 320 15.94 6.46 -5.87
N ILE B 321 14.95 6.27 -6.76
CA ILE B 321 14.06 5.11 -6.74
C ILE B 321 14.83 3.80 -6.97
N LEU B 322 15.64 3.76 -8.02
CA LEU B 322 16.47 2.57 -8.26
C LEU B 322 17.48 2.33 -7.14
N ILE B 323 18.04 3.38 -6.54
CA ILE B 323 18.90 3.14 -5.39
C ILE B 323 18.08 2.35 -4.39
N GLY B 324 16.82 2.76 -4.18
CA GLY B 324 15.94 2.06 -3.24
C GLY B 324 15.70 0.61 -3.62
N GLU B 325 15.33 0.39 -4.88
CA GLU B 325 15.00 -0.97 -5.31
C GLU B 325 16.24 -1.86 -5.05
N THR B 326 17.41 -1.38 -5.47
CA THR B 326 18.62 -2.17 -5.34
C THR B 326 18.80 -2.65 -3.86
N ILE B 327 18.72 -1.75 -2.88
CA ILE B 327 18.91 -2.14 -1.47
C ILE B 327 17.83 -3.13 -0.99
N LYS B 328 16.60 -2.94 -1.49
CA LYS B 328 15.48 -3.86 -1.22
C LYS B 328 15.78 -5.28 -1.81
N ILE B 329 16.10 -5.31 -3.10
CA ILE B 329 16.40 -6.56 -3.74
C ILE B 329 17.61 -7.18 -3.10
N VAL B 330 18.60 -6.35 -2.82
CA VAL B 330 19.82 -6.86 -2.24
C VAL B 330 19.56 -7.50 -0.88
N ILE B 331 18.74 -6.91 -0.04
CA ILE B 331 18.48 -7.58 1.27
C ILE B 331 17.46 -8.76 1.24
N GLU B 332 16.27 -8.52 0.72
CA GLU B 332 15.21 -9.53 0.86
C GLU B 332 15.26 -10.74 -0.14
N ASP B 333 16.03 -10.62 -1.23
CA ASP B 333 16.26 -11.72 -2.20
C ASP B 333 17.70 -12.24 -2.21
N TYR B 334 18.66 -11.37 -2.48
CA TYR B 334 20.05 -11.77 -2.60
C TYR B 334 20.63 -12.23 -1.28
N VAL B 335 20.81 -11.35 -0.29
CA VAL B 335 21.36 -11.81 0.99
C VAL B 335 20.48 -12.93 1.50
N GLN B 336 19.16 -12.72 1.52
CA GLN B 336 18.23 -13.78 1.94
C GLN B 336 18.63 -15.16 1.42
N HIS B 337 18.78 -15.30 0.10
CA HIS B 337 19.17 -16.58 -0.48
C HIS B 337 20.49 -17.14 0.04
N LEU B 338 21.56 -16.35 0.00
CA LEU B 338 22.90 -16.87 0.38
C LEU B 338 23.03 -17.13 1.90
N SER B 339 22.15 -16.51 2.70
CA SER B 339 22.18 -16.64 4.15
C SER B 339 21.69 -17.98 4.52
N GLY B 340 20.67 -18.44 3.82
CA GLY B 340 20.10 -19.77 4.08
C GLY B 340 19.06 -19.77 5.19
N TYR B 341 18.69 -18.56 5.64
CA TYR B 341 17.82 -18.40 6.78
C TYR B 341 16.38 -18.63 6.41
N HIS B 342 15.62 -19.21 7.33
CA HIS B 342 14.16 -19.37 7.20
C HIS B 342 13.47 -18.12 7.70
N PHE B 343 14.17 -17.40 8.55
CA PHE B 343 13.73 -16.07 8.94
C PHE B 343 13.82 -15.15 7.73
N LYS B 344 12.76 -14.39 7.47
CA LYS B 344 12.65 -13.55 6.29
C LYS B 344 13.22 -12.17 6.61
N LEU B 345 14.41 -11.89 6.06
CA LEU B 345 15.07 -10.59 6.25
C LEU B 345 14.25 -9.47 5.63
N LYS B 346 14.39 -8.26 6.18
CA LYS B 346 13.53 -7.15 5.85
C LYS B 346 14.36 -5.93 5.57
N PHE B 347 13.96 -5.16 4.57
CA PHE B 347 14.56 -3.85 4.33
C PHE B 347 13.57 -2.85 4.88
N ASP B 348 13.93 -2.23 6.01
CA ASP B 348 13.04 -1.25 6.63
C ASP B 348 13.85 -0.21 7.35
N PRO B 349 14.06 0.95 6.72
CA PRO B 349 14.85 1.94 7.41
C PRO B 349 14.33 2.26 8.80
N GLU B 350 13.01 2.22 8.99
CA GLU B 350 12.45 2.67 10.27
C GLU B 350 13.05 1.92 11.44
N LEU B 351 13.46 0.67 11.23
CA LEU B 351 14.02 -0.12 12.31
C LEU B 351 15.15 0.59 13.11
N LEU B 352 15.90 1.47 12.44
CA LEU B 352 17.06 2.14 13.04
C LEU B 352 16.78 3.62 13.44
N PHE B 353 15.54 4.10 13.30
CA PHE B 353 15.23 5.48 13.66
C PHE B 353 15.25 5.76 15.16
N ASN B 354 15.02 4.77 16.02
CA ASN B 354 15.26 4.97 17.46
C ASN B 354 16.50 4.21 17.92
N GLN B 355 17.48 4.06 17.01
CA GLN B 355 18.74 3.37 17.33
C GLN B 355 19.95 4.26 17.05
N GLN B 356 21.07 3.95 17.71
CA GLN B 356 22.30 4.65 17.40
C GLN B 356 22.92 4.06 16.15
N PHE B 357 23.10 4.87 15.12
CA PHE B 357 23.58 4.34 13.84
C PHE B 357 24.15 5.45 12.96
N GLN B 358 25.25 5.19 12.27
CA GLN B 358 25.83 6.24 11.42
C GLN B 358 25.45 6.07 9.95
N TYR B 359 24.71 7.05 9.42
CA TYR B 359 24.33 7.01 8.00
C TYR B 359 25.51 7.50 7.11
N GLN B 360 26.56 6.68 7.10
CA GLN B 360 27.75 6.92 6.33
C GLN B 360 28.46 5.55 6.17
N ASN B 361 29.26 5.44 5.10
CA ASN B 361 30.00 4.21 4.81
C ASN B 361 31.30 4.48 4.05
N ARG B 362 32.22 3.51 4.12
CA ARG B 362 33.47 3.50 3.41
C ARG B 362 33.83 2.05 3.08
N ILE B 363 34.08 1.72 1.82
CA ILE B 363 34.23 0.31 1.56
C ILE B 363 35.67 -0.10 1.91
N ALA B 364 35.74 -1.29 2.50
CA ALA B 364 36.91 -1.82 3.19
C ALA B 364 37.64 -2.80 2.28
N SER B 365 38.97 -2.74 2.32
CA SER B 365 39.79 -3.62 1.53
C SER B 365 39.39 -5.08 1.74
N GLU B 366 39.33 -5.50 3.01
CA GLU B 366 38.97 -6.90 3.37
C GLU B 366 37.62 -7.33 2.79
N PHE B 367 36.68 -6.40 2.68
CA PHE B 367 35.37 -6.68 2.07
C PHE B 367 35.53 -6.98 0.58
N ASN B 368 36.25 -6.14 -0.12
CA ASN B 368 36.61 -6.41 -1.50
C ASN B 368 37.31 -7.75 -1.54
N THR B 369 38.31 -7.93 -0.71
CA THR B 369 39.08 -9.18 -0.71
C THR B 369 38.21 -10.40 -0.51
N LEU B 370 37.34 -10.36 0.48
CA LEU B 370 36.47 -11.49 0.77
C LEU B 370 35.39 -11.76 -0.32
N TYR B 371 35.10 -10.75 -1.13
CA TYR B 371 34.01 -10.86 -2.12
C TYR B 371 34.52 -11.38 -3.47
N HIS B 372 35.76 -11.81 -3.53
CA HIS B 372 36.24 -12.48 -4.72
C HIS B 372 35.73 -13.88 -4.87
N TRP B 373 34.48 -13.97 -5.32
CA TRP B 373 33.76 -15.23 -5.36
C TRP B 373 33.82 -15.93 -6.69
N HIS B 374 35.01 -16.14 -7.22
CA HIS B 374 35.13 -16.76 -8.53
C HIS B 374 34.76 -18.22 -8.62
N PRO B 375 34.89 -18.98 -7.53
CA PRO B 375 34.47 -20.38 -7.66
C PRO B 375 33.02 -20.53 -8.06
N LEU B 376 32.26 -19.46 -7.95
CA LEU B 376 30.89 -19.48 -8.41
C LEU B 376 30.87 -19.87 -9.92
N LEU B 377 31.86 -19.41 -10.67
CA LEU B 377 31.80 -19.54 -12.11
C LEU B 377 31.94 -20.98 -12.49
N PRO B 378 31.22 -21.39 -13.53
CA PRO B 378 31.31 -22.78 -14.05
C PRO B 378 32.47 -23.01 -15.01
N ASP B 379 32.55 -24.19 -15.58
CA ASP B 379 33.53 -24.49 -16.63
C ASP B 379 33.08 -23.85 -17.99
N THR B 380 31.78 -23.94 -18.26
CA THR B 380 31.16 -23.44 -19.48
C THR B 380 29.91 -22.64 -19.16
N PHE B 381 29.57 -21.70 -20.04
CA PHE B 381 28.37 -20.93 -19.84
C PHE B 381 27.30 -21.45 -20.74
N ASN B 382 26.31 -22.09 -20.14
CA ASN B 382 25.27 -22.78 -20.89
C ASN B 382 24.03 -21.91 -21.12
N ILE B 383 23.97 -21.30 -22.30
CA ILE B 383 22.84 -20.46 -22.74
C ILE B 383 22.09 -21.27 -23.80
N GLU B 384 20.79 -21.40 -23.67
CA GLU B 384 19.97 -22.19 -24.60
C GLU B 384 20.54 -23.60 -24.87
N ASP B 385 20.85 -23.89 -26.14
CA ASP B 385 21.36 -25.20 -26.57
C ASP B 385 22.89 -25.22 -26.61
N GLN B 386 23.52 -24.13 -26.14
CA GLN B 386 24.96 -23.94 -26.28
C GLN B 386 25.70 -24.09 -24.99
N GLU B 387 27.00 -24.33 -25.15
CA GLU B 387 27.94 -24.40 -24.03
C GLU B 387 29.17 -23.57 -24.46
N TYR B 388 29.28 -22.35 -23.94
CA TYR B 388 30.35 -21.47 -24.33
C TYR B 388 31.52 -21.57 -23.36
N SER B 389 32.73 -21.72 -23.89
CA SER B 389 33.94 -21.67 -23.09
C SER B 389 34.16 -20.26 -22.61
N PHE B 390 35.04 -20.09 -21.64
CA PHE B 390 35.40 -18.78 -21.22
C PHE B 390 35.89 -17.99 -22.40
N LYS B 391 36.72 -18.59 -23.25
CA LYS B 391 37.29 -17.83 -24.37
C LYS B 391 36.16 -17.30 -25.26
N GLN B 392 35.18 -18.15 -25.53
CA GLN B 392 34.08 -17.77 -26.39
C GLN B 392 33.18 -16.70 -25.75
N PHE B 393 33.09 -16.70 -24.42
CA PHE B 393 32.12 -15.87 -23.69
C PHE B 393 32.58 -14.44 -23.42
N LEU B 394 33.85 -14.25 -23.12
CA LEU B 394 34.35 -12.93 -22.74
C LEU B 394 34.39 -11.92 -23.90
N TYR B 395 34.04 -10.71 -23.57
CA TYR B 395 34.02 -9.68 -24.54
C TYR B 395 33.21 -10.03 -25.74
N ASN B 396 32.19 -10.83 -25.58
CA ASN B 396 31.40 -11.28 -26.71
C ASN B 396 29.93 -10.98 -26.55
N ASN B 397 29.53 -9.74 -26.82
CA ASN B 397 28.13 -9.33 -26.66
C ASN B 397 27.17 -9.87 -27.71
N SER B 398 27.70 -10.36 -28.84
CA SER B 398 26.83 -10.90 -29.89
C SER B 398 26.03 -12.10 -29.37
N ILE B 399 26.63 -12.85 -28.45
CA ILE B 399 25.92 -13.89 -27.71
C ILE B 399 24.64 -13.35 -27.04
N LEU B 400 24.79 -12.23 -26.35
CA LEU B 400 23.62 -11.59 -25.74
C LEU B 400 22.59 -11.22 -26.80
N LEU B 401 23.05 -10.71 -27.94
CA LEU B 401 22.15 -10.35 -29.03
C LEU B 401 21.56 -11.58 -29.67
N GLU B 402 22.38 -12.58 -29.96
CA GLU B 402 21.86 -13.75 -30.65
C GLU B 402 20.69 -14.39 -29.89
N HIS B 403 20.84 -14.60 -28.59
CA HIS B 403 19.84 -15.31 -27.79
C HIS B 403 18.80 -14.39 -27.19
N GLY B 404 19.21 -13.21 -26.72
CA GLY B 404 18.27 -12.29 -26.10
C GLY B 404 18.13 -12.45 -24.60
N LEU B 405 17.62 -11.40 -23.98
CA LEU B 405 17.50 -11.32 -22.53
C LEU B 405 16.67 -12.45 -21.93
N THR B 406 15.52 -12.71 -22.54
CA THR B 406 14.64 -13.75 -22.04
C THR B 406 15.39 -15.08 -21.91
N GLN B 407 16.03 -15.50 -22.99
CA GLN B 407 16.78 -16.75 -22.95
C GLN B 407 17.94 -16.76 -21.95
N PHE B 408 18.54 -15.61 -21.72
CA PHE B 408 19.58 -15.50 -20.72
C PHE B 408 19.02 -15.79 -19.32
N VAL B 409 17.98 -15.06 -18.97
CA VAL B 409 17.35 -15.21 -17.68
C VAL B 409 16.84 -16.65 -17.51
N GLU B 410 16.34 -17.22 -18.59
CA GLU B 410 15.85 -18.59 -18.49
C GLU B 410 17.02 -19.52 -18.21
N SER B 411 18.06 -19.43 -19.04
CA SER B 411 19.17 -20.33 -18.94
C SER B 411 19.99 -20.14 -17.67
N PHE B 412 20.17 -18.89 -17.25
CA PHE B 412 20.98 -18.58 -16.04
C PHE B 412 20.25 -18.88 -14.73
N THR B 413 18.92 -18.89 -14.75
CA THR B 413 18.10 -19.42 -13.64
C THR B 413 18.31 -20.94 -13.51
N ARG B 414 18.52 -21.60 -14.64
CA ARG B 414 18.61 -23.06 -14.70
C ARG B 414 20.00 -23.56 -14.36
N GLN B 415 21.05 -22.76 -14.64
CA GLN B 415 22.44 -23.23 -14.53
C GLN B 415 22.99 -23.00 -13.13
N ILE B 416 23.38 -24.09 -12.52
CA ILE B 416 23.98 -24.17 -11.22
C ILE B 416 25.39 -23.55 -11.12
N ALA B 417 25.64 -22.79 -10.06
CA ALA B 417 26.93 -22.12 -9.82
C ALA B 417 27.77 -22.97 -8.91
N GLY B 418 29.06 -22.63 -8.83
CA GLY B 418 29.99 -23.36 -8.00
C GLY B 418 30.00 -22.96 -6.53
N ARG B 419 30.31 -23.93 -5.69
CA ARG B 419 30.52 -23.70 -4.24
C ARG B 419 31.79 -22.93 -3.99
N VAL B 420 31.72 -21.91 -3.15
CA VAL B 420 32.86 -21.04 -2.93
C VAL B 420 33.83 -21.59 -1.88
N ALA B 421 33.35 -21.80 -0.65
CA ALA B 421 34.18 -22.50 0.37
C ALA B 421 34.25 -23.99 0.06
N GLY B 422 35.06 -24.70 0.81
CA GLY B 422 35.21 -26.12 0.58
C GLY B 422 36.50 -26.44 -0.14
N GLY B 423 37.10 -25.45 -0.77
CA GLY B 423 38.39 -25.68 -1.39
C GLY B 423 38.32 -26.23 -2.81
N ARG B 424 39.36 -25.94 -3.57
CA ARG B 424 39.58 -26.51 -4.88
C ARG B 424 38.42 -26.31 -5.85
N ASN B 425 37.90 -25.10 -5.93
CA ASN B 425 36.88 -24.81 -6.93
C ASN B 425 37.06 -23.48 -7.68
N VAL B 426 38.27 -22.93 -7.69
CA VAL B 426 38.60 -21.77 -8.52
C VAL B 426 38.90 -22.20 -9.95
N PRO B 427 38.13 -21.69 -10.92
CA PRO B 427 38.35 -22.21 -12.27
C PRO B 427 39.68 -21.76 -12.83
N ILE B 428 40.36 -22.70 -13.52
CA ILE B 428 41.69 -22.47 -14.12
C ILE B 428 41.67 -21.21 -14.98
N ALA B 429 40.59 -20.99 -15.73
CA ALA B 429 40.48 -19.83 -16.62
C ALA B 429 40.85 -18.51 -15.92
N VAL B 430 40.71 -18.46 -14.59
CA VAL B 430 40.96 -17.22 -13.85
C VAL B 430 41.96 -17.45 -12.71
N GLN B 431 42.88 -18.39 -12.92
CA GLN B 431 43.92 -18.64 -11.92
C GLN B 431 44.71 -17.35 -11.67
N ALA B 432 45.06 -16.63 -12.74
CA ALA B 432 45.76 -15.35 -12.62
C ALA B 432 45.10 -14.50 -11.55
N VAL B 433 43.78 -14.48 -11.59
CA VAL B 433 43.01 -13.60 -10.72
C VAL B 433 43.11 -14.05 -9.27
N ALA B 434 43.09 -15.35 -9.05
CA ALA B 434 43.24 -15.90 -7.72
C ALA B 434 44.64 -15.68 -7.11
N LYS B 435 45.65 -15.72 -7.94
CA LYS B 435 47.01 -15.55 -7.45
C LYS B 435 47.25 -14.10 -7.09
N ALA B 436 46.84 -13.21 -7.99
CA ALA B 436 46.82 -11.77 -7.71
C ALA B 436 46.14 -11.48 -6.36
N SER B 437 45.01 -12.13 -6.08
CA SER B 437 44.31 -11.90 -4.79
C SER B 437 45.18 -12.25 -3.59
N ILE B 438 45.88 -13.38 -3.67
CA ILE B 438 46.85 -13.75 -2.64
C ILE B 438 48.00 -12.73 -2.60
N ASP B 439 48.58 -12.41 -3.77
CA ASP B 439 49.75 -11.55 -3.81
C ASP B 439 49.47 -10.15 -3.32
N GLN B 440 48.34 -9.59 -3.70
CA GLN B 440 47.98 -8.23 -3.31
C GLN B 440 47.62 -8.11 -1.85
N SER B 441 47.02 -9.15 -1.26
CA SER B 441 46.78 -9.19 0.19
C SER B 441 48.08 -8.92 0.97
N ARG B 442 49.12 -9.64 0.56
CA ARG B 442 50.47 -9.54 1.11
C ARG B 442 51.11 -8.21 0.77
N GLU B 443 50.86 -7.73 -0.43
CA GLU B 443 51.36 -6.44 -0.80
C GLU B 443 50.77 -5.39 0.17
N MET B 444 49.50 -5.55 0.52
CA MET B 444 48.83 -4.62 1.42
C MET B 444 49.06 -4.94 2.89
N LYS B 445 49.94 -5.88 3.19
CA LYS B 445 50.30 -6.20 4.56
C LYS B 445 49.10 -6.59 5.43
N TYR B 446 48.22 -7.43 4.88
CA TYR B 446 47.11 -7.94 5.67
C TYR B 446 47.62 -8.70 6.89
N GLN B 447 46.93 -8.53 8.01
CA GLN B 447 47.10 -9.45 9.14
C GLN B 447 46.58 -10.88 8.84
N SER B 448 46.85 -11.80 9.76
CA SER B 448 46.58 -13.22 9.56
C SER B 448 45.11 -13.52 9.62
N LEU B 449 44.75 -14.75 9.25
CA LEU B 449 43.35 -15.17 9.33
C LEU B 449 42.84 -15.05 10.78
N ASN B 450 43.63 -15.51 11.74
CA ASN B 450 43.10 -15.55 13.11
C ASN B 450 42.94 -14.19 13.74
N GLU B 451 43.79 -13.23 13.33
CA GLU B 451 43.64 -11.85 13.81
C GLU B 451 42.34 -11.27 13.30
N TYR B 452 41.98 -11.54 12.03
CA TYR B 452 40.65 -11.16 11.51
C TYR B 452 39.51 -11.88 12.20
N ARG B 453 39.65 -13.17 12.49
CA ARG B 453 38.58 -13.90 13.22
C ARG B 453 38.33 -13.25 14.60
N LYS B 454 39.41 -13.03 15.34
CA LYS B 454 39.33 -12.40 16.65
C LYS B 454 38.58 -11.10 16.51
N ARG B 455 38.99 -10.28 15.55
CA ARG B 455 38.39 -8.95 15.33
C ARG B 455 36.85 -9.00 15.15
N PHE B 456 36.32 -10.10 14.59
CA PHE B 456 34.86 -10.23 14.38
C PHE B 456 34.23 -11.26 15.33
N SER B 457 34.85 -11.37 16.51
CA SER B 457 34.35 -12.15 17.65
C SER B 457 34.27 -13.63 17.32
N LEU B 458 35.35 -14.18 16.78
CA LEU B 458 35.35 -15.57 16.40
C LEU B 458 36.53 -16.23 17.05
N LYS B 459 36.32 -17.50 17.43
CA LYS B 459 37.36 -18.36 17.99
C LYS B 459 38.48 -18.57 16.96
N PRO B 460 39.72 -18.21 17.31
CA PRO B 460 40.82 -18.60 16.43
C PRO B 460 40.86 -20.10 16.16
N TYR B 461 41.29 -20.49 14.96
CA TYR B 461 41.44 -21.90 14.61
C TYR B 461 42.75 -22.42 15.20
N THR B 462 42.67 -23.57 15.85
CA THR B 462 43.79 -24.12 16.61
C THR B 462 44.58 -25.09 15.75
N SER B 463 44.03 -25.45 14.60
CA SER B 463 44.72 -26.31 13.65
C SER B 463 44.14 -26.09 12.25
N PHE B 464 44.86 -26.55 11.23
CA PHE B 464 44.39 -26.49 9.82
C PHE B 464 43.22 -27.44 9.52
N GLU B 465 43.20 -28.57 10.21
CA GLU B 465 42.18 -29.58 10.03
C GLU B 465 40.89 -29.06 10.69
N GLU B 466 41.01 -28.21 11.71
CA GLU B 466 39.86 -27.48 12.26
C GLU B 466 39.30 -26.50 11.21
N LEU B 467 40.19 -25.81 10.51
CA LEU B 467 39.81 -24.87 9.44
C LEU B 467 39.09 -25.54 8.30
N THR B 468 39.68 -26.61 7.78
CA THR B 468 39.18 -27.21 6.56
C THR B 468 38.07 -28.23 6.85
N GLY B 469 38.08 -28.83 8.04
CA GLY B 469 37.14 -29.93 8.40
C GLY B 469 37.47 -31.30 7.77
N GLU B 470 38.66 -31.41 7.20
CA GLU B 470 39.08 -32.60 6.46
C GLU B 470 40.59 -32.77 6.64
N LYS B 471 41.16 -33.83 6.06
CA LYS B 471 42.57 -34.16 6.31
C LYS B 471 43.60 -33.75 5.25
N GLU B 472 43.20 -33.76 3.98
CA GLU B 472 44.16 -33.69 2.90
C GLU B 472 44.61 -32.26 2.55
N MET B 473 43.65 -31.37 2.28
CA MET B 473 43.96 -29.96 2.07
C MET B 473 44.68 -29.42 3.29
N ALA B 474 44.18 -29.80 4.47
CA ALA B 474 44.76 -29.39 5.77
C ALA B 474 46.23 -29.77 5.94
N ALA B 475 46.55 -31.02 5.65
CA ALA B 475 47.95 -31.50 5.68
C ALA B 475 48.86 -30.74 4.67
N GLU B 476 48.35 -30.47 3.47
CA GLU B 476 49.05 -29.64 2.46
C GLU B 476 49.37 -28.24 2.99
N LEU B 477 48.36 -27.59 3.58
CA LEU B 477 48.52 -26.24 4.12
C LEU B 477 49.53 -26.21 5.27
N LYS B 478 49.58 -27.30 6.06
CA LYS B 478 50.47 -27.39 7.24
C LYS B 478 51.92 -27.52 6.82
N ALA B 479 52.15 -28.16 5.68
CA ALA B 479 53.49 -28.26 5.12
C ALA B 479 53.98 -26.94 4.53
N LEU B 480 53.07 -26.01 4.27
CA LEU B 480 53.37 -24.74 3.56
C LEU B 480 53.50 -23.54 4.51
N TYR B 481 52.41 -23.20 5.19
CA TYR B 481 52.46 -22.34 6.38
C TYR B 481 52.85 -23.33 7.42
N SER B 482 53.48 -22.95 8.52
CA SER B 482 53.75 -24.00 9.51
C SER B 482 52.77 -23.90 10.65
N ASP B 483 52.53 -22.67 11.05
CA ASP B 483 51.68 -22.35 12.18
C ASP B 483 50.32 -21.88 11.62
N ILE B 484 49.23 -22.31 12.27
CA ILE B 484 47.88 -21.83 11.94
C ILE B 484 47.72 -20.34 12.12
N ASP B 485 48.45 -19.78 13.07
CA ASP B 485 48.38 -18.35 13.34
C ASP B 485 49.05 -17.51 12.25
N VAL B 486 49.68 -18.17 11.28
CA VAL B 486 50.30 -17.52 10.10
C VAL B 486 49.47 -17.72 8.82
N MET B 487 48.39 -18.51 8.88
CA MET B 487 47.48 -18.70 7.75
C MET B 487 46.87 -17.36 7.37
N GLU B 488 46.64 -17.18 6.06
CA GLU B 488 46.14 -15.94 5.49
C GLU B 488 44.65 -15.98 5.28
N LEU B 489 44.03 -14.80 5.33
CA LEU B 489 42.60 -14.67 5.21
C LEU B 489 42.07 -15.24 3.89
N TYR B 490 42.42 -14.63 2.76
CA TYR B 490 41.79 -14.97 1.47
C TYR B 490 41.77 -16.47 1.15
N PRO B 491 42.96 -17.11 1.11
CA PRO B 491 42.97 -18.56 0.90
C PRO B 491 42.14 -19.29 1.95
N ALA B 492 42.17 -18.83 3.19
CA ALA B 492 41.40 -19.46 4.22
C ALA B 492 39.90 -19.46 3.92
N LEU B 493 39.41 -18.37 3.33
CA LEU B 493 37.98 -18.24 3.06
C LEU B 493 37.48 -19.30 2.09
N LEU B 494 38.29 -19.62 1.06
CA LEU B 494 37.88 -20.52 -0.06
C LEU B 494 38.10 -21.99 0.20
N VAL B 495 38.85 -22.24 1.27
CA VAL B 495 39.32 -23.54 1.69
C VAL B 495 38.55 -23.98 2.93
N GLU B 496 37.97 -23.03 3.65
CA GLU B 496 37.28 -23.26 4.93
C GLU B 496 36.18 -24.30 4.84
N LYS B 497 35.91 -24.94 5.97
CA LYS B 497 34.84 -25.92 6.09
C LYS B 497 33.51 -25.24 5.87
N PRO B 498 32.75 -25.65 4.85
CA PRO B 498 31.42 -25.05 4.71
C PRO B 498 30.52 -25.41 5.88
N ARG B 499 29.51 -24.57 6.11
CA ARG B 499 28.37 -24.95 6.93
C ARG B 499 27.64 -26.08 6.20
N PRO B 500 26.90 -26.90 6.96
CA PRO B 500 26.30 -28.07 6.31
C PRO B 500 25.47 -27.70 5.08
N ASP B 501 25.87 -28.21 3.91
CA ASP B 501 25.14 -28.02 2.65
C ASP B 501 25.00 -26.55 2.28
N ALA B 502 26.00 -25.76 2.66
CA ALA B 502 26.02 -24.33 2.41
C ALA B 502 27.18 -23.95 1.47
N ILE B 503 27.09 -22.74 0.93
CA ILE B 503 28.08 -22.22 0.01
C ILE B 503 29.27 -21.57 0.74
N PHE B 504 29.10 -21.20 2.01
CA PHE B 504 30.12 -20.47 2.76
C PHE B 504 30.40 -21.05 4.12
N GLY B 505 31.60 -20.74 4.62
CA GLY B 505 31.97 -21.00 6.00
C GLY B 505 31.72 -19.83 6.91
N GLU B 506 31.94 -20.07 8.21
CA GLU B 506 31.76 -19.09 9.27
C GLU B 506 32.40 -17.75 8.94
N THR B 507 33.70 -17.78 8.62
CA THR B 507 34.47 -16.55 8.47
C THR B 507 33.82 -15.64 7.43
N MET B 508 33.51 -16.19 6.24
CA MET B 508 32.90 -15.44 5.14
C MET B 508 31.60 -14.77 5.54
N VAL B 509 30.70 -15.50 6.18
CA VAL B 509 29.48 -14.89 6.69
C VAL B 509 29.77 -13.82 7.72
N GLU B 510 30.66 -14.08 8.66
CA GLU B 510 30.82 -13.20 9.82
C GLU B 510 31.58 -11.89 9.51
N LEU B 511 32.55 -11.93 8.62
CA LEU B 511 33.20 -10.70 8.16
C LEU B 511 32.27 -9.98 7.16
N GLY B 512 31.64 -10.76 6.30
CA GLY B 512 30.87 -10.18 5.23
C GLY B 512 29.69 -9.37 5.74
N ALA B 513 28.91 -9.98 6.63
CA ALA B 513 27.61 -9.39 7.00
C ALA B 513 27.73 -7.94 7.54
N PRO B 514 28.68 -7.69 8.46
CA PRO B 514 28.83 -6.33 8.95
C PRO B 514 29.25 -5.32 7.87
N PHE B 515 30.15 -5.70 6.98
CA PHE B 515 30.52 -4.79 5.88
C PHE B 515 29.27 -4.53 5.02
N SER B 516 28.58 -5.62 4.71
CA SER B 516 27.48 -5.63 3.77
C SER B 516 26.33 -4.74 4.16
N LEU B 517 25.80 -4.98 5.37
CA LEU B 517 24.61 -4.26 5.85
C LEU B 517 24.86 -2.78 6.17
N LYS B 518 26.09 -2.43 6.55
CA LYS B 518 26.44 -1.03 6.78
C LYS B 518 26.45 -0.34 5.44
N GLY B 519 26.99 -0.99 4.43
CA GLY B 519 27.03 -0.36 3.10
C GLY B 519 25.66 -0.07 2.56
N LEU B 520 24.75 -1.01 2.85
CA LEU B 520 23.34 -0.95 2.50
C LEU B 520 22.56 0.06 3.37
N MET B 521 22.74 0.03 4.70
CA MET B 521 21.90 0.84 5.60
C MET B 521 22.48 2.23 5.93
N GLY B 522 23.77 2.38 5.68
CA GLY B 522 24.42 3.66 5.82
C GLY B 522 24.15 4.62 4.70
N ASN B 523 23.48 4.16 3.64
CA ASN B 523 23.11 5.00 2.49
C ASN B 523 22.24 6.12 2.95
N PRO B 524 22.40 7.29 2.38
CA PRO B 524 21.59 8.35 2.93
C PRO B 524 20.09 8.20 2.71
N ILE B 525 19.63 7.51 1.65
CA ILE B 525 18.17 7.39 1.41
C ILE B 525 17.50 6.63 2.55
N CYS B 526 18.27 6.02 3.45
CA CYS B 526 17.73 5.32 4.61
C CYS B 526 17.63 6.20 5.83
N SER B 527 18.08 7.43 5.73
CA SER B 527 18.06 8.34 6.87
C SER B 527 16.67 8.98 7.04
N PRO B 528 16.32 9.35 8.30
CA PRO B 528 14.97 9.84 8.56
C PRO B 528 14.54 10.93 7.59
N GLN B 529 15.44 11.83 7.27
CA GLN B 529 15.07 12.99 6.50
C GLN B 529 14.82 12.68 5.00
N TYR B 530 15.25 11.51 4.55
CA TYR B 530 15.12 11.11 3.16
C TYR B 530 14.01 10.08 2.98
N TRP B 531 13.79 9.25 3.99
CA TRP B 531 12.87 8.12 3.87
C TRP B 531 11.47 8.54 4.08
N LYS B 532 10.90 9.14 3.05
CA LYS B 532 9.53 9.56 3.09
C LYS B 532 9.08 9.73 1.65
N PRO B 533 7.77 9.62 1.39
CA PRO B 533 7.35 9.46 -0.01
C PRO B 533 7.88 10.55 -0.93
N SER B 534 7.90 11.78 -0.47
CA SER B 534 8.11 12.92 -1.36
C SER B 534 9.50 12.93 -2.02
N THR B 535 10.47 12.39 -1.28
CA THR B 535 11.81 12.11 -1.81
C THR B 535 11.76 11.33 -3.12
N PHE B 536 10.74 10.46 -3.26
CA PHE B 536 10.60 9.52 -4.38
C PHE B 536 9.43 9.84 -5.34
N GLY B 537 8.98 11.09 -5.31
CA GLY B 537 7.89 11.54 -6.15
C GLY B 537 6.49 11.17 -5.65
N GLY B 538 6.38 10.94 -4.33
CA GLY B 538 5.10 10.66 -3.71
C GLY B 538 4.93 9.19 -3.50
N GLU B 539 3.67 8.79 -3.26
CA GLU B 539 3.35 7.45 -2.69
C GLU B 539 3.50 6.29 -3.68
N VAL B 540 3.21 6.57 -4.96
CA VAL B 540 3.40 5.60 -6.06
C VAL B 540 4.89 5.33 -6.34
N GLY B 541 5.71 6.37 -6.24
CA GLY B 541 7.19 6.20 -6.24
C GLY B 541 7.79 5.39 -5.08
N PHE B 542 7.36 5.66 -3.85
CA PHE B 542 7.78 4.89 -2.67
C PHE B 542 7.39 3.42 -2.84
N LYS B 543 6.18 3.19 -3.36
CA LYS B 543 5.68 1.82 -3.52
C LYS B 543 6.60 1.02 -4.42
N ILE B 544 7.22 1.66 -5.41
CA ILE B 544 8.11 0.94 -6.34
C ILE B 544 9.27 0.37 -5.61
N ILE B 545 9.79 1.16 -4.67
CA ILE B 545 10.85 0.70 -3.80
C ILE B 545 10.37 -0.42 -2.92
N ASN B 546 9.28 -0.18 -2.18
CA ASN B 546 8.85 -1.12 -1.13
C ASN B 546 8.20 -2.46 -1.58
N THR B 547 7.87 -2.59 -2.86
CA THR B 547 7.44 -3.86 -3.43
C THR B 547 8.50 -4.49 -4.37
N ALA B 548 9.72 -3.93 -4.41
CA ALA B 548 10.75 -4.37 -5.35
C ALA B 548 11.11 -5.81 -5.11
N SER B 549 11.43 -6.55 -6.18
CA SER B 549 11.97 -7.91 -6.03
C SER B 549 12.73 -8.31 -7.28
N ILE B 550 13.52 -9.37 -7.24
CA ILE B 550 14.24 -9.80 -8.44
C ILE B 550 13.26 -10.33 -9.49
N GLN B 551 12.20 -10.98 -9.05
CA GLN B 551 11.20 -11.46 -10.00
C GLN B 551 10.52 -10.30 -10.70
N SER B 552 10.13 -9.28 -9.95
CA SER B 552 9.42 -8.18 -10.59
C SER B 552 10.36 -7.24 -11.36
N LEU B 553 11.63 -7.19 -10.96
CA LEU B 553 12.61 -6.42 -11.72
C LEU B 553 12.66 -7.02 -13.13
N ILE B 554 12.69 -8.34 -13.19
CA ILE B 554 12.82 -9.04 -14.45
C ILE B 554 11.47 -9.07 -15.16
N CYS B 555 10.40 -9.26 -14.41
CA CYS B 555 9.09 -9.38 -15.00
C CYS B 555 8.70 -8.13 -15.79
N ASN B 556 8.92 -6.98 -15.19
CA ASN B 556 8.55 -5.70 -15.78
C ASN B 556 9.41 -5.28 -16.95
N ASN B 557 10.56 -5.93 -17.16
CA ASN B 557 11.58 -5.45 -18.08
C ASN B 557 12.05 -6.41 -19.16
N VAL B 558 11.72 -7.69 -19.00
CA VAL B 558 12.21 -8.72 -19.90
C VAL B 558 10.98 -9.34 -20.56
N LYS B 559 11.06 -9.51 -21.87
CA LYS B 559 9.97 -10.05 -22.73
C LYS B 559 9.35 -11.31 -22.10
N GLY B 560 8.05 -11.37 -21.93
CA GLY B 560 7.38 -12.59 -21.50
C GLY B 560 7.37 -12.97 -20.03
N CYS B 561 7.71 -12.06 -19.14
CA CYS B 561 7.81 -12.26 -17.69
C CYS B 561 8.32 -13.67 -17.29
N PRO B 562 9.53 -14.02 -17.74
CA PRO B 562 10.09 -15.32 -17.37
C PRO B 562 10.34 -15.42 -15.89
N PHE B 563 10.23 -16.64 -15.38
CA PHE B 563 10.56 -16.92 -14.01
C PHE B 563 12.04 -16.71 -13.77
N THR B 564 12.40 -16.03 -12.69
CA THR B 564 13.77 -16.12 -12.13
C THR B 564 13.80 -16.29 -10.63
N SER B 565 15.01 -16.57 -10.17
CA SER B 565 15.34 -16.76 -8.80
C SER B 565 16.86 -16.77 -8.73
N PHE B 566 17.39 -16.77 -7.51
CA PHE B 566 18.82 -16.87 -7.29
C PHE B 566 19.20 -18.31 -7.04
N ASN B 567 18.21 -19.15 -7.30
CA ASN B 567 18.18 -20.48 -6.81
C ASN B 567 17.66 -21.39 -7.93
N VAL B 568 18.34 -22.50 -8.09
CA VAL B 568 17.96 -23.54 -9.03
C VAL B 568 16.76 -24.36 -8.54
N GLN B 569 15.85 -24.69 -9.48
CA GLN B 569 14.55 -25.31 -9.17
C GLN B 569 14.45 -26.78 -9.61
N ALA C 18 -40.60 -38.43 16.31
CA ALA C 18 -41.48 -37.63 17.19
C ALA C 18 -42.21 -36.58 16.35
N ASN C 19 -41.44 -35.85 15.54
CA ASN C 19 -41.95 -34.89 14.55
C ASN C 19 -43.02 -35.59 13.68
N PRO C 20 -44.27 -35.07 13.70
CA PRO C 20 -45.33 -35.70 12.92
C PRO C 20 -45.19 -35.50 11.40
N CYS C 21 -44.19 -34.73 10.98
CA CYS C 21 -43.91 -34.51 9.55
C CYS C 21 -42.81 -35.43 9.00
N CYS C 22 -42.21 -36.25 9.86
CA CYS C 22 -41.11 -37.14 9.48
C CYS C 22 -41.44 -38.00 8.26
N SER C 23 -42.71 -38.36 8.10
CA SER C 23 -43.14 -39.26 7.03
C SER C 23 -43.30 -38.61 5.64
N ASN C 24 -42.98 -37.33 5.56
CA ASN C 24 -43.16 -36.55 4.33
C ASN C 24 -44.56 -36.79 3.73
N PRO C 25 -45.62 -36.57 4.55
CA PRO C 25 -46.97 -36.96 4.14
C PRO C 25 -47.54 -36.12 3.01
N CYS C 26 -47.21 -34.83 2.97
CA CYS C 26 -47.79 -33.95 1.94
C CYS C 26 -47.16 -34.24 0.58
N GLN C 27 -47.99 -34.41 -0.44
CA GLN C 27 -47.55 -34.64 -1.83
C GLN C 27 -47.70 -33.39 -2.68
N ASN C 28 -47.24 -33.47 -3.91
CA ASN C 28 -47.40 -32.37 -4.90
C ASN C 28 -46.90 -30.97 -4.49
N ARG C 29 -45.74 -30.93 -3.85
CA ARG C 29 -45.07 -29.69 -3.45
C ARG C 29 -45.79 -28.87 -2.37
N GLY C 30 -46.64 -29.53 -1.58
CA GLY C 30 -47.28 -28.89 -0.45
C GLY C 30 -46.42 -28.98 0.78
N GLU C 31 -46.60 -28.05 1.70
CA GLU C 31 -45.69 -27.92 2.85
C GLU C 31 -46.30 -28.51 4.11
N CYS C 32 -45.51 -29.36 4.80
CA CYS C 32 -45.92 -30.00 6.06
C CYS C 32 -45.66 -29.09 7.24
N MET C 33 -46.62 -29.00 8.15
CA MET C 33 -46.44 -28.17 9.36
C MET C 33 -47.02 -28.95 10.52
N SER C 34 -46.29 -29.00 11.63
CA SER C 34 -46.76 -29.65 12.85
C SER C 34 -47.78 -28.77 13.58
N THR C 35 -48.86 -29.38 14.09
CA THR C 35 -49.88 -28.70 14.90
C THR C 35 -50.09 -29.45 16.20
N GLY C 36 -49.15 -29.33 17.12
CA GLY C 36 -49.14 -30.16 18.34
C GLY C 36 -48.24 -31.37 18.11
N PHE C 37 -47.98 -32.14 19.17
CA PHE C 37 -46.95 -33.19 19.15
C PHE C 37 -47.15 -34.36 18.18
N ASP C 38 -48.41 -34.70 17.89
CA ASP C 38 -48.74 -35.90 17.11
C ASP C 38 -49.53 -35.62 15.84
N GLN C 39 -49.85 -34.36 15.57
CA GLN C 39 -50.67 -33.99 14.41
C GLN C 39 -49.93 -33.00 13.52
N TYR C 40 -50.20 -33.10 12.23
CA TYR C 40 -49.63 -32.20 11.23
C TYR C 40 -50.73 -31.55 10.43
N LYS C 41 -50.36 -30.63 9.55
CA LYS C 41 -51.30 -30.09 8.58
C LYS C 41 -50.58 -29.68 7.33
N CYS C 42 -51.12 -30.06 6.18
CA CYS C 42 -50.52 -29.68 4.92
C CYS C 42 -51.15 -28.43 4.41
N ASP C 43 -50.30 -27.51 3.97
CA ASP C 43 -50.70 -26.28 3.30
C ASP C 43 -50.63 -26.57 1.79
N CYS C 44 -51.77 -26.51 1.13
CA CYS C 44 -51.82 -26.89 -0.28
C CYS C 44 -51.77 -25.70 -1.24
N THR C 45 -51.59 -24.49 -0.71
CA THR C 45 -51.65 -23.23 -1.48
C THR C 45 -50.93 -23.30 -2.84
N ARG C 46 -51.72 -23.08 -3.90
CA ARG C 46 -51.26 -23.08 -5.29
C ARG C 46 -50.63 -24.37 -5.79
N THR C 47 -50.82 -25.49 -5.08
CA THR C 47 -50.23 -26.75 -5.54
C THR C 47 -50.97 -27.37 -6.72
N GLY C 48 -52.15 -26.86 -7.05
CA GLY C 48 -53.12 -27.54 -7.92
C GLY C 48 -53.91 -28.71 -7.29
N PHE C 49 -53.78 -28.94 -5.97
CA PHE C 49 -54.41 -30.07 -5.29
C PHE C 49 -54.96 -29.60 -3.98
N TYR C 50 -55.74 -30.45 -3.33
CA TYR C 50 -56.31 -30.16 -1.98
C TYR C 50 -56.60 -31.48 -1.24
N GLY C 51 -56.96 -31.36 0.04
CA GLY C 51 -57.18 -32.52 0.91
C GLY C 51 -56.09 -32.61 1.95
N GLU C 52 -56.24 -33.52 2.91
CA GLU C 52 -55.33 -33.59 4.05
C GLU C 52 -53.86 -33.60 3.61
N ASN C 53 -53.54 -34.31 2.52
CA ASN C 53 -52.18 -34.45 1.99
C ASN C 53 -51.98 -33.89 0.55
N CYS C 54 -52.86 -33.00 0.13
CA CYS C 54 -52.79 -32.41 -1.23
C CYS C 54 -52.73 -33.47 -2.32
N THR C 55 -53.47 -34.56 -2.12
CA THR C 55 -53.51 -35.68 -3.07
C THR C 55 -54.69 -35.60 -4.01
N THR C 56 -55.79 -34.96 -3.62
CA THR C 56 -56.97 -34.93 -4.47
C THR C 56 -56.93 -33.69 -5.40
N PRO C 57 -56.99 -33.88 -6.73
CA PRO C 57 -56.74 -32.80 -7.67
C PRO C 57 -57.92 -31.95 -7.94
N GLU C 58 -57.70 -30.65 -8.10
CA GLU C 58 -58.71 -29.75 -8.65
C GLU C 58 -58.97 -30.21 -10.08
N PHE C 59 -60.04 -29.72 -10.68
CA PHE C 59 -60.47 -30.23 -11.98
C PHE C 59 -59.48 -29.87 -13.10
N LEU C 60 -59.09 -28.59 -13.14
CA LEU C 60 -58.14 -28.08 -14.14
C LEU C 60 -56.85 -28.91 -14.11
N THR C 61 -56.45 -29.32 -12.90
CA THR C 61 -55.28 -30.17 -12.71
C THR C 61 -55.50 -31.57 -13.25
N ARG C 62 -56.70 -32.12 -13.05
CA ARG C 62 -57.04 -33.45 -13.53
C ARG C 62 -56.88 -33.56 -15.04
N ILE C 63 -57.32 -32.53 -15.76
CA ILE C 63 -57.05 -32.45 -17.23
C ILE C 63 -55.55 -32.45 -17.57
N LYS C 64 -54.77 -31.59 -16.92
CA LYS C 64 -53.34 -31.46 -17.23
C LYS C 64 -52.59 -32.78 -17.11
N LEU C 65 -52.74 -33.45 -15.97
CA LEU C 65 -52.09 -34.75 -15.74
C LEU C 65 -52.50 -35.82 -16.76
N LEU C 66 -53.62 -35.64 -17.46
CA LEU C 66 -54.03 -36.52 -18.59
C LEU C 66 -53.25 -36.19 -19.87
N LEU C 67 -53.02 -34.90 -20.13
CA LEU C 67 -52.34 -34.45 -21.35
C LEU C 67 -50.81 -34.44 -21.24
N LYS C 68 -50.28 -34.60 -20.02
CA LYS C 68 -48.85 -34.36 -19.78
C LYS C 68 -47.99 -35.58 -20.15
N PRO C 69 -47.20 -35.46 -21.22
CA PRO C 69 -46.36 -36.59 -21.59
C PRO C 69 -45.31 -36.87 -20.51
N THR C 70 -44.92 -38.14 -20.34
CA THR C 70 -43.84 -38.48 -19.42
C THR C 70 -42.50 -38.00 -19.95
N PRO C 71 -41.52 -37.84 -19.05
CA PRO C 71 -40.21 -37.40 -19.50
C PRO C 71 -39.55 -38.32 -20.54
N ASN C 72 -39.79 -39.63 -20.43
CA ASN C 72 -39.19 -40.61 -21.36
C ASN C 72 -39.84 -40.54 -22.72
N THR C 73 -41.13 -40.20 -22.74
CA THR C 73 -41.82 -39.94 -24.01
C THR C 73 -41.16 -38.73 -24.66
N VAL C 74 -41.12 -37.62 -23.92
CA VAL C 74 -40.50 -36.38 -24.37
C VAL C 74 -39.10 -36.63 -24.89
N HIS C 75 -38.33 -37.42 -24.15
CA HIS C 75 -36.99 -37.74 -24.56
C HIS C 75 -36.99 -38.45 -25.89
N TYR C 76 -37.86 -39.46 -26.04
CA TYR C 76 -37.99 -40.16 -27.32
C TYR C 76 -38.21 -39.15 -28.46
N ILE C 77 -39.17 -38.26 -28.29
CA ILE C 77 -39.52 -37.36 -29.36
C ILE C 77 -38.31 -36.50 -29.72
N LEU C 78 -37.57 -36.05 -28.69
CA LEU C 78 -36.42 -35.15 -28.89
C LEU C 78 -35.22 -35.84 -29.54
N THR C 79 -35.09 -37.14 -29.31
CA THR C 79 -33.94 -37.87 -29.81
C THR C 79 -34.29 -38.71 -31.06
N HIS C 80 -35.51 -38.58 -31.55
CA HIS C 80 -35.90 -39.22 -32.83
C HIS C 80 -36.42 -38.21 -33.84
N PHE C 81 -36.76 -38.68 -35.03
CA PHE C 81 -37.32 -37.84 -36.10
C PHE C 81 -36.34 -36.73 -36.47
N LYS C 82 -35.10 -37.16 -36.74
CA LYS C 82 -34.01 -36.22 -37.06
C LYS C 82 -34.39 -35.33 -38.26
N GLY C 83 -35.13 -35.91 -39.20
CA GLY C 83 -35.62 -35.20 -40.36
C GLY C 83 -36.57 -34.06 -40.05
N VAL C 84 -37.48 -34.28 -39.11
CA VAL C 84 -38.42 -33.24 -38.67
C VAL C 84 -37.71 -32.11 -37.91
N TRP C 85 -36.69 -32.46 -37.12
CA TRP C 85 -35.92 -31.46 -36.37
C TRP C 85 -35.06 -30.61 -37.27
N ASN C 86 -34.38 -31.22 -38.24
CA ASN C 86 -33.70 -30.45 -39.28
C ASN C 86 -34.55 -29.31 -39.85
N ILE C 87 -35.83 -29.57 -40.09
CA ILE C 87 -36.76 -28.57 -40.58
C ILE C 87 -37.07 -27.55 -39.47
N VAL C 88 -37.41 -28.06 -38.27
CA VAL C 88 -37.71 -27.20 -37.11
C VAL C 88 -36.55 -26.27 -36.72
N ASN C 89 -35.34 -26.78 -36.69
CA ASN C 89 -34.17 -25.97 -36.33
C ASN C 89 -33.90 -24.81 -37.30
N ASN C 90 -34.49 -24.84 -38.50
CA ASN C 90 -34.23 -23.80 -39.51
C ASN C 90 -35.38 -22.81 -39.65
N ILE C 91 -36.44 -23.01 -38.86
CA ILE C 91 -37.52 -22.04 -38.74
C ILE C 91 -37.27 -21.31 -37.40
N PRO C 92 -36.65 -20.11 -37.46
CA PRO C 92 -36.50 -19.29 -36.26
C PRO C 92 -37.77 -19.10 -35.40
N PHE C 93 -38.92 -18.77 -35.99
CA PHE C 93 -40.20 -18.72 -35.25
C PHE C 93 -40.32 -19.89 -34.27
N LEU C 94 -40.04 -21.08 -34.79
CA LEU C 94 -40.39 -22.33 -34.12
C LEU C 94 -39.36 -22.76 -33.07
N ARG C 95 -38.10 -22.73 -33.48
CA ARG C 95 -36.98 -22.98 -32.57
C ARG C 95 -37.17 -22.13 -31.33
N SER C 96 -37.49 -20.86 -31.56
CA SER C 96 -37.74 -19.92 -30.48
C SER C 96 -38.91 -20.36 -29.62
N LEU C 97 -40.02 -20.76 -30.23
CA LEU C 97 -41.17 -21.18 -29.44
C LEU C 97 -40.85 -22.37 -28.54
N ILE C 98 -40.06 -23.30 -29.05
CA ILE C 98 -39.76 -24.53 -28.30
C ILE C 98 -38.77 -24.25 -27.16
N MET C 99 -37.67 -23.60 -27.51
CA MET C 99 -36.66 -23.30 -26.53
C MET C 99 -37.35 -22.60 -25.36
N LYS C 100 -38.20 -21.64 -25.68
CA LYS C 100 -38.89 -20.82 -24.68
C LYS C 100 -39.70 -21.70 -23.79
N TYR C 101 -40.27 -22.77 -24.36
CA TYR C 101 -41.04 -23.68 -23.54
C TYR C 101 -40.16 -24.47 -22.60
N VAL C 102 -38.96 -24.87 -23.05
CA VAL C 102 -38.03 -25.59 -22.17
C VAL C 102 -37.57 -24.70 -21.03
N LEU C 103 -37.31 -23.45 -21.34
CA LEU C 103 -36.85 -22.51 -20.33
C LEU C 103 -37.89 -22.26 -19.22
N THR C 104 -39.12 -21.94 -19.61
CA THR C 104 -40.18 -21.63 -18.65
C THR C 104 -40.61 -22.89 -17.89
N SER C 105 -40.78 -24.01 -18.59
CA SER C 105 -41.28 -25.23 -17.95
C SER C 105 -40.28 -25.82 -16.95
N ARG C 106 -39.00 -25.78 -17.31
CA ARG C 106 -37.93 -26.26 -16.45
C ARG C 106 -37.80 -25.41 -15.21
N SER C 107 -37.73 -24.10 -15.44
CA SER C 107 -37.41 -23.15 -14.38
C SER C 107 -38.44 -23.24 -13.27
N TYR C 108 -39.70 -23.42 -13.66
CA TYR C 108 -40.79 -23.46 -12.71
C TYR C 108 -40.59 -24.53 -11.60
N LEU C 109 -39.78 -25.57 -11.89
CA LEU C 109 -39.45 -26.58 -10.87
C LEU C 109 -38.51 -26.10 -9.76
N ILE C 110 -37.88 -24.93 -9.90
CA ILE C 110 -36.95 -24.41 -8.89
C ILE C 110 -37.69 -23.32 -8.11
N ASP C 111 -37.45 -23.24 -6.79
CA ASP C 111 -38.02 -22.22 -5.92
C ASP C 111 -37.11 -21.01 -5.96
N SER C 112 -37.62 -19.86 -6.40
CA SER C 112 -36.78 -18.68 -6.46
C SER C 112 -37.62 -17.45 -6.17
N PRO C 113 -37.30 -16.72 -5.09
CA PRO C 113 -36.18 -16.87 -4.14
C PRO C 113 -36.11 -18.24 -3.48
N PRO C 114 -34.92 -18.61 -2.98
CA PRO C 114 -34.73 -19.90 -2.37
C PRO C 114 -35.37 -20.01 -0.98
N THR C 115 -35.49 -21.30 -0.56
CA THR C 115 -36.18 -21.71 0.64
C THR C 115 -35.25 -22.36 1.69
N TYR C 116 -34.93 -23.64 1.56
CA TYR C 116 -34.27 -24.39 2.66
C TYR C 116 -32.75 -24.59 2.57
N ASN C 117 -32.13 -24.97 3.70
CA ASN C 117 -30.73 -25.42 3.69
C ASN C 117 -30.54 -26.62 4.61
N VAL C 118 -29.30 -26.98 4.94
CA VAL C 118 -29.07 -28.11 5.88
C VAL C 118 -29.75 -27.93 7.22
N HIS C 119 -29.67 -26.73 7.76
CA HIS C 119 -30.15 -26.48 9.11
C HIS C 119 -31.61 -26.11 9.21
N TYR C 120 -32.23 -25.74 8.11
CA TYR C 120 -33.58 -25.21 8.15
C TYR C 120 -34.56 -25.97 7.27
N GLY C 121 -35.47 -26.69 7.91
CA GLY C 121 -36.56 -27.44 7.25
C GLY C 121 -37.88 -26.70 7.14
N TYR C 122 -37.84 -25.42 7.49
CA TYR C 122 -38.95 -24.49 7.40
C TYR C 122 -38.35 -23.20 6.81
N LYS C 123 -39.17 -22.41 6.14
CA LYS C 123 -38.73 -21.10 5.60
C LYS C 123 -38.23 -20.24 6.72
N SER C 124 -37.20 -19.46 6.47
CA SER C 124 -36.67 -18.65 7.54
C SER C 124 -35.81 -17.59 6.95
N TRP C 125 -35.64 -16.49 7.67
CA TRP C 125 -34.81 -15.41 7.15
C TRP C 125 -33.35 -15.75 7.13
N GLU C 126 -32.95 -16.58 8.09
CA GLU C 126 -31.57 -17.00 8.17
C GLU C 126 -31.25 -17.86 6.98
N ALA C 127 -32.18 -18.75 6.63
CA ALA C 127 -32.03 -19.58 5.44
C ALA C 127 -31.99 -18.68 4.20
N PHE C 128 -32.85 -17.66 4.15
CA PHE C 128 -32.90 -16.84 2.97
C PHE C 128 -31.70 -15.90 2.80
N SER C 129 -31.24 -15.29 3.87
CA SER C 129 -30.23 -14.22 3.73
C SER C 129 -28.79 -14.77 3.72
N ASN C 130 -28.59 -15.96 4.28
CA ASN C 130 -27.24 -16.44 4.52
C ASN C 130 -26.73 -17.13 3.30
N LEU C 131 -25.86 -16.40 2.60
CA LEU C 131 -25.34 -16.84 1.31
C LEU C 131 -24.28 -17.98 1.39
N SER C 132 -23.77 -18.23 2.60
CA SER C 132 -22.76 -19.29 2.83
C SER C 132 -23.26 -20.72 2.76
N TYR C 133 -24.58 -20.89 2.84
CA TYR C 133 -25.19 -22.19 2.70
C TYR C 133 -25.52 -22.44 1.25
N TYR C 134 -25.41 -23.68 0.82
CA TYR C 134 -26.05 -24.12 -0.42
C TYR C 134 -27.51 -24.19 -0.07
N THR C 135 -28.37 -23.87 -1.02
CA THR C 135 -29.82 -24.04 -0.83
C THR C 135 -30.18 -25.48 -1.08
N ARG C 136 -31.46 -25.76 -1.10
CA ARG C 136 -31.90 -27.12 -0.93
C ARG C 136 -33.30 -27.33 -1.54
N ALA C 137 -33.41 -28.22 -2.51
CA ALA C 137 -34.66 -28.48 -3.23
C ALA C 137 -35.69 -29.20 -2.36
N LEU C 138 -35.21 -30.03 -1.46
CA LEU C 138 -36.09 -30.62 -0.46
C LEU C 138 -35.45 -30.40 0.84
N PRO C 139 -36.27 -30.08 1.84
CA PRO C 139 -35.86 -29.97 3.26
C PRO C 139 -35.07 -31.15 3.79
N PRO C 140 -34.16 -30.88 4.74
CA PRO C 140 -33.56 -32.00 5.46
C PRO C 140 -34.58 -32.73 6.34
N VAL C 141 -34.36 -34.02 6.51
CA VAL C 141 -35.06 -34.85 7.48
C VAL C 141 -34.77 -34.33 8.89
N ALA C 142 -35.82 -34.18 9.69
CA ALA C 142 -35.68 -33.73 11.08
C ALA C 142 -34.71 -34.61 11.86
N ASP C 143 -34.01 -34.01 12.82
CA ASP C 143 -33.06 -34.76 13.65
C ASP C 143 -33.75 -35.75 14.54
N ASP C 144 -34.99 -35.48 14.95
CA ASP C 144 -35.71 -36.45 15.77
C ASP C 144 -36.71 -37.28 14.93
N CYS C 145 -36.19 -37.89 13.90
CA CYS C 145 -36.96 -38.83 13.10
C CYS C 145 -36.37 -40.17 13.39
N PRO C 146 -37.22 -41.20 13.54
CA PRO C 146 -36.74 -42.50 14.00
C PRO C 146 -35.80 -43.20 13.02
N THR C 147 -35.76 -42.75 11.78
CA THR C 147 -34.87 -43.32 10.77
C THR C 147 -34.22 -42.25 9.91
N PRO C 148 -33.18 -42.60 9.15
CA PRO C 148 -32.42 -41.61 8.37
C PRO C 148 -33.18 -41.02 7.17
N MET C 149 -33.86 -41.85 6.38
CA MET C 149 -34.98 -41.38 5.56
C MET C 149 -36.01 -41.24 6.63
N GLY C 150 -37.07 -40.48 6.44
CA GLY C 150 -37.99 -40.19 7.57
C GLY C 150 -38.42 -41.28 8.56
N VAL C 151 -39.26 -42.19 8.09
CA VAL C 151 -39.88 -43.18 8.97
C VAL C 151 -39.69 -44.64 8.48
N LYS C 152 -39.29 -44.78 7.21
CA LYS C 152 -39.07 -46.08 6.57
C LYS C 152 -37.64 -46.57 6.77
N GLY C 153 -37.42 -47.86 6.54
CA GLY C 153 -36.10 -48.50 6.67
C GLY C 153 -35.68 -48.81 8.11
N ASN C 154 -34.46 -49.31 8.26
CA ASN C 154 -33.89 -49.64 9.58
C ASN C 154 -33.20 -48.40 10.16
N LYS C 155 -32.72 -48.51 11.41
CA LYS C 155 -32.16 -47.33 12.12
C LYS C 155 -30.93 -46.74 11.43
N GLU C 156 -30.13 -47.62 10.80
CA GLU C 156 -28.99 -47.19 9.99
C GLU C 156 -29.20 -47.55 8.52
N LEU C 157 -28.72 -46.66 7.65
CA LEU C 157 -28.60 -46.96 6.23
C LEU C 157 -27.49 -48.00 6.06
N PRO C 158 -27.47 -48.68 4.89
CA PRO C 158 -26.50 -49.74 4.68
C PRO C 158 -25.09 -49.21 4.67
N ASP C 159 -24.14 -50.04 5.09
CA ASP C 159 -22.75 -49.59 5.09
C ASP C 159 -22.36 -48.95 3.74
N SER C 160 -21.87 -47.71 3.81
CA SER C 160 -21.51 -46.97 2.60
C SER C 160 -20.41 -47.68 1.80
N LYS C 161 -19.40 -48.21 2.49
CA LYS C 161 -18.30 -48.98 1.86
C LYS C 161 -18.81 -50.13 0.99
N GLU C 162 -19.91 -50.72 1.43
CA GLU C 162 -20.48 -51.88 0.76
C GLU C 162 -21.32 -51.51 -0.44
N VAL C 163 -22.02 -50.37 -0.36
CA VAL C 163 -22.73 -49.84 -1.52
C VAL C 163 -21.70 -49.56 -2.62
N LEU C 164 -20.61 -48.90 -2.21
CA LEU C 164 -19.54 -48.49 -3.11
C LEU C 164 -19.02 -49.68 -3.88
N GLU C 165 -18.58 -50.69 -3.15
CA GLU C 165 -17.86 -51.83 -3.74
C GLU C 165 -18.76 -52.71 -4.59
N LYS C 166 -19.99 -52.89 -4.12
CA LYS C 166 -20.93 -53.83 -4.76
C LYS C 166 -21.49 -53.33 -6.08
N VAL C 167 -21.75 -52.03 -6.17
CA VAL C 167 -22.48 -51.48 -7.31
C VAL C 167 -21.85 -50.24 -7.99
N LEU C 168 -20.89 -49.58 -7.31
CA LEU C 168 -20.34 -48.34 -7.80
C LEU C 168 -18.94 -48.46 -8.43
N LEU C 169 -18.07 -49.28 -7.87
CA LEU C 169 -16.70 -49.34 -8.38
C LEU C 169 -16.61 -50.00 -9.73
N ARG C 170 -15.67 -49.51 -10.52
CA ARG C 170 -15.42 -49.98 -11.88
C ARG C 170 -14.67 -51.33 -11.86
N ARG C 171 -15.15 -52.30 -12.64
CA ARG C 171 -14.39 -53.52 -12.88
C ARG C 171 -13.67 -53.33 -14.22
N GLU C 172 -14.36 -53.37 -15.35
CA GLU C 172 -13.74 -52.95 -16.61
C GLU C 172 -14.40 -51.65 -17.04
N PHE C 173 -13.64 -50.78 -17.69
CA PHE C 173 -14.00 -49.45 -18.13
C PHE C 173 -15.21 -49.52 -19.06
N ILE C 174 -16.23 -48.72 -18.75
CA ILE C 174 -17.41 -48.65 -19.61
C ILE C 174 -17.36 -47.30 -20.31
N PRO C 175 -17.10 -47.33 -21.63
CA PRO C 175 -17.13 -46.11 -22.43
C PRO C 175 -18.53 -45.56 -22.55
N ASP C 176 -18.61 -44.24 -22.60
CA ASP C 176 -19.86 -43.55 -22.82
C ASP C 176 -20.33 -43.83 -24.25
N PRO C 177 -21.53 -44.41 -24.39
CA PRO C 177 -22.13 -44.69 -25.73
C PRO C 177 -22.46 -43.46 -26.53
N GLN C 178 -22.64 -42.33 -25.86
CA GLN C 178 -22.93 -41.05 -26.48
C GLN C 178 -21.65 -40.31 -26.98
N GLY C 179 -20.49 -40.94 -26.86
CA GLY C 179 -19.28 -40.38 -27.45
C GLY C 179 -18.64 -39.23 -26.69
N SER C 180 -19.06 -39.01 -25.45
CA SER C 180 -18.47 -37.95 -24.65
C SER C 180 -16.97 -38.19 -24.47
N ASN C 181 -16.17 -37.14 -24.60
CA ASN C 181 -14.69 -37.24 -24.56
C ASN C 181 -14.12 -36.39 -23.42
N MET C 182 -12.79 -36.34 -23.30
CA MET C 182 -12.16 -35.58 -22.19
C MET C 182 -12.24 -34.05 -22.32
N MET C 183 -12.47 -33.54 -23.53
CA MET C 183 -12.76 -32.11 -23.64
C MET C 183 -14.10 -31.82 -22.98
N PHE C 184 -15.04 -32.75 -23.09
CA PHE C 184 -16.28 -32.63 -22.38
C PHE C 184 -16.06 -32.79 -20.90
N ALA C 185 -15.33 -33.84 -20.53
CA ALA C 185 -15.21 -34.19 -19.12
C ALA C 185 -14.52 -33.10 -18.33
N PHE C 186 -13.44 -32.52 -18.88
CA PHE C 186 -12.70 -31.46 -18.15
C PHE C 186 -13.40 -30.12 -18.29
N PHE C 187 -14.31 -30.02 -19.27
CA PHE C 187 -15.12 -28.80 -19.40
C PHE C 187 -16.17 -28.79 -18.31
N ALA C 188 -16.82 -29.93 -18.08
CA ALA C 188 -17.66 -30.17 -16.88
C ALA C 188 -16.99 -29.76 -15.54
N GLN C 189 -15.79 -30.29 -15.34
CA GLN C 189 -15.01 -30.00 -14.14
C GLN C 189 -14.62 -28.53 -14.06
N HIS C 190 -14.18 -27.94 -15.16
CA HIS C 190 -13.77 -26.55 -15.12
C HIS C 190 -14.98 -25.72 -14.74
N PHE C 191 -15.98 -25.76 -15.61
CA PHE C 191 -17.11 -24.82 -15.54
C PHE C 191 -17.88 -24.97 -14.25
N THR C 192 -18.18 -26.18 -13.83
CA THR C 192 -18.92 -26.37 -12.57
C THR C 192 -18.15 -25.92 -11.33
N HIS C 193 -16.83 -25.98 -11.33
CA HIS C 193 -16.05 -25.60 -10.15
C HIS C 193 -15.93 -24.13 -9.89
N GLN C 194 -16.73 -23.33 -10.59
CA GLN C 194 -16.86 -21.92 -10.25
C GLN C 194 -18.01 -21.76 -9.32
N PHE C 195 -18.97 -22.68 -9.36
CA PHE C 195 -20.11 -22.67 -8.43
C PHE C 195 -20.19 -23.80 -7.38
N PHE C 196 -19.47 -24.90 -7.60
CA PHE C 196 -19.28 -25.91 -6.59
C PHE C 196 -17.90 -25.71 -5.97
N LYS C 197 -17.91 -25.12 -4.77
CA LYS C 197 -16.70 -24.81 -3.99
C LYS C 197 -17.04 -24.99 -2.50
N THR C 198 -17.15 -26.24 -2.06
CA THR C 198 -17.63 -26.48 -0.74
C THR C 198 -16.67 -25.89 0.29
N ASP C 199 -17.23 -25.32 1.35
CA ASP C 199 -16.47 -24.74 2.42
C ASP C 199 -16.28 -25.79 3.49
N HIS C 200 -15.19 -26.55 3.36
CA HIS C 200 -14.95 -27.74 4.18
C HIS C 200 -14.71 -27.44 5.64
N LYS C 201 -14.26 -26.23 5.94
CA LYS C 201 -14.17 -25.77 7.32
C LYS C 201 -15.55 -25.68 7.97
N ARG C 202 -16.52 -25.13 7.26
CA ARG C 202 -17.88 -25.02 7.78
C ARG C 202 -18.58 -26.38 7.86
N GLY C 203 -18.33 -27.21 6.86
CA GLY C 203 -19.07 -28.46 6.65
C GLY C 203 -19.58 -28.58 5.22
N PRO C 204 -20.09 -29.77 4.83
CA PRO C 204 -20.68 -29.94 3.48
C PRO C 204 -21.98 -29.23 3.48
N GLY C 205 -22.43 -28.75 2.37
CA GLY C 205 -23.62 -27.91 2.50
C GLY C 205 -23.39 -26.45 2.87
N PHE C 206 -22.12 -26.04 3.03
CA PHE C 206 -21.70 -24.63 2.97
C PHE C 206 -20.79 -24.41 1.76
N THR C 207 -20.89 -23.24 1.12
CA THR C 207 -20.25 -22.93 -0.18
C THR C 207 -19.33 -21.76 0.04
N ARG C 208 -18.28 -21.70 -0.75
CA ARG C 208 -17.38 -20.58 -0.72
C ARG C 208 -17.61 -19.67 -1.93
N GLY C 209 -18.45 -20.15 -2.87
CA GLY C 209 -18.85 -19.40 -4.06
C GLY C 209 -20.14 -18.64 -3.83
N LEU C 210 -19.99 -17.41 -3.33
CA LEU C 210 -21.12 -16.56 -2.95
C LEU C 210 -21.79 -15.87 -4.15
N GLY C 211 -21.23 -16.04 -5.35
CA GLY C 211 -21.90 -15.62 -6.57
C GLY C 211 -23.10 -16.49 -6.89
N HIS C 212 -23.11 -17.72 -6.40
CA HIS C 212 -24.20 -18.64 -6.62
C HIS C 212 -24.57 -18.64 -8.06
N GLY C 213 -23.54 -18.82 -8.90
CA GLY C 213 -23.72 -18.86 -10.36
C GLY C 213 -22.49 -18.61 -11.21
N VAL C 214 -22.74 -18.35 -12.49
CA VAL C 214 -21.70 -18.24 -13.53
C VAL C 214 -21.18 -16.82 -13.49
N ASP C 215 -20.11 -16.59 -12.69
CA ASP C 215 -19.48 -15.27 -12.58
C ASP C 215 -18.03 -15.29 -13.03
N LEU C 216 -17.58 -16.45 -13.47
CA LEU C 216 -16.18 -16.67 -13.81
C LEU C 216 -15.21 -16.33 -12.67
N ASN C 217 -15.56 -16.61 -11.42
CA ASN C 217 -14.58 -16.44 -10.36
C ASN C 217 -13.41 -17.40 -10.47
N HIS C 218 -13.63 -18.50 -11.14
CA HIS C 218 -12.58 -19.47 -11.31
C HIS C 218 -11.49 -19.00 -12.26
N ILE C 219 -11.79 -17.99 -13.08
CA ILE C 219 -10.79 -17.35 -13.91
C ILE C 219 -10.25 -16.14 -13.17
N TYR C 220 -11.14 -15.33 -12.58
CA TYR C 220 -10.84 -13.98 -12.06
C TYR C 220 -10.70 -13.79 -10.55
N GLY C 221 -11.00 -14.84 -9.79
CA GLY C 221 -10.99 -14.80 -8.35
C GLY C 221 -12.32 -14.39 -7.72
N GLU C 222 -12.58 -14.96 -6.54
CA GLU C 222 -13.77 -14.66 -5.76
C GLU C 222 -13.70 -13.25 -5.19
N THR C 223 -12.54 -12.87 -4.70
CA THR C 223 -12.41 -11.57 -4.02
C THR C 223 -11.65 -10.55 -4.87
N LEU C 224 -11.94 -9.29 -4.60
CA LEU C 224 -11.31 -8.17 -5.29
C LEU C 224 -9.81 -8.25 -5.03
N ASP C 225 -9.44 -8.49 -3.77
CA ASP C 225 -8.04 -8.58 -3.33
C ASP C 225 -7.33 -9.59 -4.19
N ARG C 226 -7.95 -10.76 -4.36
CA ARG C 226 -7.35 -11.76 -5.22
C ARG C 226 -7.33 -11.31 -6.66
N GLN C 227 -8.44 -10.70 -7.12
CA GLN C 227 -8.57 -10.32 -8.54
C GLN C 227 -7.49 -9.34 -8.97
N HIS C 228 -7.28 -8.32 -8.15
CA HIS C 228 -6.20 -7.36 -8.40
C HIS C 228 -4.84 -8.02 -8.53
N LYS C 229 -4.55 -9.05 -7.76
CA LYS C 229 -3.26 -9.74 -7.89
C LYS C 229 -3.12 -10.46 -9.23
N LEU C 230 -4.24 -10.88 -9.82
CA LEU C 230 -4.23 -11.64 -11.10
C LEU C 230 -4.21 -10.75 -12.34
N ARG C 231 -4.43 -9.44 -12.12
CA ARG C 231 -4.50 -8.42 -13.16
C ARG C 231 -3.19 -7.68 -13.42
N LEU C 232 -2.97 -7.36 -14.69
CA LEU C 232 -1.80 -6.62 -15.14
C LEU C 232 -1.96 -5.11 -14.96
N PHE C 233 -3.20 -4.64 -14.96
CA PHE C 233 -3.54 -3.21 -14.94
C PHE C 233 -3.07 -2.39 -16.14
N LYS C 234 -2.94 -3.02 -17.30
CA LYS C 234 -2.69 -2.34 -18.57
C LYS C 234 -3.69 -2.93 -19.55
N ASP C 235 -4.52 -2.10 -20.17
CA ASP C 235 -5.42 -2.58 -21.26
C ASP C 235 -6.37 -3.67 -20.86
N GLY C 236 -6.67 -3.69 -19.53
CA GLY C 236 -7.73 -4.53 -18.93
C GLY C 236 -7.32 -5.97 -18.76
N LYS C 237 -6.06 -6.25 -19.07
CA LYS C 237 -5.57 -7.62 -19.21
C LYS C 237 -5.31 -8.34 -17.88
N LEU C 238 -5.06 -9.63 -18.03
CA LEU C 238 -4.78 -10.53 -16.95
C LEU C 238 -3.30 -10.94 -17.07
N LYS C 239 -2.54 -10.82 -15.99
CA LYS C 239 -1.12 -11.23 -16.00
C LYS C 239 -0.96 -12.63 -16.60
N TYR C 240 0.19 -12.84 -17.23
CA TYR C 240 0.56 -14.11 -17.78
C TYR C 240 2.08 -14.19 -17.83
N GLN C 241 2.60 -15.36 -18.21
CA GLN C 241 4.02 -15.51 -18.59
C GLN C 241 4.15 -16.22 -19.92
N VAL C 242 5.28 -16.05 -20.60
CA VAL C 242 5.54 -16.79 -21.84
C VAL C 242 6.56 -17.89 -21.54
N ILE C 243 6.23 -19.14 -21.87
CA ILE C 243 7.14 -20.28 -21.73
C ILE C 243 7.09 -21.07 -23.00
N GLY C 244 8.26 -21.36 -23.58
CA GLY C 244 8.34 -21.79 -24.97
C GLY C 244 7.87 -20.58 -25.73
N GLY C 245 7.13 -20.78 -26.80
CA GLY C 245 6.49 -19.62 -27.43
C GLY C 245 5.15 -19.29 -26.80
N GLU C 246 4.67 -20.13 -25.90
CA GLU C 246 3.26 -20.15 -25.58
C GLU C 246 2.86 -19.35 -24.33
N VAL C 247 1.66 -18.75 -24.36
CA VAL C 247 1.12 -17.98 -23.20
C VAL C 247 0.44 -18.87 -22.16
N TYR C 248 0.96 -18.82 -20.93
CA TYR C 248 0.42 -19.53 -19.79
C TYR C 248 0.11 -18.55 -18.63
N PRO C 249 -0.60 -19.01 -17.59
CA PRO C 249 -0.85 -18.18 -16.40
C PRO C 249 0.41 -17.87 -15.56
N PRO C 250 0.39 -16.77 -14.81
CA PRO C 250 1.57 -16.42 -14.06
C PRO C 250 1.75 -17.30 -12.85
N THR C 251 2.88 -17.10 -12.19
CA THR C 251 3.27 -17.91 -11.06
C THR C 251 2.70 -17.33 -9.77
N VAL C 252 2.63 -18.19 -8.74
CA VAL C 252 2.40 -17.77 -7.37
C VAL C 252 3.51 -16.89 -6.87
N LYS C 253 4.76 -17.17 -7.25
CA LYS C 253 5.90 -16.33 -6.83
C LYS C 253 5.68 -14.87 -7.31
N ASP C 254 5.29 -14.74 -8.58
CA ASP C 254 5.11 -13.42 -9.20
C ASP C 254 3.84 -12.69 -8.70
N THR C 255 2.73 -13.39 -8.58
CA THR C 255 1.46 -12.76 -8.22
C THR C 255 1.13 -12.70 -6.73
N GLN C 256 1.70 -13.61 -5.94
CA GLN C 256 1.30 -13.84 -4.54
C GLN C 256 -0.13 -14.38 -4.31
N VAL C 257 -0.79 -14.93 -5.31
CA VAL C 257 -2.12 -15.46 -5.05
C VAL C 257 -1.96 -16.83 -4.38
N GLU C 258 -2.83 -17.15 -3.42
CA GLU C 258 -2.82 -18.48 -2.79
C GLU C 258 -3.29 -19.56 -3.76
N MET C 259 -2.54 -20.64 -3.83
CA MET C 259 -2.94 -21.79 -4.61
C MET C 259 -2.63 -23.01 -3.76
N ILE C 260 -3.35 -24.10 -4.00
CA ILE C 260 -3.11 -25.39 -3.32
C ILE C 260 -2.23 -26.24 -4.23
N TYR C 261 -0.97 -26.41 -3.83
CA TYR C 261 -0.02 -27.31 -4.48
C TYR C 261 0.67 -28.18 -3.42
N PRO C 262 0.93 -29.47 -3.72
CA PRO C 262 1.73 -30.25 -2.77
C PRO C 262 3.15 -29.70 -2.69
N PRO C 263 3.83 -29.92 -1.54
CA PRO C 263 5.10 -29.22 -1.22
C PRO C 263 6.25 -29.50 -2.22
N HIS C 264 6.19 -30.60 -2.94
CA HIS C 264 7.25 -30.93 -3.87
C HIS C 264 7.19 -30.24 -5.22
N ILE C 265 6.33 -29.22 -5.37
CA ILE C 265 6.11 -28.61 -6.69
C ILE C 265 6.98 -27.35 -6.87
N PRO C 266 7.93 -27.37 -7.81
CA PRO C 266 8.86 -26.25 -7.98
C PRO C 266 8.12 -24.98 -8.26
N GLU C 267 8.68 -23.85 -7.87
CA GLU C 267 7.97 -22.58 -7.94
C GLU C 267 7.60 -22.07 -9.35
N ASN C 268 8.37 -22.49 -10.35
CA ASN C 268 8.09 -22.11 -11.74
C ASN C 268 6.85 -22.80 -12.29
N LEU C 269 6.47 -23.92 -11.67
CA LEU C 269 5.29 -24.70 -12.08
C LEU C 269 4.05 -24.40 -11.23
N GLN C 270 4.20 -23.61 -10.18
CA GLN C 270 3.06 -23.21 -9.36
C GLN C 270 2.26 -22.14 -10.08
N PHE C 271 1.38 -22.57 -10.99
CA PHE C 271 0.57 -21.60 -11.72
C PHE C 271 -0.51 -20.98 -10.83
N ALA C 272 -0.74 -19.68 -11.00
CA ALA C 272 -1.76 -18.94 -10.21
C ALA C 272 -2.98 -18.65 -11.09
N VAL C 273 -4.09 -19.32 -10.83
CA VAL C 273 -5.32 -19.06 -11.59
C VAL C 273 -6.34 -18.55 -10.59
N GLY C 274 -7.54 -18.23 -11.01
CA GLY C 274 -8.51 -17.63 -10.12
C GLY C 274 -9.17 -18.64 -9.22
N GLN C 275 -9.03 -19.91 -9.52
CA GLN C 275 -9.53 -20.97 -8.65
C GLN C 275 -8.36 -21.73 -8.06
N GLU C 276 -8.29 -21.74 -6.73
CA GLU C 276 -7.12 -22.24 -6.02
C GLU C 276 -6.85 -23.74 -6.16
N VAL C 277 -7.75 -24.46 -6.80
CA VAL C 277 -7.65 -25.90 -6.86
C VAL C 277 -7.21 -26.36 -8.24
N PHE C 278 -7.28 -25.48 -9.24
CA PHE C 278 -7.09 -25.87 -10.66
C PHE C 278 -5.66 -26.24 -11.05
N GLY C 279 -4.73 -26.07 -10.12
CA GLY C 279 -3.38 -26.53 -10.25
C GLY C 279 -3.30 -28.03 -10.20
N LEU C 280 -4.30 -28.68 -9.59
CA LEU C 280 -4.20 -30.09 -9.27
C LEU C 280 -4.55 -31.06 -10.41
N VAL C 281 -5.08 -30.57 -11.51
CA VAL C 281 -5.31 -31.44 -12.67
C VAL C 281 -4.90 -30.66 -13.92
N PRO C 282 -3.99 -31.19 -14.73
CA PRO C 282 -3.65 -30.55 -16.01
C PRO C 282 -4.85 -30.20 -16.86
N GLY C 283 -5.87 -31.04 -16.84
CA GLY C 283 -7.10 -30.78 -17.60
C GLY C 283 -7.71 -29.45 -17.26
N LEU C 284 -7.81 -29.18 -15.95
CA LEU C 284 -8.29 -27.92 -15.46
C LEU C 284 -7.37 -26.82 -15.98
N MET C 285 -6.10 -27.01 -15.73
CA MET C 285 -5.12 -25.97 -15.99
C MET C 285 -5.05 -25.66 -17.50
N MET C 286 -5.44 -26.63 -18.33
CA MET C 286 -5.62 -26.44 -19.80
C MET C 286 -6.73 -25.41 -20.09
N TYR C 287 -7.95 -25.69 -19.61
CA TYR C 287 -9.08 -24.76 -19.81
C TYR C 287 -8.79 -23.42 -19.15
N ALA C 288 -8.16 -23.44 -17.99
CA ALA C 288 -7.73 -22.20 -17.35
C ALA C 288 -6.89 -21.33 -18.32
N THR C 289 -6.01 -21.96 -19.06
CA THR C 289 -5.10 -21.23 -19.94
C THR C 289 -5.87 -20.69 -21.15
N ILE C 290 -6.67 -21.57 -21.78
CA ILE C 290 -7.55 -21.20 -22.87
C ILE C 290 -8.31 -19.91 -22.51
N TRP C 291 -9.01 -19.93 -21.37
CA TRP C 291 -9.82 -18.79 -20.90
C TRP C 291 -9.05 -17.57 -20.58
N LEU C 292 -7.87 -17.74 -20.02
CA LEU C 292 -6.96 -16.62 -19.80
C LEU C 292 -6.62 -15.99 -21.15
N ARG C 293 -6.25 -16.79 -22.13
CA ARG C 293 -5.93 -16.23 -23.45
C ARG C 293 -7.11 -15.46 -24.03
N GLU C 294 -8.29 -16.06 -23.90
CA GLU C 294 -9.50 -15.48 -24.40
C GLU C 294 -9.76 -14.12 -23.80
N HIS C 295 -9.64 -14.01 -22.48
CA HIS C 295 -9.87 -12.72 -21.82
C HIS C 295 -9.01 -11.61 -22.35
N ASN C 296 -7.73 -11.91 -22.56
CA ASN C 296 -6.77 -10.95 -23.10
C ASN C 296 -7.02 -10.65 -24.57
N ARG C 297 -7.36 -11.69 -25.32
CA ARG C 297 -7.74 -11.57 -26.73
C ARG C 297 -8.89 -10.55 -26.85
N VAL C 298 -9.89 -10.73 -25.98
CA VAL C 298 -11.04 -9.83 -26.01
C VAL C 298 -10.61 -8.43 -25.63
N CYS C 299 -9.64 -8.29 -24.72
CA CYS C 299 -9.08 -6.99 -24.37
C CYS C 299 -8.49 -6.27 -25.53
N ASP C 300 -7.82 -6.99 -26.44
CA ASP C 300 -7.26 -6.36 -27.65
C ASP C 300 -8.36 -5.87 -28.57
N ILE C 301 -9.39 -6.69 -28.72
CA ILE C 301 -10.53 -6.30 -29.54
C ILE C 301 -11.21 -5.04 -29.02
N LEU C 302 -11.50 -5.00 -27.72
CA LEU C 302 -12.18 -3.87 -27.09
C LEU C 302 -11.32 -2.61 -27.09
N LYS C 303 -10.01 -2.75 -26.93
CA LYS C 303 -9.08 -1.61 -27.09
C LYS C 303 -9.17 -0.99 -28.50
N GLN C 304 -9.27 -1.83 -29.50
CA GLN C 304 -9.28 -1.38 -30.89
C GLN C 304 -10.56 -0.59 -31.24
N GLU C 305 -11.67 -1.01 -30.65
CA GLU C 305 -12.96 -0.32 -30.78
C GLU C 305 -13.05 0.89 -29.86
N HIS C 306 -12.22 0.91 -28.80
CA HIS C 306 -12.30 1.94 -27.75
C HIS C 306 -10.95 2.43 -27.28
N PRO C 307 -10.22 3.17 -28.15
CA PRO C 307 -8.93 3.69 -27.71
C PRO C 307 -9.05 4.63 -26.53
N GLU C 308 -10.22 5.26 -26.37
CA GLU C 308 -10.49 6.11 -25.17
C GLU C 308 -10.61 5.38 -23.85
N TRP C 309 -10.64 4.06 -23.87
CA TRP C 309 -11.01 3.34 -22.66
C TRP C 309 -9.80 3.06 -21.84
N GLY C 310 -9.98 3.15 -20.52
CA GLY C 310 -8.91 2.88 -19.58
C GLY C 310 -8.86 1.42 -19.21
N ASP C 311 -7.99 1.08 -18.28
CA ASP C 311 -7.83 -0.32 -17.85
C ASP C 311 -9.06 -0.91 -17.11
N GLU C 312 -9.70 -0.17 -16.19
CA GLU C 312 -10.86 -0.73 -15.47
C GLU C 312 -11.93 -1.15 -16.42
N GLN C 313 -12.31 -0.26 -17.32
CA GLN C 313 -13.43 -0.54 -18.21
C GLN C 313 -13.14 -1.71 -19.12
N LEU C 314 -11.94 -1.78 -19.72
CA LEU C 314 -11.61 -2.91 -20.61
C LEU C 314 -11.73 -4.24 -19.86
N PHE C 315 -11.18 -4.30 -18.67
CA PHE C 315 -11.26 -5.50 -17.86
C PHE C 315 -12.68 -5.92 -17.50
N GLN C 316 -13.51 -4.94 -17.09
CA GLN C 316 -14.88 -5.26 -16.65
C GLN C 316 -15.70 -5.65 -17.83
N THR C 317 -15.58 -4.88 -18.93
CA THR C 317 -16.30 -5.25 -20.15
C THR C 317 -15.83 -6.60 -20.64
N SER C 318 -14.54 -6.89 -20.58
CA SER C 318 -14.09 -8.21 -21.11
C SER C 318 -14.74 -9.33 -20.33
N ARG C 319 -14.75 -9.19 -19.01
CA ARG C 319 -15.31 -10.16 -18.12
C ARG C 319 -16.78 -10.40 -18.43
N LEU C 320 -17.53 -9.35 -18.64
CA LEU C 320 -18.94 -9.52 -19.03
C LEU C 320 -19.08 -10.33 -20.33
N ILE C 321 -18.23 -10.04 -21.33
CA ILE C 321 -18.29 -10.77 -22.58
C ILE C 321 -18.01 -12.26 -22.33
N LEU C 322 -16.94 -12.58 -21.63
CA LEU C 322 -16.69 -13.98 -21.28
C LEU C 322 -17.82 -14.65 -20.43
N ILE C 323 -18.55 -13.89 -19.62
CA ILE C 323 -19.67 -14.53 -18.94
C ILE C 323 -20.68 -14.91 -20.01
N GLY C 324 -20.84 -14.01 -20.98
CA GLY C 324 -21.72 -14.25 -22.13
C GLY C 324 -21.25 -15.45 -22.96
N GLU C 325 -19.96 -15.51 -23.26
CA GLU C 325 -19.48 -16.66 -24.02
C GLU C 325 -19.72 -17.95 -23.24
N THR C 326 -19.36 -17.96 -21.96
CA THR C 326 -19.50 -19.15 -21.16
C THR C 326 -20.93 -19.68 -21.23
N ILE C 327 -21.93 -18.84 -20.99
CA ILE C 327 -23.32 -19.31 -21.04
C ILE C 327 -23.75 -19.82 -22.43
N LYS C 328 -23.26 -19.18 -23.47
CA LYS C 328 -23.59 -19.55 -24.83
C LYS C 328 -23.05 -20.94 -25.09
N ILE C 329 -21.77 -21.13 -24.79
CA ILE C 329 -21.13 -22.41 -25.04
C ILE C 329 -21.75 -23.46 -24.14
N VAL C 330 -22.01 -23.11 -22.88
CA VAL C 330 -22.60 -24.08 -21.97
C VAL C 330 -23.95 -24.56 -22.52
N ILE C 331 -24.79 -23.67 -23.05
CA ILE C 331 -26.09 -24.14 -23.59
C ILE C 331 -26.03 -24.81 -24.96
N GLU C 332 -25.48 -24.13 -25.95
CA GLU C 332 -25.53 -24.63 -27.32
C GLU C 332 -24.52 -25.74 -27.69
N ASP C 333 -23.47 -25.97 -26.91
CA ASP C 333 -22.55 -27.06 -27.21
C ASP C 333 -22.50 -28.12 -26.13
N TYR C 334 -22.27 -27.72 -24.90
CA TYR C 334 -22.10 -28.66 -23.77
C TYR C 334 -23.46 -29.33 -23.43
N VAL C 335 -24.46 -28.58 -22.99
CA VAL C 335 -25.77 -29.18 -22.72
C VAL C 335 -26.32 -29.86 -23.99
N GLN C 336 -26.28 -29.16 -25.11
CA GLN C 336 -26.66 -29.76 -26.40
C GLN C 336 -26.17 -31.20 -26.59
N HIS C 337 -24.87 -31.43 -26.40
CA HIS C 337 -24.27 -32.75 -26.58
C HIS C 337 -24.77 -33.72 -25.57
N LEU C 338 -24.70 -33.37 -24.27
CA LEU C 338 -25.05 -34.36 -23.22
C LEU C 338 -26.53 -34.68 -23.17
N SER C 339 -27.34 -33.85 -23.83
CA SER C 339 -28.77 -34.06 -23.90
C SER C 339 -29.13 -35.09 -24.97
N GLY C 340 -28.36 -35.07 -26.06
CA GLY C 340 -28.57 -35.99 -27.17
C GLY C 340 -29.70 -35.61 -28.12
N TYR C 341 -30.19 -34.37 -28.02
CA TYR C 341 -31.36 -33.94 -28.75
C TYR C 341 -30.95 -33.64 -30.17
N HIS C 342 -31.89 -33.86 -31.10
CA HIS C 342 -31.75 -33.40 -32.47
C HIS C 342 -32.20 -31.99 -32.58
N PHE C 343 -33.02 -31.56 -31.62
CA PHE C 343 -33.41 -30.18 -31.53
C PHE C 343 -32.24 -29.36 -31.02
N LYS C 344 -32.00 -28.24 -31.70
CA LYS C 344 -30.85 -27.39 -31.46
C LYS C 344 -31.20 -26.34 -30.42
N LEU C 345 -30.69 -26.53 -29.22
CA LEU C 345 -30.93 -25.63 -28.11
C LEU C 345 -30.31 -24.27 -28.41
N LYS C 346 -30.89 -23.23 -27.83
CA LYS C 346 -30.55 -21.86 -28.15
C LYS C 346 -30.32 -21.03 -26.86
N PHE C 347 -29.30 -20.17 -26.90
CA PHE C 347 -29.08 -19.16 -25.87
C PHE C 347 -29.59 -17.84 -26.39
N ASP C 348 -30.70 -17.39 -25.86
CA ASP C 348 -31.30 -16.14 -26.32
C ASP C 348 -32.10 -15.64 -25.16
N PRO C 349 -31.56 -14.66 -24.44
CA PRO C 349 -32.29 -14.07 -23.34
C PRO C 349 -33.68 -13.52 -23.67
N GLU C 350 -33.89 -13.04 -24.91
CA GLU C 350 -35.17 -12.40 -25.29
C GLU C 350 -36.37 -13.32 -25.11
N LEU C 351 -36.15 -14.61 -25.27
CA LEU C 351 -37.21 -15.60 -25.11
C LEU C 351 -37.97 -15.41 -23.78
N LEU C 352 -37.28 -14.96 -22.73
CA LEU C 352 -37.89 -14.79 -21.40
C LEU C 352 -38.33 -13.37 -21.06
N PHE C 353 -38.26 -12.44 -22.04
CA PHE C 353 -38.64 -11.03 -21.83
C PHE C 353 -40.14 -10.76 -21.71
N ASN C 354 -40.96 -11.63 -22.30
CA ASN C 354 -42.40 -11.61 -22.01
C ASN C 354 -42.85 -12.83 -21.19
N GLN C 355 -41.97 -13.32 -20.32
CA GLN C 355 -42.29 -14.44 -19.45
C GLN C 355 -42.04 -14.02 -18.02
N GLN C 356 -42.69 -14.73 -17.09
CA GLN C 356 -42.43 -14.57 -15.67
C GLN C 356 -41.18 -15.36 -15.34
N PHE C 357 -40.15 -14.66 -14.88
CA PHE C 357 -38.89 -15.32 -14.60
C PHE C 357 -38.06 -14.54 -13.60
N GLN C 358 -37.39 -15.25 -12.70
CA GLN C 358 -36.56 -14.57 -11.69
C GLN C 358 -35.09 -14.55 -12.08
N TYR C 359 -34.57 -13.35 -12.34
CA TYR C 359 -33.15 -13.16 -12.65
C TYR C 359 -32.30 -13.17 -11.36
N GLN C 360 -32.28 -14.35 -10.72
CA GLN C 360 -31.50 -14.59 -9.55
C GLN C 360 -31.37 -16.09 -9.43
N ASN C 361 -30.39 -16.53 -8.63
CA ASN C 361 -30.13 -17.94 -8.39
C ASN C 361 -29.31 -18.17 -7.09
N ARG C 362 -29.44 -19.40 -6.59
CA ARG C 362 -28.71 -19.93 -5.49
C ARG C 362 -28.40 -21.41 -5.79
N ILE C 363 -27.13 -21.84 -5.68
CA ILE C 363 -26.86 -23.20 -6.07
C ILE C 363 -27.27 -24.17 -4.93
N ALA C 364 -27.81 -25.30 -5.37
CA ALA C 364 -28.47 -26.23 -4.53
C ALA C 364 -27.58 -27.42 -4.25
N SER C 365 -27.56 -27.87 -2.98
CA SER C 365 -26.74 -29.00 -2.56
C SER C 365 -26.95 -30.17 -3.50
N GLU C 366 -28.20 -30.52 -3.73
CA GLU C 366 -28.54 -31.64 -4.60
C GLU C 366 -27.88 -31.49 -5.96
N PHE C 367 -27.81 -30.27 -6.48
CA PHE C 367 -27.19 -30.03 -7.77
C PHE C 367 -25.71 -30.36 -7.70
N ASN C 368 -25.00 -29.84 -6.70
CA ASN C 368 -23.62 -30.23 -6.44
C ASN C 368 -23.51 -31.77 -6.31
N THR C 369 -24.28 -32.38 -5.41
CA THR C 369 -24.26 -33.84 -5.26
C THR C 369 -24.46 -34.54 -6.61
N LEU C 370 -25.47 -34.16 -7.38
CA LEU C 370 -25.76 -34.90 -8.63
C LEU C 370 -24.67 -34.75 -9.69
N TYR C 371 -23.90 -33.66 -9.60
CA TYR C 371 -22.88 -33.33 -10.62
C TYR C 371 -21.50 -33.97 -10.38
N HIS C 372 -21.40 -34.88 -9.42
CA HIS C 372 -20.16 -35.64 -9.17
C HIS C 372 -20.07 -36.75 -10.18
N TRP C 373 -19.57 -36.40 -11.36
CA TRP C 373 -19.53 -37.28 -12.52
C TRP C 373 -18.22 -37.97 -12.71
N HIS C 374 -17.67 -38.53 -11.65
CA HIS C 374 -16.37 -39.16 -11.71
C HIS C 374 -16.27 -40.40 -12.54
N PRO C 375 -17.39 -41.12 -12.74
CA PRO C 375 -17.22 -42.22 -13.71
C PRO C 375 -16.80 -41.74 -15.11
N LEU C 376 -16.90 -40.45 -15.42
CA LEU C 376 -16.36 -39.93 -16.68
C LEU C 376 -14.88 -40.32 -16.87
N LEU C 377 -14.13 -40.33 -15.77
CA LEU C 377 -12.68 -40.47 -15.82
C LEU C 377 -12.23 -41.87 -16.30
N PRO C 378 -11.20 -41.93 -17.16
CA PRO C 378 -10.65 -43.19 -17.63
C PRO C 378 -9.65 -43.80 -16.67
N ASP C 379 -9.07 -44.94 -17.08
CA ASP C 379 -8.08 -45.66 -16.26
C ASP C 379 -6.73 -45.00 -16.36
N THR C 380 -6.44 -44.53 -17.58
CA THR C 380 -5.25 -43.76 -17.93
C THR C 380 -5.61 -42.50 -18.74
N PHE C 381 -4.83 -41.44 -18.56
CA PHE C 381 -5.03 -40.24 -19.36
C PHE C 381 -4.09 -40.19 -20.56
N ASN C 382 -4.64 -40.35 -21.75
CA ASN C 382 -3.81 -40.64 -22.91
C ASN C 382 -3.54 -39.38 -23.64
N ILE C 383 -2.34 -38.82 -23.48
CA ILE C 383 -2.03 -37.54 -24.14
C ILE C 383 -1.46 -37.80 -25.52
N GLU C 384 -0.21 -37.77 -25.81
CA GLU C 384 0.18 -37.98 -27.21
C GLU C 384 0.42 -39.47 -27.46
N ASP C 385 1.66 -39.87 -27.33
CA ASP C 385 2.04 -41.26 -27.41
C ASP C 385 2.06 -41.83 -26.00
N GLN C 386 1.49 -41.11 -25.01
CA GLN C 386 1.62 -41.51 -23.61
C GLN C 386 0.32 -41.98 -23.01
N GLU C 387 0.46 -42.66 -21.89
CA GLU C 387 -0.66 -43.14 -21.08
C GLU C 387 -0.28 -42.93 -19.64
N TYR C 388 -0.74 -41.82 -19.05
CA TYR C 388 -0.38 -41.44 -17.70
C TYR C 388 -1.41 -41.98 -16.74
N SER C 389 -0.92 -42.59 -15.67
CA SER C 389 -1.76 -43.02 -14.55
C SER C 389 -2.24 -41.80 -13.79
N PHE C 390 -3.19 -42.03 -12.89
CA PHE C 390 -3.66 -40.96 -12.01
C PHE C 390 -2.53 -40.36 -11.20
N LYS C 391 -1.71 -41.23 -10.61
CA LYS C 391 -0.59 -40.78 -9.80
C LYS C 391 0.33 -39.87 -10.62
N GLN C 392 0.64 -40.28 -11.84
CA GLN C 392 1.50 -39.50 -12.74
C GLN C 392 0.85 -38.18 -13.17
N PHE C 393 -0.48 -38.16 -13.33
CA PHE C 393 -1.18 -37.01 -13.91
C PHE C 393 -1.43 -35.87 -12.95
N LEU C 394 -1.89 -36.21 -11.75
CA LEU C 394 -2.36 -35.22 -10.82
C LEU C 394 -1.22 -34.30 -10.38
N TYR C 395 -1.58 -33.06 -10.07
CA TYR C 395 -0.62 -32.03 -9.69
C TYR C 395 0.65 -32.00 -10.54
N ASN C 396 0.57 -32.44 -11.80
CA ASN C 396 1.75 -32.53 -12.66
C ASN C 396 1.60 -31.69 -13.95
N ASN C 397 1.81 -30.38 -13.82
CA ASN C 397 1.64 -29.44 -14.91
C ASN C 397 2.75 -29.49 -15.96
N SER C 398 3.88 -30.10 -15.62
CA SER C 398 4.95 -30.22 -16.60
C SER C 398 4.46 -31.02 -17.83
N ILE C 399 3.54 -31.95 -17.62
CA ILE C 399 2.90 -32.67 -18.71
C ILE C 399 2.26 -31.68 -19.67
N LEU C 400 1.54 -30.71 -19.10
CA LEU C 400 0.94 -29.64 -19.89
C LEU C 400 2.02 -28.89 -20.64
N LEU C 401 3.12 -28.56 -19.96
CA LEU C 401 4.24 -27.88 -20.63
C LEU C 401 4.93 -28.75 -21.69
N GLU C 402 5.12 -30.03 -21.40
CA GLU C 402 5.87 -30.91 -22.31
C GLU C 402 5.14 -31.05 -23.66
N HIS C 403 3.83 -31.26 -23.60
CA HIS C 403 3.05 -31.50 -24.82
C HIS C 403 2.47 -30.26 -25.42
N GLY C 404 2.11 -29.29 -24.59
CA GLY C 404 1.51 -28.07 -25.05
C GLY C 404 0.00 -28.17 -25.19
N LEU C 405 -0.67 -27.03 -25.28
CA LEU C 405 -2.12 -26.98 -25.42
C LEU C 405 -2.65 -27.72 -26.64
N THR C 406 -2.01 -27.53 -27.79
CA THR C 406 -2.51 -28.14 -29.04
C THR C 406 -2.65 -29.68 -28.91
N GLN C 407 -1.58 -30.34 -28.48
CA GLN C 407 -1.64 -31.79 -28.30
C GLN C 407 -2.67 -32.22 -27.23
N PHE C 408 -2.88 -31.39 -26.22
CA PHE C 408 -3.89 -31.70 -25.21
C PHE C 408 -5.26 -31.75 -25.83
N VAL C 409 -5.62 -30.67 -26.53
CA VAL C 409 -6.87 -30.58 -27.25
C VAL C 409 -7.00 -31.73 -28.22
N GLU C 410 -5.95 -31.99 -29.00
CA GLU C 410 -6.06 -33.04 -30.01
C GLU C 410 -6.32 -34.39 -29.37
N SER C 411 -5.56 -34.71 -28.34
CA SER C 411 -5.67 -35.98 -27.65
C SER C 411 -6.96 -36.14 -26.86
N PHE C 412 -7.37 -35.09 -26.19
CA PHE C 412 -8.57 -35.16 -25.35
C PHE C 412 -9.85 -35.13 -26.13
N THR C 413 -9.82 -34.58 -27.35
CA THR C 413 -10.92 -34.74 -28.31
C THR C 413 -11.02 -36.21 -28.72
N ARG C 414 -9.88 -36.91 -28.83
CA ARG C 414 -9.83 -38.29 -29.33
C ARG C 414 -10.24 -39.36 -28.31
N GLN C 415 -9.94 -39.12 -27.02
CA GLN C 415 -10.13 -40.11 -25.95
C GLN C 415 -11.55 -40.13 -25.38
N ILE C 416 -12.28 -41.26 -25.47
CA ILE C 416 -13.66 -41.36 -24.86
C ILE C 416 -13.62 -41.36 -23.33
N ALA C 417 -14.67 -40.77 -22.76
CA ALA C 417 -14.90 -40.67 -21.33
C ALA C 417 -15.74 -41.85 -20.92
N GLY C 418 -15.89 -42.06 -19.61
CA GLY C 418 -16.71 -43.13 -19.10
C GLY C 418 -18.18 -42.77 -19.08
N ARG C 419 -19.02 -43.81 -19.22
CA ARG C 419 -20.46 -43.70 -18.98
C ARG C 419 -20.71 -43.49 -17.46
N VAL C 420 -21.62 -42.58 -17.13
CA VAL C 420 -21.91 -42.19 -15.75
C VAL C 420 -22.99 -43.01 -15.04
N ALA C 421 -24.19 -43.03 -15.63
CA ALA C 421 -25.26 -43.93 -15.22
C ALA C 421 -24.92 -45.35 -15.68
N GLY C 422 -25.73 -46.35 -15.30
CA GLY C 422 -25.47 -47.77 -15.70
C GLY C 422 -24.76 -48.65 -14.70
N GLY C 423 -24.13 -48.05 -13.69
CA GLY C 423 -23.49 -48.78 -12.59
C GLY C 423 -22.02 -49.12 -12.82
N ARG C 424 -21.29 -49.30 -11.70
CA ARG C 424 -19.95 -49.88 -11.70
C ARG C 424 -18.97 -49.21 -12.65
N ASN C 425 -18.89 -47.91 -12.63
CA ASN C 425 -17.90 -47.28 -13.45
C ASN C 425 -17.15 -46.15 -12.77
N VAL C 426 -17.17 -46.12 -11.44
CA VAL C 426 -16.32 -45.19 -10.70
C VAL C 426 -14.96 -45.81 -10.65
N PRO C 427 -13.94 -45.13 -11.20
CA PRO C 427 -12.58 -45.63 -11.07
C PRO C 427 -12.14 -45.74 -9.59
N ILE C 428 -11.43 -46.82 -9.28
CA ILE C 428 -10.85 -47.07 -7.94
C ILE C 428 -10.03 -45.92 -7.39
N ALA C 429 -9.28 -45.26 -8.27
CA ALA C 429 -8.44 -44.10 -7.91
C ALA C 429 -9.17 -42.97 -7.19
N VAL C 430 -10.49 -42.87 -7.34
CA VAL C 430 -11.24 -41.83 -6.63
C VAL C 430 -12.35 -42.44 -5.75
N GLN C 431 -12.12 -43.65 -5.26
CA GLN C 431 -13.14 -44.31 -4.46
C GLN C 431 -13.38 -43.52 -3.20
N ALA C 432 -12.33 -43.03 -2.57
CA ALA C 432 -12.51 -42.19 -1.39
C ALA C 432 -13.58 -41.11 -1.65
N VAL C 433 -13.64 -40.60 -2.89
CA VAL C 433 -14.49 -39.47 -3.26
C VAL C 433 -15.94 -39.86 -3.41
N ALA C 434 -16.22 -41.03 -3.97
CA ALA C 434 -17.62 -41.49 -4.09
C ALA C 434 -18.21 -41.95 -2.73
N LYS C 435 -17.35 -42.43 -1.81
CA LYS C 435 -17.81 -42.83 -0.49
C LYS C 435 -18.18 -41.58 0.25
N ALA C 436 -17.24 -40.62 0.24
CA ALA C 436 -17.47 -39.27 0.78
C ALA C 436 -18.81 -38.70 0.29
N SER C 437 -19.13 -38.89 -0.97
CA SER C 437 -20.39 -38.41 -1.50
C SER C 437 -21.61 -39.13 -0.90
N ILE C 438 -21.56 -40.46 -0.78
CA ILE C 438 -22.61 -41.18 -0.06
C ILE C 438 -22.68 -40.68 1.38
N ASP C 439 -21.54 -40.61 2.08
CA ASP C 439 -21.51 -40.25 3.52
C ASP C 439 -21.99 -38.82 3.87
N GLN C 440 -21.62 -37.84 3.05
CA GLN C 440 -22.01 -36.44 3.26
C GLN C 440 -23.47 -36.18 2.89
N SER C 441 -24.04 -36.94 1.94
CA SER C 441 -25.48 -36.87 1.66
C SER C 441 -26.22 -37.14 2.92
N ARG C 442 -25.86 -38.24 3.57
CA ARG C 442 -26.46 -38.70 4.84
C ARG C 442 -26.18 -37.74 5.96
N GLU C 443 -24.97 -37.22 6.00
CA GLU C 443 -24.60 -36.25 7.01
C GLU C 443 -25.54 -35.03 6.87
N MET C 444 -25.84 -34.66 5.64
CA MET C 444 -26.74 -33.53 5.39
C MET C 444 -28.22 -33.92 5.47
N LYS C 445 -28.53 -35.17 5.77
CA LYS C 445 -29.90 -35.64 5.96
C LYS C 445 -30.74 -35.51 4.66
N TYR C 446 -30.19 -35.96 3.55
CA TYR C 446 -30.95 -35.96 2.30
C TYR C 446 -32.16 -36.91 2.38
N GLN C 447 -33.29 -36.48 1.83
CA GLN C 447 -34.44 -37.38 1.62
C GLN C 447 -34.11 -38.48 0.61
N SER C 448 -35.02 -39.44 0.45
CA SER C 448 -34.78 -40.62 -0.36
C SER C 448 -34.85 -40.29 -1.82
N LEU C 449 -34.41 -41.23 -2.66
CA LEU C 449 -34.44 -41.07 -4.13
C LEU C 449 -35.84 -40.80 -4.65
N ASN C 450 -36.84 -41.48 -4.09
CA ASN C 450 -38.24 -41.36 -4.58
C ASN C 450 -38.90 -40.05 -4.14
N GLU C 451 -38.52 -39.53 -2.98
CA GLU C 451 -39.02 -38.24 -2.57
C GLU C 451 -38.54 -37.23 -3.58
N TYR C 452 -37.28 -37.34 -4.01
CA TYR C 452 -36.74 -36.44 -5.06
C TYR C 452 -37.38 -36.65 -6.41
N ARG C 453 -37.60 -37.90 -6.79
CA ARG C 453 -38.26 -38.16 -8.04
C ARG C 453 -39.63 -37.52 -8.03
N LYS C 454 -40.33 -37.68 -6.93
CA LYS C 454 -41.64 -37.06 -6.77
C LYS C 454 -41.56 -35.55 -6.95
N ARG C 455 -40.68 -34.93 -6.18
CA ARG C 455 -40.42 -33.48 -6.24
C ARG C 455 -40.19 -32.89 -7.66
N PHE C 456 -39.63 -33.69 -8.56
CA PHE C 456 -39.42 -33.26 -9.96
C PHE C 456 -40.36 -33.92 -10.95
N SER C 457 -41.53 -34.32 -10.47
CA SER C 457 -42.62 -34.84 -11.33
C SER C 457 -42.30 -36.19 -11.95
N LEU C 458 -41.75 -37.08 -11.15
CA LEU C 458 -41.34 -38.36 -11.67
C LEU C 458 -42.00 -39.49 -10.87
N LYS C 459 -42.37 -40.54 -11.59
CA LYS C 459 -42.91 -41.79 -11.01
C LYS C 459 -41.93 -42.44 -10.04
N PRO C 460 -42.32 -42.58 -8.76
CA PRO C 460 -41.43 -43.31 -7.85
C PRO C 460 -41.14 -44.70 -8.39
N TYR C 461 -39.92 -45.19 -8.21
CA TYR C 461 -39.57 -46.53 -8.65
C TYR C 461 -40.21 -47.51 -7.68
N THR C 462 -40.75 -48.59 -8.22
CA THR C 462 -41.53 -49.56 -7.44
C THR C 462 -40.71 -50.80 -7.13
N SER C 463 -39.50 -50.88 -7.70
CA SER C 463 -38.55 -51.95 -7.41
C SER C 463 -37.15 -51.54 -7.88
N PHE C 464 -36.11 -52.21 -7.35
CA PHE C 464 -34.71 -51.91 -7.67
C PHE C 464 -34.38 -52.31 -9.09
N GLU C 465 -35.10 -53.31 -9.58
CA GLU C 465 -34.88 -53.84 -10.91
C GLU C 465 -35.51 -52.89 -11.95
N GLU C 466 -36.53 -52.14 -11.54
CA GLU C 466 -37.05 -51.04 -12.34
C GLU C 466 -36.01 -49.93 -12.46
N LEU C 467 -35.36 -49.62 -11.33
CA LEU C 467 -34.32 -48.58 -11.24
C LEU C 467 -33.13 -48.86 -12.15
N THR C 468 -32.58 -50.06 -12.02
CA THR C 468 -31.35 -50.41 -12.72
C THR C 468 -31.57 -50.97 -14.12
N GLY C 469 -32.74 -51.55 -14.39
CA GLY C 469 -33.03 -52.20 -15.70
C GLY C 469 -32.38 -53.58 -15.91
N GLU C 470 -31.89 -54.18 -14.84
CA GLU C 470 -31.09 -55.39 -14.91
C GLU C 470 -31.20 -56.09 -13.55
N LYS C 471 -30.63 -57.29 -13.40
CA LYS C 471 -30.99 -58.14 -12.26
C LYS C 471 -29.99 -58.13 -11.11
N GLU C 472 -28.71 -58.02 -11.44
CA GLU C 472 -27.64 -58.37 -10.50
C GLU C 472 -27.29 -57.26 -9.53
N MET C 473 -27.11 -56.06 -10.05
CA MET C 473 -26.94 -54.90 -9.20
C MET C 473 -28.19 -54.76 -8.37
N ALA C 474 -29.36 -54.92 -9.01
CA ALA C 474 -30.65 -54.75 -8.34
C ALA C 474 -30.77 -55.63 -7.10
N ALA C 475 -30.41 -56.91 -7.27
CA ALA C 475 -30.40 -57.89 -6.19
C ALA C 475 -29.53 -57.46 -5.01
N GLU C 476 -28.32 -57.04 -5.36
CA GLU C 476 -27.36 -56.56 -4.39
C GLU C 476 -27.90 -55.35 -3.62
N LEU C 477 -28.55 -54.43 -4.33
CA LEU C 477 -29.16 -53.25 -3.70
C LEU C 477 -30.33 -53.58 -2.80
N LYS C 478 -31.07 -54.64 -3.16
CA LYS C 478 -32.26 -55.08 -2.41
C LYS C 478 -31.86 -55.72 -1.11
N ALA C 479 -30.74 -56.44 -1.12
CA ALA C 479 -30.21 -57.07 0.08
C ALA C 479 -29.69 -56.05 1.08
N LEU C 480 -29.31 -54.86 0.59
CA LEU C 480 -28.63 -53.86 1.40
C LEU C 480 -29.59 -52.84 2.01
N TYR C 481 -30.29 -52.10 1.16
CA TYR C 481 -31.48 -51.33 1.50
C TYR C 481 -32.50 -52.40 1.42
N SER C 482 -33.61 -52.31 2.14
CA SER C 482 -34.60 -53.39 1.96
C SER C 482 -35.73 -52.93 1.05
N ASP C 483 -36.13 -51.68 1.27
CA ASP C 483 -37.26 -51.08 0.59
C ASP C 483 -36.70 -50.11 -0.44
N ILE C 484 -37.30 -50.08 -1.64
CA ILE C 484 -36.94 -49.12 -2.70
C ILE C 484 -37.15 -47.66 -2.25
N ASP C 485 -38.19 -47.42 -1.44
CA ASP C 485 -38.47 -46.08 -0.91
C ASP C 485 -37.41 -45.58 0.09
N VAL C 486 -36.43 -46.44 0.40
CA VAL C 486 -35.32 -46.12 1.32
C VAL C 486 -33.97 -45.96 0.57
N MET C 487 -34.01 -46.11 -0.76
CA MET C 487 -32.83 -45.96 -1.61
C MET C 487 -32.39 -44.50 -1.60
N GLU C 488 -31.10 -44.25 -1.81
CA GLU C 488 -30.56 -42.87 -1.72
C GLU C 488 -30.31 -42.29 -3.10
N LEU C 489 -30.39 -40.96 -3.18
CA LEU C 489 -30.29 -40.30 -4.47
C LEU C 489 -28.98 -40.57 -5.21
N TYR C 490 -27.85 -40.23 -4.57
CA TYR C 490 -26.55 -40.29 -5.25
C TYR C 490 -26.24 -41.68 -5.83
N PRO C 491 -26.16 -42.70 -4.97
CA PRO C 491 -25.87 -44.01 -5.51
C PRO C 491 -26.80 -44.32 -6.65
N ALA C 492 -28.07 -44.00 -6.49
CA ALA C 492 -29.08 -44.28 -7.50
C ALA C 492 -28.76 -43.60 -8.83
N LEU C 493 -28.31 -42.36 -8.80
CA LEU C 493 -28.03 -41.66 -10.05
C LEU C 493 -27.00 -42.40 -10.92
N LEU C 494 -26.00 -43.05 -10.28
CA LEU C 494 -24.89 -43.73 -10.99
C LEU C 494 -25.17 -45.16 -11.37
N VAL C 495 -26.28 -45.69 -10.88
CA VAL C 495 -26.66 -47.10 -11.04
C VAL C 495 -27.90 -47.20 -11.95
N GLU C 496 -28.57 -46.08 -12.13
CA GLU C 496 -29.80 -45.99 -12.90
C GLU C 496 -29.70 -46.52 -14.34
N LYS C 497 -30.80 -47.09 -14.79
CA LYS C 497 -30.91 -47.57 -16.13
C LYS C 497 -30.70 -46.40 -17.07
N PRO C 498 -29.64 -46.44 -17.90
CA PRO C 498 -29.45 -45.36 -18.85
C PRO C 498 -30.53 -45.37 -19.89
N ARG C 499 -30.82 -44.20 -20.43
CA ARG C 499 -31.60 -44.11 -21.65
C ARG C 499 -30.82 -44.84 -22.76
N PRO C 500 -31.52 -45.25 -23.82
CA PRO C 500 -30.86 -46.09 -24.80
C PRO C 500 -29.62 -45.44 -25.37
N ASP C 501 -28.45 -46.05 -25.15
CA ASP C 501 -27.19 -45.55 -25.71
C ASP C 501 -26.87 -44.12 -25.24
N ALA C 502 -27.31 -43.83 -24.01
CA ALA C 502 -27.11 -42.50 -23.42
C ALA C 502 -26.22 -42.63 -22.19
N ILE C 503 -25.64 -41.49 -21.81
CA ILE C 503 -24.73 -41.42 -20.68
C ILE C 503 -25.46 -41.35 -19.30
N PHE C 504 -26.72 -40.89 -19.29
CA PHE C 504 -27.49 -40.62 -18.07
C PHE C 504 -28.86 -41.23 -18.08
N GLY C 505 -29.38 -41.53 -16.90
CA GLY C 505 -30.79 -41.93 -16.74
C GLY C 505 -31.74 -40.75 -16.57
N GLU C 506 -33.03 -41.06 -16.50
CA GLU C 506 -34.12 -40.08 -16.29
C GLU C 506 -33.90 -39.12 -15.09
N THR C 507 -33.54 -39.68 -13.91
CA THR C 507 -33.38 -38.87 -12.71
C THR C 507 -32.32 -37.78 -12.93
N MET C 508 -31.14 -38.20 -13.38
CA MET C 508 -30.06 -37.25 -13.65
C MET C 508 -30.53 -36.16 -14.59
N VAL C 509 -31.13 -36.49 -15.72
CA VAL C 509 -31.62 -35.41 -16.59
C VAL C 509 -32.70 -34.52 -15.94
N GLU C 510 -33.71 -35.13 -15.32
CA GLU C 510 -34.86 -34.35 -14.80
C GLU C 510 -34.62 -33.54 -13.55
N LEU C 511 -33.68 -33.94 -12.70
CA LEU C 511 -33.21 -33.06 -11.61
C LEU C 511 -32.25 -31.97 -12.12
N GLY C 512 -31.31 -32.37 -12.98
CA GLY C 512 -30.25 -31.49 -13.44
C GLY C 512 -30.73 -30.31 -14.27
N ALA C 513 -31.57 -30.60 -15.27
CA ALA C 513 -31.91 -29.59 -16.26
C ALA C 513 -32.51 -28.33 -15.62
N PRO C 514 -33.36 -28.49 -14.59
CA PRO C 514 -33.88 -27.29 -13.94
C PRO C 514 -32.83 -26.51 -13.14
N PHE C 515 -32.00 -27.19 -12.36
CA PHE C 515 -30.96 -26.47 -11.62
C PHE C 515 -30.00 -25.81 -12.59
N SER C 516 -29.70 -26.50 -13.68
CA SER C 516 -28.74 -25.99 -14.67
C SER C 516 -29.22 -24.74 -15.38
N LEU C 517 -30.45 -24.77 -15.92
CA LEU C 517 -30.93 -23.67 -16.75
C LEU C 517 -31.29 -22.39 -15.97
N LYS C 518 -31.61 -22.53 -14.67
CA LYS C 518 -31.84 -21.38 -13.81
C LYS C 518 -30.52 -20.68 -13.52
N GLY C 519 -29.49 -21.46 -13.27
CA GLY C 519 -28.17 -20.92 -13.06
C GLY C 519 -27.80 -20.10 -14.27
N LEU C 520 -27.85 -20.72 -15.44
CA LEU C 520 -27.47 -20.06 -16.69
C LEU C 520 -28.32 -18.81 -16.99
N MET C 521 -29.65 -18.94 -16.94
CA MET C 521 -30.53 -17.84 -17.36
C MET C 521 -30.83 -16.84 -16.25
N GLY C 522 -30.70 -17.28 -14.99
CA GLY C 522 -30.85 -16.40 -13.82
C GLY C 522 -29.73 -15.42 -13.58
N ASN C 523 -28.65 -15.55 -14.34
CA ASN C 523 -27.56 -14.58 -14.36
C ASN C 523 -28.07 -13.22 -14.80
N PRO C 524 -27.56 -12.14 -14.21
CA PRO C 524 -28.11 -10.85 -14.56
C PRO C 524 -27.85 -10.43 -16.01
N ILE C 525 -26.76 -10.85 -16.64
CA ILE C 525 -26.48 -10.37 -18.02
C ILE C 525 -27.64 -10.72 -18.99
N CYS C 526 -28.47 -11.69 -18.60
CA CYS C 526 -29.61 -12.15 -19.39
C CYS C 526 -30.88 -11.33 -19.19
N SER C 527 -30.83 -10.34 -18.31
CA SER C 527 -32.01 -9.54 -17.94
C SER C 527 -32.14 -8.41 -18.94
N PRO C 528 -33.37 -7.86 -19.10
CA PRO C 528 -33.62 -6.83 -20.10
C PRO C 528 -32.64 -5.68 -20.02
N GLN C 529 -32.33 -5.26 -18.80
CA GLN C 529 -31.57 -4.01 -18.61
C GLN C 529 -30.10 -4.17 -18.92
N TYR C 530 -29.64 -5.41 -19.05
CA TYR C 530 -28.25 -5.72 -19.32
C TYR C 530 -28.03 -6.11 -20.77
N TRP C 531 -28.94 -6.93 -21.30
CA TRP C 531 -28.79 -7.56 -22.62
C TRP C 531 -28.99 -6.63 -23.77
N LYS C 532 -28.00 -5.80 -24.01
CA LYS C 532 -28.03 -4.90 -25.11
C LYS C 532 -26.59 -4.54 -25.37
N PRO C 533 -26.23 -4.24 -26.64
CA PRO C 533 -24.85 -4.14 -27.10
C PRO C 533 -23.94 -3.26 -26.23
N SER C 534 -24.47 -2.16 -25.73
CA SER C 534 -23.63 -1.21 -25.01
C SER C 534 -23.03 -1.84 -23.76
N THR C 535 -23.78 -2.72 -23.11
CA THR C 535 -23.24 -3.44 -21.95
C THR C 535 -21.93 -4.17 -22.27
N PHE C 536 -21.77 -4.55 -23.54
CA PHE C 536 -20.62 -5.36 -23.97
C PHE C 536 -19.69 -4.57 -24.88
N GLY C 537 -19.75 -3.25 -24.78
CA GLY C 537 -18.86 -2.37 -25.54
C GLY C 537 -19.28 -2.18 -26.98
N GLY C 538 -20.57 -2.31 -27.25
CA GLY C 538 -21.11 -2.12 -28.57
C GLY C 538 -21.31 -3.41 -29.33
N GLU C 539 -21.56 -3.27 -30.63
CA GLU C 539 -22.14 -4.33 -31.45
C GLU C 539 -21.14 -5.47 -31.69
N VAL C 540 -19.87 -5.10 -31.83
CA VAL C 540 -18.79 -6.08 -32.03
C VAL C 540 -18.52 -6.93 -30.77
N GLY C 541 -18.55 -6.27 -29.61
CA GLY C 541 -18.53 -6.98 -28.31
C GLY C 541 -19.66 -7.99 -28.17
N PHE C 542 -20.88 -7.54 -28.44
CA PHE C 542 -22.08 -8.42 -28.42
C PHE C 542 -21.94 -9.60 -29.43
N LYS C 543 -21.43 -9.32 -30.63
CA LYS C 543 -21.25 -10.39 -31.60
C LYS C 543 -20.36 -11.50 -31.08
N ILE C 544 -19.37 -11.16 -30.23
CA ILE C 544 -18.46 -12.16 -29.64
C ILE C 544 -19.25 -13.13 -28.81
N ILE C 545 -20.21 -12.61 -28.04
CA ILE C 545 -21.07 -13.48 -27.25
C ILE C 545 -21.92 -14.34 -28.16
N ASN C 546 -22.61 -13.71 -29.09
CA ASN C 546 -23.66 -14.38 -29.86
C ASN C 546 -23.21 -15.35 -30.96
N THR C 547 -21.92 -15.34 -31.29
CA THR C 547 -21.32 -16.34 -32.17
C THR C 547 -20.31 -17.27 -31.46
N ALA C 548 -20.29 -17.25 -30.12
CA ALA C 548 -19.37 -18.12 -29.34
C ALA C 548 -19.71 -19.64 -29.47
N SER C 549 -18.65 -20.45 -29.48
CA SER C 549 -18.76 -21.90 -29.56
C SER C 549 -17.46 -22.51 -29.03
N ILE C 550 -17.50 -23.80 -28.64
CA ILE C 550 -16.30 -24.48 -28.18
C ILE C 550 -15.25 -24.59 -29.28
N GLN C 551 -15.65 -24.72 -30.55
CA GLN C 551 -14.65 -24.74 -31.62
C GLN C 551 -13.93 -23.40 -31.75
N SER C 552 -14.65 -22.29 -31.70
CA SER C 552 -14.01 -21.00 -31.92
C SER C 552 -13.34 -20.45 -30.63
N LEU C 553 -13.76 -20.95 -29.47
CA LEU C 553 -13.01 -20.68 -28.26
C LEU C 553 -11.61 -21.28 -28.38
N ILE C 554 -11.52 -22.50 -28.93
CA ILE C 554 -10.24 -23.17 -29.10
C ILE C 554 -9.50 -22.71 -30.35
N CYS C 555 -10.21 -22.45 -31.42
CA CYS C 555 -9.56 -21.97 -32.60
C CYS C 555 -8.77 -20.67 -32.34
N ASN C 556 -9.45 -19.69 -31.74
CA ASN C 556 -8.88 -18.34 -31.53
C ASN C 556 -7.70 -18.28 -30.55
N ASN C 557 -7.51 -19.34 -29.77
CA ASN C 557 -6.60 -19.30 -28.62
C ASN C 557 -5.62 -20.47 -28.52
N VAL C 558 -5.78 -21.49 -29.35
CA VAL C 558 -4.88 -22.63 -29.37
C VAL C 558 -4.13 -22.60 -30.71
N LYS C 559 -2.84 -22.94 -30.65
CA LYS C 559 -1.84 -22.78 -31.73
C LYS C 559 -2.22 -23.08 -33.20
N GLY C 560 -2.54 -24.24 -33.67
CA GLY C 560 -2.88 -24.42 -35.09
C GLY C 560 -4.35 -24.60 -35.36
N CYS C 561 -5.21 -23.85 -34.71
CA CYS C 561 -6.67 -24.03 -34.79
C CYS C 561 -7.13 -25.50 -34.92
N PRO C 562 -6.78 -26.35 -33.93
CA PRO C 562 -7.18 -27.76 -33.96
C PRO C 562 -8.67 -27.96 -33.86
N PHE C 563 -9.15 -29.02 -34.49
CA PHE C 563 -10.54 -29.40 -34.37
C PHE C 563 -10.76 -29.87 -32.92
N THR C 564 -11.86 -29.40 -32.30
CA THR C 564 -12.45 -30.05 -31.10
C THR C 564 -13.92 -30.24 -31.21
N SER C 565 -14.44 -30.91 -30.20
CA SER C 565 -15.83 -31.22 -30.05
C SER C 565 -15.95 -31.81 -28.65
N PHE C 566 -17.17 -32.04 -28.19
CA PHE C 566 -17.32 -32.74 -26.92
C PHE C 566 -17.49 -34.21 -27.19
N ASN C 567 -17.25 -34.60 -28.44
CA ASN C 567 -17.74 -35.84 -28.97
C ASN C 567 -16.70 -36.47 -29.85
N VAL C 568 -16.48 -37.77 -29.63
CA VAL C 568 -15.51 -38.58 -30.38
C VAL C 568 -15.99 -38.79 -31.82
N GLN C 569 -15.04 -38.70 -32.76
CA GLN C 569 -15.32 -38.62 -34.22
C GLN C 569 -14.99 -39.91 -35.01
N ALA D 18 -13.15 15.58 -21.43
CA ALA D 18 -12.77 14.78 -22.63
C ALA D 18 -13.87 13.79 -23.02
N ASN D 19 -14.49 13.19 -22.00
CA ASN D 19 -15.52 12.18 -22.19
C ASN D 19 -16.65 12.73 -23.04
N PRO D 20 -16.92 12.13 -24.22
CA PRO D 20 -17.99 12.63 -25.09
C PRO D 20 -19.41 12.39 -24.56
N CYS D 21 -19.54 11.62 -23.48
CA CYS D 21 -20.82 11.34 -22.83
C CYS D 21 -21.15 12.30 -21.69
N CYS D 22 -20.23 13.22 -21.37
CA CYS D 22 -20.42 14.16 -20.26
C CYS D 22 -21.70 14.97 -20.32
N SER D 23 -22.16 15.28 -21.52
CA SER D 23 -23.39 16.07 -21.69
C SER D 23 -24.71 15.27 -21.44
N ASN D 24 -24.59 13.98 -21.14
CA ASN D 24 -25.74 13.11 -20.97
C ASN D 24 -26.64 13.18 -22.19
N PRO D 25 -26.05 13.15 -23.38
CA PRO D 25 -26.85 13.43 -24.58
C PRO D 25 -28.05 12.52 -24.81
N CYS D 26 -28.00 11.23 -24.46
CA CYS D 26 -29.09 10.27 -24.78
C CYS D 26 -30.29 10.46 -23.88
N GLN D 27 -31.48 10.51 -24.46
CA GLN D 27 -32.71 10.67 -23.69
C GLN D 27 -33.47 9.35 -23.55
N ASN D 28 -34.60 9.41 -22.86
CA ASN D 28 -35.53 8.26 -22.71
C ASN D 28 -34.95 6.91 -22.30
N ARG D 29 -33.98 6.96 -21.38
CA ARG D 29 -33.38 5.79 -20.70
C ARG D 29 -32.44 4.98 -21.58
N GLY D 30 -31.89 5.64 -22.59
CA GLY D 30 -30.93 5.03 -23.46
C GLY D 30 -29.57 5.24 -22.89
N GLU D 31 -28.63 4.34 -23.20
CA GLU D 31 -27.30 4.33 -22.57
C GLU D 31 -26.24 4.94 -23.49
N CYS D 32 -25.45 5.88 -22.96
CA CYS D 32 -24.38 6.53 -23.73
C CYS D 32 -23.13 5.65 -23.71
N MET D 33 -22.43 5.61 -24.85
CA MET D 33 -21.19 4.85 -24.98
C MET D 33 -20.23 5.65 -25.84
N SER D 34 -18.99 5.76 -25.38
CA SER D 34 -17.94 6.45 -26.12
C SER D 34 -17.41 5.59 -27.24
N THR D 35 -17.27 6.18 -28.43
CA THR D 35 -16.76 5.46 -29.60
C THR D 35 -15.56 6.20 -30.24
N GLY D 36 -14.44 6.24 -29.53
CA GLY D 36 -13.32 7.13 -29.87
C GLY D 36 -13.41 8.38 -29.01
N PHE D 37 -12.36 9.21 -29.02
CA PHE D 37 -12.19 10.29 -28.04
C PHE D 37 -13.25 11.39 -28.11
N ASP D 38 -13.81 11.63 -29.29
CA ASP D 38 -14.70 12.79 -29.50
C ASP D 38 -16.12 12.43 -29.91
N GLN D 39 -16.41 11.15 -30.11
CA GLN D 39 -17.73 10.70 -30.55
C GLN D 39 -18.36 9.77 -29.51
N TYR D 40 -19.68 9.77 -29.49
CA TYR D 40 -20.47 8.86 -28.67
C TYR D 40 -21.46 8.10 -29.55
N LYS D 41 -22.14 7.14 -28.95
CA LYS D 41 -23.25 6.48 -29.61
C LYS D 41 -24.22 6.13 -28.51
N CYS D 42 -25.51 6.35 -28.75
CA CYS D 42 -26.55 5.90 -27.82
C CYS D 42 -27.09 4.54 -28.24
N ASP D 43 -27.36 3.70 -27.24
CA ASP D 43 -27.99 2.41 -27.46
C ASP D 43 -29.44 2.56 -27.09
N CYS D 44 -30.33 2.43 -28.06
CA CYS D 44 -31.76 2.73 -27.83
C CYS D 44 -32.63 1.51 -27.54
N THR D 45 -31.99 0.35 -27.35
CA THR D 45 -32.68 -0.92 -27.17
C THR D 45 -33.81 -0.82 -26.13
N ARG D 46 -35.00 -1.19 -26.60
CA ARG D 46 -36.25 -1.23 -25.82
C ARG D 46 -36.72 0.08 -25.21
N THR D 47 -36.13 1.22 -25.58
CA THR D 47 -36.53 2.49 -24.97
C THR D 47 -37.85 3.04 -25.54
N GLY D 48 -38.35 2.42 -26.61
CA GLY D 48 -39.49 2.95 -27.39
C GLY D 48 -39.17 4.11 -28.34
N PHE D 49 -37.87 4.38 -28.55
CA PHE D 49 -37.42 5.54 -29.32
C PHE D 49 -36.26 5.10 -30.16
N TYR D 50 -35.90 5.95 -31.14
CA TYR D 50 -34.67 5.72 -31.91
C TYR D 50 -34.06 7.04 -32.36
N GLY D 51 -32.92 6.95 -33.03
CA GLY D 51 -32.19 8.14 -33.51
C GLY D 51 -30.95 8.41 -32.70
N GLU D 52 -30.13 9.36 -33.13
CA GLU D 52 -28.82 9.55 -32.51
C GLU D 52 -28.85 9.64 -30.99
N ASN D 53 -29.89 10.27 -30.44
CA ASN D 53 -30.03 10.49 -29.00
C ASN D 53 -31.29 9.86 -28.39
N CYS D 54 -31.86 8.86 -29.06
CA CYS D 54 -33.15 8.26 -28.67
C CYS D 54 -34.27 9.30 -28.41
N THR D 55 -34.35 10.31 -29.26
CA THR D 55 -35.33 11.39 -29.11
C THR D 55 -36.53 11.21 -30.01
N THR D 56 -36.42 10.44 -31.08
CA THR D 56 -37.54 10.35 -32.02
C THR D 56 -38.35 9.05 -31.74
N PRO D 57 -39.65 9.20 -31.45
CA PRO D 57 -40.50 8.09 -30.97
C PRO D 57 -41.04 7.13 -32.01
N GLU D 58 -41.02 5.83 -31.69
CA GLU D 58 -41.71 4.84 -32.49
C GLU D 58 -43.17 5.24 -32.44
N PHE D 59 -44.01 4.64 -33.29
CA PHE D 59 -45.41 5.06 -33.41
C PHE D 59 -46.23 4.66 -32.16
N LEU D 60 -46.11 3.39 -31.76
CA LEU D 60 -46.74 2.87 -30.56
C LEU D 60 -46.46 3.78 -29.34
N THR D 61 -45.23 4.29 -29.25
CA THR D 61 -44.84 5.25 -28.23
C THR D 61 -45.60 6.57 -28.39
N ARG D 62 -45.70 7.06 -29.62
CA ARG D 62 -46.32 8.38 -29.90
C ARG D 62 -47.74 8.40 -29.33
N ILE D 63 -48.46 7.30 -29.56
CA ILE D 63 -49.78 7.09 -28.98
C ILE D 63 -49.76 7.19 -27.45
N LYS D 64 -48.84 6.46 -26.80
CA LYS D 64 -48.78 6.40 -25.32
C LYS D 64 -48.53 7.76 -24.70
N LEU D 65 -47.57 8.50 -25.23
CA LEU D 65 -47.32 9.86 -24.73
C LEU D 65 -48.49 10.85 -24.90
N LEU D 66 -49.43 10.56 -25.80
CA LEU D 66 -50.67 11.38 -25.93
C LEU D 66 -51.62 11.06 -24.79
N LEU D 67 -51.78 9.77 -24.52
CA LEU D 67 -52.76 9.27 -23.54
C LEU D 67 -52.26 9.27 -22.10
N LYS D 68 -50.98 9.58 -21.88
CA LYS D 68 -50.41 9.47 -20.53
C LYS D 68 -50.65 10.76 -19.72
N PRO D 69 -51.42 10.65 -18.61
CA PRO D 69 -51.69 11.83 -17.78
C PRO D 69 -50.44 12.23 -17.03
N THR D 70 -50.26 13.52 -16.78
CA THR D 70 -49.14 13.95 -15.97
C THR D 70 -49.31 13.53 -14.50
N PRO D 71 -48.19 13.44 -13.75
CA PRO D 71 -48.28 13.04 -12.35
C PRO D 71 -49.14 13.98 -11.51
N ASN D 72 -49.18 15.26 -11.84
CA ASN D 72 -50.02 16.19 -11.08
C ASN D 72 -51.49 16.00 -11.41
N THR D 73 -51.80 15.61 -12.65
CA THR D 73 -53.18 15.25 -13.02
C THR D 73 -53.65 14.02 -12.23
N VAL D 74 -52.85 12.97 -12.26
CA VAL D 74 -53.13 11.77 -11.47
C VAL D 74 -53.19 12.06 -9.96
N HIS D 75 -52.33 12.97 -9.50
CA HIS D 75 -52.35 13.35 -8.09
C HIS D 75 -53.66 14.01 -7.74
N TYR D 76 -54.08 14.97 -8.54
CA TYR D 76 -55.39 15.60 -8.37
C TYR D 76 -56.51 14.57 -8.26
N ILE D 77 -56.52 13.58 -9.16
CA ILE D 77 -57.61 12.59 -9.21
C ILE D 77 -57.61 11.76 -7.92
N LEU D 78 -56.40 11.43 -7.44
CA LEU D 78 -56.26 10.58 -6.24
C LEU D 78 -56.65 11.31 -4.94
N THR D 79 -56.51 12.64 -4.95
CA THR D 79 -56.77 13.48 -3.76
C THR D 79 -58.09 14.26 -3.83
N HIS D 80 -58.91 13.98 -4.86
CA HIS D 80 -60.28 14.51 -5.00
C HIS D 80 -61.30 13.42 -5.26
N PHE D 81 -62.59 13.81 -5.37
CA PHE D 81 -63.70 12.89 -5.60
C PHE D 81 -63.81 11.86 -4.49
N LYS D 82 -63.77 12.32 -3.25
CA LYS D 82 -63.76 11.44 -2.09
C LYS D 82 -64.94 10.50 -2.11
N GLY D 83 -66.08 10.99 -2.57
CA GLY D 83 -67.30 10.18 -2.73
C GLY D 83 -67.11 8.99 -3.66
N VAL D 84 -66.45 9.23 -4.79
CA VAL D 84 -66.18 8.15 -5.75
C VAL D 84 -65.27 7.11 -5.13
N TRP D 85 -64.27 7.54 -4.37
CA TRP D 85 -63.30 6.61 -3.81
C TRP D 85 -63.90 5.75 -2.73
N ASN D 86 -64.73 6.35 -1.88
CA ASN D 86 -65.52 5.62 -0.88
C ASN D 86 -66.21 4.42 -1.46
N ILE D 87 -66.71 4.52 -2.70
CA ILE D 87 -67.34 3.40 -3.42
C ILE D 87 -66.30 2.42 -3.94
N VAL D 88 -65.28 2.96 -4.62
CA VAL D 88 -64.17 2.15 -5.24
C VAL D 88 -63.35 1.34 -4.21
N ASN D 89 -63.08 1.92 -3.03
CA ASN D 89 -62.43 1.19 -1.95
C ASN D 89 -63.19 -0.01 -1.44
N ASN D 90 -64.50 -0.05 -1.68
CA ASN D 90 -65.39 -1.12 -1.17
C ASN D 90 -65.80 -2.16 -2.21
N ILE D 91 -65.28 -2.02 -3.44
CA ILE D 91 -65.40 -3.05 -4.46
C ILE D 91 -64.05 -3.76 -4.56
N PRO D 92 -63.89 -4.91 -3.89
CA PRO D 92 -62.58 -5.60 -3.91
C PRO D 92 -61.99 -5.81 -5.31
N PHE D 93 -62.81 -6.22 -6.27
CA PHE D 93 -62.38 -6.34 -7.68
C PHE D 93 -61.56 -5.13 -8.12
N LEU D 94 -62.05 -3.94 -7.78
CA LEU D 94 -61.50 -2.69 -8.32
C LEU D 94 -60.29 -2.12 -7.58
N ARG D 95 -60.40 -2.04 -6.27
CA ARG D 95 -59.29 -1.71 -5.41
C ARG D 95 -58.05 -2.53 -5.83
N SER D 96 -58.25 -3.84 -5.98
CA SER D 96 -57.21 -4.76 -6.47
C SER D 96 -56.67 -4.35 -7.86
N LEU D 97 -57.54 -4.04 -8.80
CA LEU D 97 -57.08 -3.67 -10.14
C LEU D 97 -56.22 -2.41 -10.12
N ILE D 98 -56.61 -1.41 -9.31
CA ILE D 98 -55.88 -0.12 -9.24
C ILE D 98 -54.52 -0.33 -8.55
N MET D 99 -54.53 -0.98 -7.38
CA MET D 99 -53.30 -1.15 -6.61
C MET D 99 -52.26 -1.85 -7.46
N LYS D 100 -52.72 -2.87 -8.17
CA LYS D 100 -51.87 -3.70 -9.04
C LYS D 100 -51.26 -2.84 -10.11
N TYR D 101 -51.99 -1.83 -10.55
CA TYR D 101 -51.46 -0.92 -11.54
C TYR D 101 -50.43 0.02 -10.89
N VAL D 102 -50.68 0.50 -9.66
CA VAL D 102 -49.66 1.34 -8.98
C VAL D 102 -48.39 0.53 -8.78
N LEU D 103 -48.50 -0.75 -8.43
CA LEU D 103 -47.33 -1.60 -8.22
C LEU D 103 -46.48 -1.84 -9.47
N THR D 104 -47.13 -2.26 -10.55
CA THR D 104 -46.41 -2.58 -11.79
C THR D 104 -45.88 -1.29 -12.45
N SER D 105 -46.70 -0.25 -12.47
CA SER D 105 -46.30 0.97 -13.15
C SER D 105 -45.14 1.61 -12.45
N ARG D 106 -45.20 1.68 -11.12
CA ARG D 106 -44.09 2.23 -10.30
C ARG D 106 -42.77 1.46 -10.43
N SER D 107 -42.84 0.15 -10.18
CA SER D 107 -41.66 -0.72 -10.16
C SER D 107 -40.89 -0.69 -11.47
N TYR D 108 -41.60 -0.56 -12.58
CA TYR D 108 -40.98 -0.54 -13.90
C TYR D 108 -39.95 0.58 -14.05
N LEU D 109 -40.08 1.64 -13.25
CA LEU D 109 -39.05 2.69 -13.21
C LEU D 109 -37.71 2.26 -12.59
N ILE D 110 -37.65 1.14 -11.90
CA ILE D 110 -36.41 0.74 -11.23
C ILE D 110 -35.69 -0.29 -12.09
N ASP D 111 -34.36 -0.24 -12.12
CA ASP D 111 -33.56 -1.26 -12.79
C ASP D 111 -33.31 -2.40 -11.84
N SER D 112 -33.86 -3.59 -12.15
CA SER D 112 -33.70 -4.78 -11.31
C SER D 112 -33.50 -6.02 -12.20
N PRO D 113 -32.31 -6.67 -12.16
CA PRO D 113 -31.13 -6.44 -11.27
C PRO D 113 -30.53 -5.06 -11.39
N PRO D 114 -29.79 -4.61 -10.35
CA PRO D 114 -29.28 -3.25 -10.37
C PRO D 114 -28.12 -3.05 -11.37
N THR D 115 -27.74 -1.79 -11.53
CA THR D 115 -26.76 -1.41 -12.57
C THR D 115 -25.54 -0.63 -12.06
N TYR D 116 -25.66 0.65 -11.73
CA TYR D 116 -24.49 1.44 -11.37
C TYR D 116 -24.25 1.63 -9.85
N ASN D 117 -23.03 2.07 -9.53
CA ASN D 117 -22.73 2.67 -8.23
C ASN D 117 -21.89 3.94 -8.39
N VAL D 118 -21.33 4.51 -7.30
CA VAL D 118 -20.48 5.73 -7.36
C VAL D 118 -19.28 5.58 -8.27
N HIS D 119 -18.73 4.38 -8.30
CA HIS D 119 -17.49 4.14 -9.01
C HIS D 119 -17.71 3.65 -10.38
N TYR D 120 -18.94 3.28 -10.73
CA TYR D 120 -19.19 2.66 -12.02
C TYR D 120 -20.32 3.30 -12.78
N GLY D 121 -19.95 4.04 -13.82
CA GLY D 121 -20.93 4.63 -14.74
C GLY D 121 -21.32 3.73 -15.90
N TYR D 122 -20.69 2.56 -15.98
CA TYR D 122 -20.98 1.58 -17.02
C TYR D 122 -21.38 0.35 -16.30
N LYS D 123 -22.15 -0.51 -16.96
CA LYS D 123 -22.52 -1.80 -16.37
C LYS D 123 -21.29 -2.64 -16.13
N SER D 124 -21.18 -3.22 -14.94
CA SER D 124 -19.97 -3.99 -14.58
C SER D 124 -20.27 -5.09 -13.57
N TRP D 125 -19.52 -6.17 -13.61
CA TRP D 125 -19.75 -7.23 -12.64
C TRP D 125 -19.41 -6.85 -11.21
N GLU D 126 -18.44 -5.96 -11.06
CA GLU D 126 -18.11 -5.45 -9.76
C GLU D 126 -19.30 -4.64 -9.28
N ALA D 127 -19.88 -3.83 -10.17
CA ALA D 127 -21.04 -3.02 -9.81
C ALA D 127 -22.19 -3.90 -9.34
N PHE D 128 -22.39 -5.00 -10.04
CA PHE D 128 -23.47 -5.87 -9.72
C PHE D 128 -23.21 -6.72 -8.49
N SER D 129 -22.05 -7.33 -8.34
CA SER D 129 -21.90 -8.35 -7.29
C SER D 129 -21.60 -7.74 -5.91
N ASN D 130 -21.03 -6.54 -5.86
CA ASN D 130 -20.56 -5.95 -4.61
C ASN D 130 -21.71 -5.26 -3.87
N LEU D 131 -22.15 -5.92 -2.80
CA LEU D 131 -23.27 -5.51 -2.03
C LEU D 131 -22.98 -4.38 -1.03
N SER D 132 -21.70 -3.99 -0.88
CA SER D 132 -21.28 -2.86 0.00
C SER D 132 -21.66 -1.48 -0.53
N TYR D 133 -21.91 -1.39 -1.83
CA TYR D 133 -22.28 -0.11 -2.46
C TYR D 133 -23.80 0.07 -2.48
N TYR D 134 -24.26 1.28 -2.23
CA TYR D 134 -25.61 1.61 -2.59
C TYR D 134 -25.57 1.57 -4.10
N THR D 135 -26.66 1.18 -4.72
CA THR D 135 -26.77 1.26 -6.18
C THR D 135 -27.20 2.64 -6.54
N ARG D 136 -27.54 2.84 -7.80
CA ARG D 136 -27.61 4.20 -8.29
C ARG D 136 -28.58 4.30 -9.51
N ALA D 137 -29.60 5.15 -9.41
CA ALA D 137 -30.62 5.24 -10.46
C ALA D 137 -30.06 5.93 -11.71
N LEU D 138 -29.19 6.90 -11.49
CA LEU D 138 -28.45 7.49 -12.60
C LEU D 138 -26.95 7.47 -12.33
N PRO D 139 -26.18 7.17 -13.38
CA PRO D 139 -24.75 7.09 -13.34
C PRO D 139 -24.06 8.34 -12.81
N PRO D 140 -22.92 8.16 -12.13
CA PRO D 140 -22.18 9.34 -11.77
C PRO D 140 -21.68 10.04 -13.01
N VAL D 141 -21.51 11.34 -12.88
CA VAL D 141 -20.74 12.15 -13.80
C VAL D 141 -19.29 11.67 -13.80
N ALA D 142 -18.72 11.44 -14.99
CA ALA D 142 -17.30 11.05 -15.09
C ALA D 142 -16.39 12.06 -14.42
N ASP D 143 -15.24 11.59 -13.96
CA ASP D 143 -14.29 12.46 -13.27
C ASP D 143 -13.64 13.47 -14.20
N ASP D 144 -13.51 13.14 -15.49
CA ASP D 144 -12.94 14.09 -16.45
C ASP D 144 -14.05 14.75 -17.25
N CYS D 145 -15.00 15.35 -16.56
CA CYS D 145 -15.96 16.19 -17.22
C CYS D 145 -15.60 17.63 -16.83
N PRO D 146 -15.72 18.56 -17.79
CA PRO D 146 -15.27 19.90 -17.47
C PRO D 146 -16.06 20.56 -16.32
N THR D 147 -17.27 20.09 -15.99
CA THR D 147 -18.07 20.67 -14.89
C THR D 147 -18.66 19.60 -13.96
N PRO D 148 -19.13 19.98 -12.76
CA PRO D 148 -19.57 19.00 -11.75
C PRO D 148 -20.87 18.28 -12.10
N MET D 149 -21.82 19.01 -12.68
CA MET D 149 -22.89 18.41 -13.51
C MET D 149 -22.06 18.19 -14.73
N GLY D 150 -22.52 17.51 -15.74
CA GLY D 150 -21.61 17.24 -16.89
C GLY D 150 -20.79 18.34 -17.60
N VAL D 151 -21.49 19.20 -18.33
CA VAL D 151 -20.85 20.20 -19.19
C VAL D 151 -21.42 21.63 -18.97
N LYS D 152 -22.58 21.74 -18.32
CA LYS D 152 -23.25 23.02 -17.99
C LYS D 152 -22.78 23.60 -16.66
N GLY D 153 -22.96 24.91 -16.51
CA GLY D 153 -22.57 25.60 -15.29
C GLY D 153 -21.10 25.96 -15.17
N ASN D 154 -20.75 26.60 -14.05
CA ASN D 154 -19.40 27.04 -13.80
C ASN D 154 -18.60 25.85 -13.25
N LYS D 155 -17.27 26.02 -13.18
CA LYS D 155 -16.35 24.96 -12.72
C LYS D 155 -16.68 24.48 -11.30
N GLU D 156 -17.15 25.35 -10.43
CA GLU D 156 -17.66 24.92 -9.13
C GLU D 156 -19.17 25.17 -8.99
N LEU D 157 -19.84 24.28 -8.27
CA LEU D 157 -21.18 24.56 -7.80
C LEU D 157 -21.13 25.64 -6.71
N PRO D 158 -22.24 26.34 -6.50
CA PRO D 158 -22.30 27.39 -5.49
C PRO D 158 -21.97 26.89 -4.08
N ASP D 159 -21.36 27.75 -3.29
CA ASP D 159 -20.95 27.42 -1.94
C ASP D 159 -22.10 26.73 -1.21
N SER D 160 -21.85 25.52 -0.74
CA SER D 160 -22.91 24.79 -0.04
C SER D 160 -23.47 25.56 1.20
N LYS D 161 -22.60 26.22 1.96
CA LYS D 161 -22.98 27.01 3.15
C LYS D 161 -24.02 28.07 2.80
N GLU D 162 -23.88 28.63 1.62
CA GLU D 162 -24.74 29.72 1.22
C GLU D 162 -26.10 29.22 0.75
N VAL D 163 -26.15 28.07 0.07
CA VAL D 163 -27.42 27.44 -0.33
C VAL D 163 -28.20 27.06 0.91
N LEU D 164 -27.48 26.46 1.87
CA LEU D 164 -28.00 26.08 3.18
C LEU D 164 -28.70 27.23 3.85
N GLU D 165 -27.99 28.35 3.96
CA GLU D 165 -28.48 29.49 4.72
C GLU D 165 -29.58 30.21 4.00
N LYS D 166 -29.43 30.42 2.69
CA LYS D 166 -30.34 31.23 1.94
C LYS D 166 -31.73 30.59 1.68
N VAL D 167 -31.79 29.26 1.56
CA VAL D 167 -33.08 28.58 1.23
C VAL D 167 -33.42 27.30 2.00
N LEU D 168 -32.57 26.87 2.92
CA LEU D 168 -32.87 25.63 3.59
C LEU D 168 -33.16 25.76 5.08
N LEU D 169 -32.51 26.71 5.74
CA LEU D 169 -32.67 26.90 7.18
C LEU D 169 -33.97 27.58 7.61
N ARG D 170 -34.46 27.18 8.78
CA ARG D 170 -35.77 27.54 9.28
C ARG D 170 -35.70 28.83 10.01
N ARG D 171 -36.53 29.78 9.60
CA ARG D 171 -36.63 31.05 10.30
C ARG D 171 -37.74 30.85 11.33
N GLU D 172 -38.95 30.61 10.83
CA GLU D 172 -40.08 30.22 11.67
C GLU D 172 -40.49 28.82 11.33
N PHE D 173 -40.95 28.10 12.35
CA PHE D 173 -41.39 26.74 12.15
C PHE D 173 -42.54 26.70 11.19
N ILE D 174 -42.48 25.81 10.21
CA ILE D 174 -43.59 25.68 9.30
C ILE D 174 -44.17 24.32 9.58
N PRO D 175 -45.44 24.29 9.99
CA PRO D 175 -46.05 23.04 10.29
C PRO D 175 -46.44 22.39 9.00
N ASP D 176 -46.50 21.07 9.02
CA ASP D 176 -47.05 20.30 7.92
C ASP D 176 -48.57 20.49 7.82
N PRO D 177 -49.07 21.04 6.68
CA PRO D 177 -50.48 21.18 6.36
C PRO D 177 -51.25 19.88 6.28
N GLN D 178 -50.55 18.77 5.97
CA GLN D 178 -51.14 17.42 5.85
C GLN D 178 -51.31 16.74 7.25
N GLY D 179 -50.92 17.42 8.32
CA GLY D 179 -51.19 16.93 9.66
C GLY D 179 -50.23 15.89 10.20
N SER D 180 -49.10 15.68 9.52
CA SER D 180 -48.12 14.72 10.00
C SER D 180 -47.61 15.10 11.37
N ASN D 181 -47.52 14.11 12.27
CA ASN D 181 -47.18 14.33 13.67
C ASN D 181 -45.93 13.54 13.96
N MET D 182 -45.45 13.53 15.20
CA MET D 182 -44.16 12.88 15.53
C MET D 182 -44.15 11.34 15.52
N MET D 183 -45.29 10.70 15.70
CA MET D 183 -45.37 9.25 15.50
C MET D 183 -45.01 8.95 14.05
N PHE D 184 -45.52 9.77 13.13
CA PHE D 184 -45.11 9.65 11.74
C PHE D 184 -43.61 9.94 11.58
N ALA D 185 -43.12 11.03 12.16
CA ALA D 185 -41.71 11.36 11.90
C ALA D 185 -40.79 10.29 12.51
N PHE D 186 -40.96 9.89 13.75
CA PHE D 186 -40.01 8.88 14.29
C PHE D 186 -40.22 7.52 13.66
N PHE D 187 -41.36 7.31 13.02
CA PHE D 187 -41.58 6.06 12.34
C PHE D 187 -40.72 6.06 11.09
N ALA D 188 -40.81 7.13 10.28
CA ALA D 188 -39.92 7.26 9.12
C ALA D 188 -38.49 7.05 9.54
N GLN D 189 -38.04 7.73 10.60
CA GLN D 189 -36.66 7.51 11.11
C GLN D 189 -36.32 6.07 11.58
N HIS D 190 -37.20 5.46 12.30
CA HIS D 190 -36.95 4.11 12.75
C HIS D 190 -36.86 3.16 11.58
N PHE D 191 -37.91 3.09 10.77
CA PHE D 191 -38.03 2.09 9.69
C PHE D 191 -36.94 2.25 8.65
N THR D 192 -36.67 3.50 8.29
CA THR D 192 -35.73 3.76 7.21
C THR D 192 -34.35 3.40 7.66
N HIS D 193 -34.08 3.56 8.94
CA HIS D 193 -32.72 3.31 9.43
C HIS D 193 -32.31 1.85 9.46
N GLN D 194 -33.12 0.97 8.90
CA GLN D 194 -32.70 -0.40 8.70
C GLN D 194 -32.08 -0.59 7.33
N PHE D 195 -32.46 0.23 6.35
CA PHE D 195 -31.84 0.13 5.04
C PHE D 195 -30.91 1.26 4.67
N PHE D 196 -31.05 2.42 5.30
CA PHE D 196 -30.03 3.47 5.19
C PHE D 196 -29.05 3.36 6.37
N LYS D 197 -27.87 2.81 6.12
CA LYS D 197 -26.86 2.67 7.15
C LYS D 197 -25.54 2.95 6.52
N THR D 198 -25.24 4.20 6.23
CA THR D 198 -24.02 4.53 5.46
C THR D 198 -22.77 4.09 6.24
N ASP D 199 -21.83 3.50 5.50
CA ASP D 199 -20.56 2.99 5.99
C ASP D 199 -19.57 4.12 5.84
N HIS D 200 -19.46 4.96 6.86
CA HIS D 200 -18.68 6.18 6.75
C HIS D 200 -17.18 5.95 6.65
N LYS D 201 -16.70 4.84 7.21
CA LYS D 201 -15.32 4.42 6.99
C LYS D 201 -14.99 4.21 5.51
N ARG D 202 -15.92 3.61 4.75
CA ARG D 202 -15.75 3.39 3.30
C ARG D 202 -15.91 4.67 2.51
N GLY D 203 -16.88 5.47 2.92
CA GLY D 203 -17.31 6.62 2.15
C GLY D 203 -18.82 6.63 2.00
N PRO D 204 -19.39 7.80 1.64
CA PRO D 204 -20.82 7.83 1.34
C PRO D 204 -21.00 7.06 0.06
N GLY D 205 -22.15 6.49 -0.15
CA GLY D 205 -22.31 5.65 -1.34
C GLY D 205 -21.94 4.20 -1.10
N PHE D 206 -21.46 3.91 0.12
CA PHE D 206 -21.33 2.56 0.69
C PHE D 206 -22.26 2.36 1.91
N THR D 207 -22.82 1.16 2.01
CA THR D 207 -23.89 0.86 2.97
C THR D 207 -23.41 -0.26 3.87
N ARG D 208 -23.89 -0.26 5.11
CA ARG D 208 -23.58 -1.33 6.05
C ARG D 208 -24.72 -2.34 6.12
N GLY D 209 -25.88 -2.00 5.55
CA GLY D 209 -27.07 -2.89 5.48
C GLY D 209 -27.16 -3.77 4.23
N LEU D 210 -26.54 -4.94 4.31
CA LEU D 210 -26.37 -5.79 3.16
C LEU D 210 -27.64 -6.56 2.85
N GLY D 211 -28.69 -6.39 3.64
CA GLY D 211 -30.04 -6.91 3.28
C GLY D 211 -30.75 -6.16 2.14
N HIS D 212 -30.30 -4.94 1.91
CA HIS D 212 -30.85 -4.09 0.88
C HIS D 212 -32.34 -4.11 0.88
N GLY D 213 -32.91 -4.02 2.09
CA GLY D 213 -34.35 -4.01 2.27
C GLY D 213 -34.85 -4.20 3.69
N VAL D 214 -36.11 -4.53 3.78
CA VAL D 214 -36.77 -4.63 5.07
C VAL D 214 -36.43 -6.02 5.62
N ASP D 215 -35.40 -6.12 6.43
CA ASP D 215 -35.12 -7.39 7.12
C ASP D 215 -35.23 -7.29 8.65
N LEU D 216 -35.55 -6.11 9.13
CA LEU D 216 -35.63 -5.81 10.54
C LEU D 216 -34.32 -6.12 11.29
N ASN D 217 -33.21 -5.93 10.62
CA ASN D 217 -31.95 -5.94 11.34
C ASN D 217 -31.88 -4.86 12.40
N HIS D 218 -32.71 -3.82 12.30
CA HIS D 218 -32.68 -2.75 13.29
C HIS D 218 -33.26 -3.23 14.62
N ILE D 219 -34.05 -4.29 14.52
CA ILE D 219 -34.55 -4.99 15.69
C ILE D 219 -33.60 -6.11 16.08
N TYR D 220 -33.22 -6.93 15.12
CA TYR D 220 -32.56 -8.20 15.40
C TYR D 220 -31.05 -8.25 15.14
N GLY D 221 -30.48 -7.18 14.59
CA GLY D 221 -29.05 -7.11 14.30
C GLY D 221 -28.69 -7.57 12.89
N GLU D 222 -27.66 -6.96 12.34
CA GLU D 222 -27.18 -7.28 10.99
C GLU D 222 -26.42 -8.63 10.91
N THR D 223 -25.65 -8.94 11.94
CA THR D 223 -24.87 -10.18 11.93
C THR D 223 -25.45 -11.16 12.94
N LEU D 224 -25.20 -12.45 12.68
CA LEU D 224 -25.69 -13.55 13.54
C LEU D 224 -25.09 -13.39 14.94
N ASP D 225 -23.84 -13.01 15.02
CA ASP D 225 -23.14 -12.88 16.27
C ASP D 225 -23.90 -11.90 17.18
N ARG D 226 -24.31 -10.78 16.61
CA ARG D 226 -25.05 -9.76 17.35
C ARG D 226 -26.44 -10.27 17.70
N GLN D 227 -27.11 -10.92 16.76
CA GLN D 227 -28.46 -11.42 16.97
C GLN D 227 -28.50 -12.30 18.20
N HIS D 228 -27.54 -13.21 18.25
CA HIS D 228 -27.41 -14.16 19.36
C HIS D 228 -27.25 -13.47 20.72
N LYS D 229 -26.54 -12.35 20.75
CA LYS D 229 -26.36 -11.61 21.99
C LYS D 229 -27.64 -10.98 22.45
N LEU D 230 -28.52 -10.66 21.49
CA LEU D 230 -29.81 -9.99 21.76
C LEU D 230 -30.88 -11.00 22.13
N ARG D 231 -30.63 -12.28 21.85
CA ARG D 231 -31.63 -13.34 22.06
C ARG D 231 -31.57 -13.97 23.43
N LEU D 232 -32.75 -14.37 23.93
CA LEU D 232 -32.90 -15.02 25.23
C LEU D 232 -32.68 -16.54 25.14
N PHE D 233 -33.06 -17.13 24.02
CA PHE D 233 -32.97 -18.59 23.74
C PHE D 233 -33.96 -19.45 24.50
N LYS D 234 -35.06 -18.82 24.91
CA LYS D 234 -36.19 -19.48 25.56
C LYS D 234 -37.42 -18.95 24.85
N ASP D 235 -38.17 -19.86 24.24
CA ASP D 235 -39.46 -19.51 23.62
C ASP D 235 -39.36 -18.55 22.44
N GLY D 236 -38.18 -18.50 21.82
CA GLY D 236 -37.95 -17.67 20.63
C GLY D 236 -37.78 -16.19 20.95
N LYS D 237 -37.68 -15.89 22.24
CA LYS D 237 -37.74 -14.50 22.73
C LYS D 237 -36.45 -13.69 22.67
N LEU D 238 -36.61 -12.41 22.80
CA LEU D 238 -35.53 -11.46 22.66
C LEU D 238 -35.33 -10.91 24.06
N LYS D 239 -34.10 -10.95 24.57
CA LYS D 239 -33.82 -10.46 25.94
C LYS D 239 -34.49 -9.11 26.20
N TYR D 240 -34.90 -8.91 27.44
CA TYR D 240 -35.45 -7.62 27.86
C TYR D 240 -35.18 -7.39 29.37
N GLN D 241 -35.53 -6.20 29.87
CA GLN D 241 -35.54 -5.95 31.31
C GLN D 241 -36.86 -5.35 31.74
N VAL D 242 -37.21 -5.54 32.99
CA VAL D 242 -38.40 -4.90 33.56
C VAL D 242 -37.91 -3.76 34.45
N ILE D 243 -38.37 -2.54 34.14
CA ILE D 243 -38.05 -1.32 34.88
C ILE D 243 -39.37 -0.66 35.16
N GLY D 244 -39.63 -0.34 36.43
CA GLY D 244 -40.99 -0.01 36.86
C GLY D 244 -41.79 -1.27 36.63
N GLY D 245 -43.01 -1.13 36.17
CA GLY D 245 -43.74 -2.31 35.72
C GLY D 245 -43.43 -2.69 34.26
N GLU D 246 -42.68 -1.84 33.55
CA GLU D 246 -42.70 -1.85 32.09
C GLU D 246 -41.52 -2.65 31.49
N VAL D 247 -41.74 -3.23 30.31
CA VAL D 247 -40.70 -3.97 29.56
C VAL D 247 -39.89 -3.04 28.64
N TYR D 248 -38.58 -3.00 28.86
CA TYR D 248 -37.67 -2.24 28.00
C TYR D 248 -36.54 -3.15 27.50
N PRO D 249 -35.78 -2.67 26.49
CA PRO D 249 -34.65 -3.43 26.00
C PRO D 249 -33.55 -3.63 27.04
N PRO D 250 -32.75 -4.72 26.92
CA PRO D 250 -31.71 -4.97 27.88
C PRO D 250 -30.57 -3.99 27.74
N THR D 251 -29.59 -4.10 28.63
CA THR D 251 -28.49 -3.17 28.72
C THR D 251 -27.29 -3.64 27.89
N VAL D 252 -26.42 -2.70 27.53
CA VAL D 252 -25.13 -3.06 26.95
C VAL D 252 -24.29 -3.91 27.92
N LYS D 253 -24.31 -3.56 29.22
CA LYS D 253 -23.56 -4.32 30.24
C LYS D 253 -24.00 -5.77 30.33
N ASP D 254 -25.31 -6.01 30.33
CA ASP D 254 -25.87 -7.37 30.40
C ASP D 254 -25.63 -8.14 29.09
N THR D 255 -25.68 -7.50 27.93
CA THR D 255 -25.65 -8.24 26.66
C THR D 255 -24.33 -8.18 25.92
N GLN D 256 -23.51 -7.20 26.25
CA GLN D 256 -22.29 -6.93 25.50
C GLN D 256 -22.48 -6.52 24.01
N VAL D 257 -23.69 -6.17 23.55
CA VAL D 257 -23.85 -5.72 22.16
C VAL D 257 -23.36 -4.28 22.04
N GLU D 258 -22.60 -3.97 20.98
CA GLU D 258 -22.01 -2.62 20.77
C GLU D 258 -23.08 -1.58 20.48
N MET D 259 -23.02 -0.44 21.16
CA MET D 259 -23.96 0.67 20.94
C MET D 259 -23.20 1.97 20.98
N ILE D 260 -23.68 2.98 20.27
CA ILE D 260 -23.04 4.29 20.23
C ILE D 260 -23.71 5.21 21.24
N TYR D 261 -23.09 5.33 22.43
CA TYR D 261 -23.54 6.23 23.48
C TYR D 261 -22.40 7.15 23.91
N PRO D 262 -22.70 8.43 24.17
CA PRO D 262 -21.63 9.31 24.62
C PRO D 262 -21.12 8.82 25.95
N PRO D 263 -19.87 9.12 26.30
CA PRO D 263 -19.21 8.56 27.49
C PRO D 263 -19.89 8.85 28.83
N HIS D 264 -20.68 9.92 28.91
CA HIS D 264 -21.30 10.34 30.18
C HIS D 264 -22.57 9.63 30.50
N ILE D 265 -22.89 8.56 29.77
CA ILE D 265 -24.16 7.86 29.97
C ILE D 265 -23.98 6.68 30.92
N PRO D 266 -24.78 6.65 32.01
CA PRO D 266 -24.73 5.56 32.98
C PRO D 266 -25.19 4.23 32.37
N GLU D 267 -24.50 3.16 32.73
CA GLU D 267 -24.69 1.82 32.13
C GLU D 267 -26.13 1.23 32.19
N ASN D 268 -26.95 1.66 33.15
CA ASN D 268 -28.32 1.19 33.26
C ASN D 268 -29.22 1.75 32.15
N LEU D 269 -28.76 2.84 31.53
CA LEU D 269 -29.53 3.51 30.45
C LEU D 269 -28.93 3.24 29.07
N GLN D 270 -27.80 2.56 29.00
CA GLN D 270 -27.25 2.15 27.72
C GLN D 270 -28.02 0.97 27.25
N PHE D 271 -29.12 1.24 26.56
CA PHE D 271 -29.98 0.21 26.03
C PHE D 271 -29.34 -0.43 24.82
N ALA D 272 -29.59 -1.69 24.61
CA ALA D 272 -29.03 -2.40 23.50
C ALA D 272 -30.11 -2.86 22.54
N VAL D 273 -30.04 -2.39 21.30
CA VAL D 273 -31.15 -2.57 20.37
C VAL D 273 -30.95 -3.59 19.25
N GLY D 274 -29.95 -3.37 18.42
CA GLY D 274 -29.88 -4.07 17.15
C GLY D 274 -29.50 -3.17 16.04
N GLN D 275 -30.02 -1.96 16.07
CA GLN D 275 -29.39 -0.85 15.39
C GLN D 275 -28.62 0.01 16.42
N GLU D 276 -27.30 0.08 16.25
CA GLU D 276 -26.40 0.66 17.24
C GLU D 276 -26.56 2.13 17.47
N VAL D 277 -27.41 2.78 16.68
CA VAL D 277 -27.56 4.25 16.67
C VAL D 277 -28.80 4.71 17.45
N PHE D 278 -29.74 3.78 17.67
CA PHE D 278 -31.09 4.10 18.15
C PHE D 278 -31.10 4.58 19.59
N GLY D 279 -29.95 4.49 20.26
CA GLY D 279 -29.77 5.04 21.58
C GLY D 279 -29.75 6.55 21.55
N LEU D 280 -29.48 7.12 20.38
CA LEU D 280 -29.30 8.54 20.14
C LEU D 280 -30.52 9.37 20.34
N VAL D 281 -31.67 8.77 20.23
CA VAL D 281 -32.90 9.53 20.32
C VAL D 281 -33.94 8.72 21.02
N PRO D 282 -34.71 9.33 21.91
CA PRO D 282 -35.80 8.67 22.58
C PRO D 282 -36.91 8.22 21.67
N GLY D 283 -37.15 8.97 20.59
CA GLY D 283 -38.13 8.62 19.58
C GLY D 283 -37.84 7.31 18.86
N LEU D 284 -36.57 7.07 18.57
CA LEU D 284 -36.11 5.81 18.01
C LEU D 284 -36.25 4.65 19.02
N MET D 285 -35.85 4.93 20.26
CA MET D 285 -35.86 3.91 21.32
C MET D 285 -37.31 3.55 21.72
N MET D 286 -38.22 4.48 21.57
CA MET D 286 -39.65 4.18 21.75
C MET D 286 -40.09 3.06 20.79
N TYR D 287 -39.97 3.28 19.49
CA TYR D 287 -40.35 2.28 18.51
C TYR D 287 -39.53 1.02 18.69
N ALA D 288 -38.23 1.18 18.89
CA ALA D 288 -37.39 0.03 19.20
C ALA D 288 -37.96 -0.82 20.38
N THR D 289 -38.52 -0.19 21.42
CA THR D 289 -39.13 -0.92 22.54
C THR D 289 -40.47 -1.59 22.12
N ILE D 290 -41.31 -0.84 21.40
CA ILE D 290 -42.59 -1.36 20.91
C ILE D 290 -42.39 -2.65 20.09
N TRP D 291 -41.45 -2.65 19.16
CA TRP D 291 -41.22 -3.83 18.34
C TRP D 291 -40.64 -4.96 19.12
N LEU D 292 -39.77 -4.65 20.09
CA LEU D 292 -39.27 -5.66 21.03
C LEU D 292 -40.41 -6.36 21.80
N ARG D 293 -41.33 -5.57 22.33
CA ARG D 293 -42.54 -6.14 22.92
C ARG D 293 -43.34 -7.00 21.89
N GLU D 294 -43.50 -6.49 20.67
CA GLU D 294 -44.23 -7.19 19.63
C GLU D 294 -43.59 -8.51 19.27
N HIS D 295 -42.27 -8.54 19.21
CA HIS D 295 -41.66 -9.78 18.80
C HIS D 295 -41.94 -10.80 19.84
N ASN D 296 -41.83 -10.42 21.11
CA ASN D 296 -42.08 -11.34 22.21
C ASN D 296 -43.55 -11.65 22.36
N ARG D 297 -44.41 -10.66 22.14
CA ARG D 297 -45.84 -10.93 22.07
C ARG D 297 -46.16 -12.06 21.07
N VAL D 298 -45.62 -11.95 19.85
CA VAL D 298 -45.91 -12.90 18.79
C VAL D 298 -45.35 -14.28 19.13
N CYS D 299 -44.25 -14.30 19.89
CA CYS D 299 -43.70 -15.54 20.44
C CYS D 299 -44.69 -16.29 21.35
N ASP D 300 -45.37 -15.57 22.21
CA ASP D 300 -46.36 -16.23 23.04
C ASP D 300 -47.46 -16.83 22.20
N ILE D 301 -47.93 -16.11 21.19
CA ILE D 301 -49.01 -16.61 20.34
C ILE D 301 -48.54 -17.90 19.66
N LEU D 302 -47.35 -17.86 19.06
CA LEU D 302 -46.80 -19.00 18.30
C LEU D 302 -46.58 -20.22 19.20
N LYS D 303 -46.06 -20.02 20.41
CA LYS D 303 -45.87 -21.10 21.39
C LYS D 303 -47.18 -21.81 21.71
N GLN D 304 -48.25 -21.05 21.83
CA GLN D 304 -49.57 -21.56 22.12
C GLN D 304 -50.10 -22.38 20.97
N GLU D 305 -49.88 -21.91 19.75
CA GLU D 305 -50.22 -22.66 18.54
C GLU D 305 -49.33 -23.86 18.29
N HIS D 306 -48.13 -23.86 18.87
CA HIS D 306 -47.14 -24.87 18.58
C HIS D 306 -46.32 -25.26 19.80
N PRO D 307 -46.94 -25.91 20.81
CA PRO D 307 -46.14 -26.37 21.95
C PRO D 307 -44.96 -27.30 21.57
N GLU D 308 -45.05 -27.99 20.42
CA GLU D 308 -43.90 -28.79 19.86
C GLU D 308 -42.70 -28.00 19.37
N TRP D 309 -42.83 -26.70 19.24
CA TRP D 309 -41.79 -25.94 18.61
C TRP D 309 -40.72 -25.59 19.58
N GLY D 310 -39.49 -25.53 19.06
CA GLY D 310 -38.36 -25.06 19.84
C GLY D 310 -38.07 -23.58 19.65
N ASP D 311 -37.00 -23.13 20.30
CA ASP D 311 -36.60 -21.73 20.30
C ASP D 311 -36.21 -21.20 18.93
N GLU D 312 -35.40 -21.92 18.14
CA GLU D 312 -35.03 -21.39 16.81
C GLU D 312 -36.26 -21.09 15.99
N GLN D 313 -37.18 -22.05 15.92
CA GLN D 313 -38.37 -21.89 15.06
C GLN D 313 -39.37 -20.82 15.55
N LEU D 314 -39.60 -20.72 16.84
CA LEU D 314 -40.44 -19.64 17.34
C LEU D 314 -39.83 -18.30 16.99
N PHE D 315 -38.52 -18.18 17.18
CA PHE D 315 -37.82 -16.96 16.84
C PHE D 315 -37.81 -16.64 15.35
N GLN D 316 -37.48 -17.61 14.50
CA GLN D 316 -37.42 -17.34 13.07
C GLN D 316 -38.82 -17.07 12.49
N THR D 317 -39.82 -17.84 12.93
CA THR D 317 -41.20 -17.61 12.48
C THR D 317 -41.70 -16.26 12.99
N SER D 318 -41.30 -15.84 14.20
CA SER D 318 -41.73 -14.50 14.69
C SER D 318 -41.15 -13.37 13.85
N ARG D 319 -39.88 -13.48 13.53
CA ARG D 319 -39.22 -12.48 12.72
C ARG D 319 -39.88 -12.36 11.33
N LEU D 320 -40.24 -13.47 10.72
CA LEU D 320 -40.94 -13.44 9.45
C LEU D 320 -42.28 -12.75 9.54
N ILE D 321 -42.99 -12.97 10.65
CA ILE D 321 -44.28 -12.30 10.88
C ILE D 321 -44.10 -10.78 11.07
N LEU D 322 -43.16 -10.33 11.89
CA LEU D 322 -42.89 -8.88 12.01
C LEU D 322 -42.39 -8.26 10.68
N ILE D 323 -41.63 -9.00 9.88
CA ILE D 323 -41.30 -8.49 8.55
C ILE D 323 -42.62 -8.17 7.80
N GLY D 324 -43.57 -9.10 7.89
CA GLY D 324 -44.89 -8.91 7.31
C GLY D 324 -45.68 -7.75 7.90
N GLU D 325 -45.76 -7.68 9.22
CA GLU D 325 -46.48 -6.58 9.81
C GLU D 325 -45.85 -5.29 9.30
N THR D 326 -44.52 -5.23 9.31
CA THR D 326 -43.83 -4.01 8.96
C THR D 326 -44.24 -3.56 7.54
N ILE D 327 -44.20 -4.47 6.55
CA ILE D 327 -44.55 -4.10 5.15
C ILE D 327 -46.02 -3.62 5.07
N LYS D 328 -46.91 -4.30 5.81
CA LYS D 328 -48.36 -3.96 5.90
C LYS D 328 -48.61 -2.53 6.42
N ILE D 329 -48.05 -2.25 7.59
CA ILE D 329 -48.19 -0.94 8.20
C ILE D 329 -47.59 0.11 7.25
N VAL D 330 -46.42 -0.20 6.73
CA VAL D 330 -45.72 0.73 5.86
C VAL D 330 -46.57 1.11 4.63
N ILE D 331 -47.30 0.14 4.04
CA ILE D 331 -48.15 0.52 2.89
C ILE D 331 -49.50 1.14 3.32
N GLU D 332 -50.25 0.45 4.16
CA GLU D 332 -51.63 0.86 4.42
C GLU D 332 -51.83 1.98 5.45
N ASP D 333 -50.81 2.26 6.27
CA ASP D 333 -50.84 3.43 7.18
C ASP D 333 -49.84 4.55 6.82
N TYR D 334 -48.56 4.24 6.80
CA TYR D 334 -47.51 5.25 6.60
C TYR D 334 -47.57 5.78 5.17
N VAL D 335 -47.32 5.00 4.13
CA VAL D 335 -47.44 5.60 2.78
C VAL D 335 -48.86 6.14 2.55
N GLN D 336 -49.88 5.38 2.96
CA GLN D 336 -51.25 5.87 2.89
C GLN D 336 -51.34 7.32 3.35
N HIS D 337 -50.87 7.62 4.56
CA HIS D 337 -50.99 8.98 5.14
C HIS D 337 -50.24 10.03 4.40
N LEU D 338 -48.97 9.78 4.09
CA LEU D 338 -48.13 10.79 3.42
C LEU D 338 -48.56 10.99 1.96
N SER D 339 -49.32 10.05 1.39
CA SER D 339 -49.66 10.15 -0.03
C SER D 339 -50.75 11.17 -0.20
N GLY D 340 -51.66 11.17 0.77
CA GLY D 340 -52.82 12.09 0.79
C GLY D 340 -53.99 11.57 -0.03
N TYR D 341 -53.90 10.30 -0.47
CA TYR D 341 -54.89 9.70 -1.36
C TYR D 341 -56.15 9.27 -0.63
N HIS D 342 -57.30 9.41 -1.30
CA HIS D 342 -58.57 8.88 -0.79
C HIS D 342 -58.73 7.44 -1.18
N PHE D 343 -58.02 7.03 -2.24
CA PHE D 343 -57.93 5.62 -2.58
C PHE D 343 -57.09 4.95 -1.51
N LYS D 344 -57.54 3.78 -1.07
CA LYS D 344 -56.97 3.07 0.06
C LYS D 344 -55.99 2.06 -0.51
N LEU D 345 -54.71 2.36 -0.34
CA LEU D 345 -53.65 1.47 -0.76
C LEU D 345 -53.76 0.13 -0.04
N LYS D 346 -53.25 -0.93 -0.69
CA LYS D 346 -53.40 -2.28 -0.22
C LYS D 346 -52.06 -3.04 -0.26
N PHE D 347 -51.78 -3.80 0.79
CA PHE D 347 -50.65 -4.73 0.79
C PHE D 347 -51.25 -6.11 0.50
N ASP D 348 -50.92 -6.63 -0.67
CA ASP D 348 -51.39 -7.94 -1.06
C ASP D 348 -50.44 -8.51 -2.11
N PRO D 349 -49.53 -9.36 -1.67
CA PRO D 349 -48.60 -9.95 -2.60
C PRO D 349 -49.24 -10.57 -3.84
N GLU D 350 -50.47 -11.06 -3.73
CA GLU D 350 -51.12 -11.77 -4.83
C GLU D 350 -51.32 -10.93 -6.10
N LEU D 351 -51.44 -9.61 -5.94
CA LEU D 351 -51.61 -8.73 -7.08
C LEU D 351 -50.53 -8.87 -8.14
N LEU D 352 -49.33 -9.31 -7.71
CA LEU D 352 -48.18 -9.45 -8.60
C LEU D 352 -47.89 -10.89 -9.03
N PHE D 353 -48.72 -11.84 -8.62
CA PHE D 353 -48.47 -13.24 -8.97
C PHE D 353 -48.69 -13.54 -10.42
N ASN D 354 -49.56 -12.82 -11.11
CA ASN D 354 -49.64 -12.98 -12.59
C ASN D 354 -48.98 -11.81 -13.33
N GLN D 355 -47.97 -11.19 -12.71
CA GLN D 355 -47.27 -10.06 -13.30
C GLN D 355 -45.78 -10.32 -13.42
N GLN D 356 -45.11 -9.58 -14.30
CA GLN D 356 -43.67 -9.66 -14.38
C GLN D 356 -43.07 -8.82 -13.27
N PHE D 357 -42.31 -9.43 -12.37
CA PHE D 357 -41.76 -8.69 -11.24
C PHE D 357 -40.54 -9.37 -10.63
N GLN D 358 -39.54 -8.59 -10.25
CA GLN D 358 -38.34 -9.21 -9.68
C GLN D 358 -38.40 -9.15 -8.20
N TYR D 359 -38.50 -10.29 -7.54
CA TYR D 359 -38.46 -10.35 -6.09
C TYR D 359 -37.02 -10.24 -5.61
N GLN D 360 -36.46 -9.05 -5.72
CA GLN D 360 -35.11 -8.67 -5.26
C GLN D 360 -35.03 -7.13 -5.22
N ASN D 361 -34.07 -6.60 -4.45
CA ASN D 361 -33.93 -5.15 -4.33
C ASN D 361 -32.53 -4.73 -3.90
N ARG D 362 -32.16 -3.50 -4.23
CA ARG D 362 -30.93 -2.89 -3.79
C ARG D 362 -31.18 -1.43 -3.45
N ILE D 363 -30.83 -0.95 -2.25
CA ILE D 363 -31.25 0.42 -1.93
C ILE D 363 -30.29 1.41 -2.62
N ALA D 364 -30.88 2.50 -3.09
CA ALA D 364 -30.22 3.39 -4.03
C ALA D 364 -29.80 4.68 -3.33
N SER D 365 -28.63 5.18 -3.67
CA SER D 365 -28.10 6.34 -3.02
C SER D 365 -29.14 7.44 -3.03
N GLU D 366 -29.70 7.69 -4.20
CA GLU D 366 -30.70 8.77 -4.38
C GLU D 366 -31.90 8.64 -3.45
N PHE D 367 -32.30 7.41 -3.11
CA PHE D 367 -33.42 7.14 -2.21
C PHE D 367 -33.04 7.57 -0.81
N ASN D 368 -31.85 7.15 -0.36
CA ASN D 368 -31.26 7.64 0.87
C ASN D 368 -31.26 9.16 0.84
N THR D 369 -30.64 9.72 -0.17
CA THR D 369 -30.53 11.18 -0.30
C THR D 369 -31.86 11.92 -0.12
N LEU D 370 -32.87 11.47 -0.86
CA LEU D 370 -34.19 12.10 -0.85
C LEU D 370 -34.92 11.92 0.48
N TYR D 371 -34.60 10.85 1.19
CA TYR D 371 -35.34 10.53 2.41
C TYR D 371 -34.75 11.28 3.61
N HIS D 372 -33.86 12.23 3.37
CA HIS D 372 -33.40 13.15 4.42
C HIS D 372 -34.40 14.18 4.87
N TRP D 373 -35.43 13.69 5.56
CA TRP D 373 -36.58 14.50 5.90
C TRP D 373 -36.48 15.25 7.22
N HIS D 374 -35.39 15.96 7.43
CA HIS D 374 -35.19 16.63 8.72
C HIS D 374 -36.08 17.81 8.98
N PRO D 375 -36.59 18.45 7.91
CA PRO D 375 -37.54 19.48 8.25
C PRO D 375 -38.71 18.95 9.03
N LEU D 376 -38.91 17.64 9.09
CA LEU D 376 -40.02 17.12 9.90
C LEU D 376 -39.87 17.55 11.39
N LEU D 377 -38.63 17.70 11.86
CA LEU D 377 -38.37 17.87 13.28
C LEU D 377 -38.83 19.25 13.73
N PRO D 378 -39.34 19.38 14.97
CA PRO D 378 -39.78 20.68 15.51
C PRO D 378 -38.67 21.45 16.21
N ASP D 379 -39.00 22.63 16.75
CA ASP D 379 -38.05 23.41 17.51
C ASP D 379 -37.83 22.79 18.88
N THR D 380 -38.90 22.30 19.50
CA THR D 380 -38.81 21.61 20.80
C THR D 380 -39.54 20.28 20.71
N PHE D 381 -39.18 19.34 21.57
CA PHE D 381 -39.87 18.06 21.60
C PHE D 381 -40.82 18.01 22.80
N ASN D 382 -42.12 18.07 22.55
CA ASN D 382 -43.09 18.30 23.61
C ASN D 382 -43.72 17.02 24.07
N ILE D 383 -43.22 16.51 25.20
CA ILE D 383 -43.75 15.31 25.87
C ILE D 383 -44.44 15.68 27.19
N GLU D 384 -45.67 15.24 27.37
CA GLU D 384 -46.49 15.63 28.53
C GLU D 384 -46.52 17.15 28.77
N ASP D 385 -46.05 17.61 29.93
CA ASP D 385 -46.05 19.04 30.30
C ASP D 385 -44.73 19.73 29.95
N GLN D 386 -43.87 19.03 29.19
CA GLN D 386 -42.50 19.50 28.95
C GLN D 386 -42.26 19.91 27.50
N GLU D 387 -41.20 20.71 27.33
CA GLU D 387 -40.72 21.18 26.03
C GLU D 387 -39.19 21.00 26.01
N TYR D 388 -38.69 19.91 25.45
CA TYR D 388 -37.27 19.59 25.51
C TYR D 388 -36.58 20.12 24.25
N SER D 389 -35.46 20.80 24.48
CA SER D 389 -34.58 21.22 23.39
C SER D 389 -33.87 20.03 22.79
N PHE D 390 -33.35 20.20 21.59
CA PHE D 390 -32.57 19.16 20.98
C PHE D 390 -31.47 18.71 21.88
N LYS D 391 -30.80 19.65 22.54
CA LYS D 391 -29.68 19.32 23.42
C LYS D 391 -30.16 18.43 24.54
N GLN D 392 -31.30 18.77 25.12
CA GLN D 392 -31.84 18.02 26.26
C GLN D 392 -32.31 16.62 25.81
N PHE D 393 -32.82 16.53 24.58
CA PHE D 393 -33.53 15.33 24.10
C PHE D 393 -32.58 14.22 23.65
N LEU D 394 -31.51 14.60 22.96
CA LEU D 394 -30.58 13.64 22.38
C LEU D 394 -29.77 12.82 23.39
N TYR D 395 -29.64 11.55 23.09
CA TYR D 395 -28.94 10.63 23.92
C TYR D 395 -29.44 10.61 25.35
N ASN D 396 -30.70 10.95 25.55
CA ASN D 396 -31.25 11.07 26.91
C ASN D 396 -32.46 10.14 27.08
N ASN D 397 -32.20 8.87 27.35
CA ASN D 397 -33.28 7.88 27.49
C ASN D 397 -34.05 7.96 28.80
N SER D 398 -33.50 8.67 29.78
CA SER D 398 -34.21 8.83 31.05
C SER D 398 -35.54 9.51 30.84
N ILE D 399 -35.60 10.38 29.83
CA ILE D 399 -36.86 11.00 29.39
C ILE D 399 -37.90 9.91 29.06
N LEU D 400 -37.48 8.94 28.27
CA LEU D 400 -38.36 7.84 27.96
C LEU D 400 -38.79 7.12 29.22
N LEU D 401 -37.87 6.93 30.17
CA LEU D 401 -38.22 6.26 31.45
C LEU D 401 -39.07 7.11 32.36
N GLU D 402 -38.80 8.41 32.44
CA GLU D 402 -39.58 9.29 33.32
C GLU D 402 -41.06 9.28 32.93
N HIS D 403 -41.33 9.39 31.63
CA HIS D 403 -42.69 9.56 31.16
C HIS D 403 -43.38 8.29 30.75
N GLY D 404 -42.62 7.30 30.30
CA GLY D 404 -43.17 6.00 29.88
C GLY D 404 -43.63 6.00 28.43
N LEU D 405 -43.78 4.81 27.86
CA LEU D 405 -44.22 4.68 26.46
C LEU D 405 -45.59 5.29 26.21
N THR D 406 -46.53 5.09 27.12
CA THR D 406 -47.87 5.60 26.92
C THR D 406 -47.84 7.13 26.69
N GLN D 407 -47.25 7.89 27.60
CA GLN D 407 -47.23 9.34 27.43
C GLN D 407 -46.51 9.80 26.16
N PHE D 408 -45.53 9.02 25.71
CA PHE D 408 -44.84 9.32 24.44
C PHE D 408 -45.84 9.28 23.31
N VAL D 409 -46.47 8.13 23.16
CA VAL D 409 -47.46 7.85 22.14
C VAL D 409 -48.56 8.93 22.15
N GLU D 410 -48.95 9.32 23.34
CA GLU D 410 -49.98 10.31 23.47
C GLU D 410 -49.44 11.63 22.97
N SER D 411 -48.33 12.07 23.52
CA SER D 411 -47.78 13.37 23.18
C SER D 411 -47.36 13.47 21.75
N PHE D 412 -46.80 12.40 21.19
CA PHE D 412 -46.26 12.46 19.83
C PHE D 412 -47.34 12.37 18.75
N THR D 413 -48.48 11.75 19.09
CA THR D 413 -49.67 11.83 18.27
C THR D 413 -50.21 13.27 18.23
N ARG D 414 -49.92 13.98 19.31
CA ARG D 414 -50.48 15.30 19.62
C ARG D 414 -49.65 16.45 19.06
N GLN D 415 -48.38 16.19 18.78
CA GLN D 415 -47.48 17.21 18.25
C GLN D 415 -47.29 17.20 16.71
N ILE D 416 -47.62 18.28 15.99
CA ILE D 416 -47.34 18.37 14.52
C ILE D 416 -45.85 18.38 14.24
N ALA D 417 -45.52 17.72 13.14
CA ALA D 417 -44.21 17.72 12.54
C ALA D 417 -44.23 18.83 11.47
N GLY D 418 -43.04 19.21 11.01
CA GLY D 418 -42.84 20.27 10.03
C GLY D 418 -43.08 19.86 8.58
N ARG D 419 -43.42 20.84 7.75
CA ARG D 419 -43.49 20.65 6.31
C ARG D 419 -42.11 20.47 5.69
N VAL D 420 -41.95 19.48 4.82
CA VAL D 420 -40.64 19.18 4.27
C VAL D 420 -40.35 20.06 3.03
N ALA D 421 -41.18 19.97 1.99
CA ALA D 421 -41.03 20.83 0.80
C ALA D 421 -41.47 22.26 1.15
N GLY D 422 -41.25 23.21 0.26
CA GLY D 422 -41.65 24.61 0.54
C GLY D 422 -40.54 25.53 1.00
N GLY D 423 -39.42 24.93 1.38
CA GLY D 423 -38.23 25.73 1.69
C GLY D 423 -38.17 26.20 3.12
N ARG D 424 -36.96 26.51 3.54
CA ARG D 424 -36.69 27.19 4.79
C ARG D 424 -37.30 26.56 6.04
N ASN D 425 -37.19 25.26 6.17
CA ASN D 425 -37.71 24.61 7.34
C ASN D 425 -36.79 23.54 7.90
N VAL D 426 -35.49 23.60 7.55
CA VAL D 426 -34.47 22.78 8.24
C VAL D 426 -34.02 23.38 9.57
N PRO D 427 -34.17 22.63 10.68
CA PRO D 427 -33.85 23.23 12.00
C PRO D 427 -32.36 23.45 12.18
N ILE D 428 -32.03 24.57 12.80
CA ILE D 428 -30.66 24.97 12.96
C ILE D 428 -29.87 23.87 13.62
N ALA D 429 -30.47 23.26 14.64
CA ALA D 429 -29.80 22.24 15.45
C ALA D 429 -29.17 21.13 14.61
N VAL D 430 -29.63 20.98 13.36
CA VAL D 430 -29.10 19.95 12.45
C VAL D 430 -28.69 20.56 11.09
N GLN D 431 -28.22 21.80 11.12
CA GLN D 431 -27.74 22.41 9.89
C GLN D 431 -26.57 21.57 9.33
N ALA D 432 -25.66 21.11 10.22
CA ALA D 432 -24.49 20.32 9.78
C ALA D 432 -24.92 19.12 8.90
N VAL D 433 -26.06 18.54 9.27
CA VAL D 433 -26.60 17.38 8.56
C VAL D 433 -27.04 17.77 7.15
N ALA D 434 -27.74 18.89 7.00
CA ALA D 434 -28.15 19.38 5.67
C ALA D 434 -26.97 19.76 4.74
N LYS D 435 -25.92 20.34 5.30
CA LYS D 435 -24.79 20.76 4.51
C LYS D 435 -24.04 19.53 4.05
N ALA D 436 -23.84 18.60 4.97
CA ALA D 436 -23.27 17.30 4.64
C ALA D 436 -24.05 16.74 3.48
N SER D 437 -25.39 16.80 3.55
CA SER D 437 -26.19 16.22 2.50
C SER D 437 -25.81 16.84 1.18
N ILE D 438 -25.73 18.17 1.14
CA ILE D 438 -25.36 18.88 -0.09
C ILE D 438 -23.95 18.49 -0.52
N ASP D 439 -23.03 18.43 0.44
CA ASP D 439 -21.63 18.16 0.11
C ASP D 439 -21.39 16.74 -0.42
N GLN D 440 -22.06 15.76 0.17
CA GLN D 440 -21.85 14.36 -0.17
C GLN D 440 -22.50 13.93 -1.47
N SER D 441 -23.61 14.58 -1.84
CA SER D 441 -24.18 14.46 -3.21
C SER D 441 -23.11 14.72 -4.23
N ARG D 442 -22.48 15.89 -4.09
CA ARG D 442 -21.46 16.40 -5.00
C ARG D 442 -20.24 15.50 -5.01
N GLU D 443 -19.81 15.10 -3.82
CA GLU D 443 -18.70 14.18 -3.64
C GLU D 443 -19.01 12.86 -4.36
N MET D 444 -20.27 12.41 -4.33
CA MET D 444 -20.70 11.24 -5.10
C MET D 444 -21.02 11.54 -6.59
N LYS D 445 -20.78 12.76 -7.04
CA LYS D 445 -20.98 13.13 -8.45
C LYS D 445 -22.41 12.86 -8.92
N TYR D 446 -23.38 13.38 -8.19
CA TYR D 446 -24.78 13.25 -8.61
C TYR D 446 -25.02 14.04 -9.91
N GLN D 447 -25.86 13.53 -10.81
CA GLN D 447 -26.38 14.36 -11.90
C GLN D 447 -27.35 15.42 -11.35
N SER D 448 -27.71 16.40 -12.18
CA SER D 448 -28.51 17.57 -11.79
C SER D 448 -29.92 17.16 -11.44
N LEU D 449 -30.67 18.10 -10.84
CA LEU D 449 -32.10 17.88 -10.59
C LEU D 449 -32.88 17.47 -11.85
N ASN D 450 -32.69 18.19 -12.97
CA ASN D 450 -33.48 17.92 -14.18
C ASN D 450 -33.20 16.57 -14.85
N GLU D 451 -31.95 16.11 -14.80
CA GLU D 451 -31.63 14.75 -15.32
C GLU D 451 -32.40 13.65 -14.53
N TYR D 452 -32.52 13.81 -13.21
CA TYR D 452 -33.31 12.90 -12.39
C TYR D 452 -34.79 13.00 -12.66
N ARG D 453 -35.28 14.22 -12.83
CA ARG D 453 -36.68 14.42 -13.23
C ARG D 453 -36.99 13.68 -14.54
N LYS D 454 -36.15 13.90 -15.56
CA LYS D 454 -36.32 13.20 -16.86
C LYS D 454 -36.34 11.70 -16.63
N ARG D 455 -35.37 11.22 -15.86
CA ARG D 455 -35.23 9.82 -15.58
C ARG D 455 -36.50 9.22 -14.97
N PHE D 456 -37.30 10.01 -14.26
CA PHE D 456 -38.59 9.49 -13.70
C PHE D 456 -39.84 10.04 -14.43
N SER D 457 -39.66 10.37 -15.72
CA SER D 457 -40.73 10.75 -16.63
C SER D 457 -41.40 12.05 -16.20
N LEU D 458 -40.59 13.05 -15.84
CA LEU D 458 -41.12 14.32 -15.35
C LEU D 458 -40.56 15.43 -16.25
N LYS D 459 -41.38 16.44 -16.51
CA LYS D 459 -40.96 17.62 -17.24
C LYS D 459 -39.79 18.30 -16.51
N PRO D 460 -38.68 18.55 -17.21
CA PRO D 460 -37.67 19.44 -16.63
C PRO D 460 -38.25 20.83 -16.29
N TYR D 461 -37.80 21.44 -15.19
CA TYR D 461 -38.25 22.79 -14.86
C TYR D 461 -37.49 23.77 -15.72
N THR D 462 -38.24 24.73 -16.27
CA THR D 462 -37.72 25.68 -17.26
C THR D 462 -37.20 26.92 -16.57
N SER D 463 -37.55 27.11 -15.30
CA SER D 463 -37.05 28.20 -14.45
C SER D 463 -37.00 27.78 -12.97
N PHE D 464 -36.32 28.55 -12.16
CA PHE D 464 -36.34 28.38 -10.71
C PHE D 464 -37.69 28.71 -10.10
N GLU D 465 -38.38 29.67 -10.67
CA GLU D 465 -39.64 30.15 -10.13
C GLU D 465 -40.71 29.08 -10.43
N GLU D 466 -40.49 28.27 -11.47
CA GLU D 466 -41.33 27.11 -11.73
C GLU D 466 -41.09 26.04 -10.67
N LEU D 467 -39.83 25.89 -10.26
CA LEU D 467 -39.46 24.96 -9.19
C LEU D 467 -40.04 25.32 -7.83
N THR D 468 -39.93 26.57 -7.41
CA THR D 468 -40.34 26.96 -6.06
C THR D 468 -41.80 27.40 -5.98
N GLY D 469 -42.35 27.88 -7.11
CA GLY D 469 -43.70 28.43 -7.13
C GLY D 469 -43.83 29.82 -6.50
N GLU D 470 -42.70 30.46 -6.24
CA GLU D 470 -42.69 31.76 -5.58
C GLU D 470 -41.49 32.55 -6.11
N LYS D 471 -41.28 33.78 -5.66
CA LYS D 471 -40.34 34.68 -6.31
C LYS D 471 -39.00 34.83 -5.59
N GLU D 472 -39.02 34.80 -4.26
CA GLU D 472 -37.88 35.24 -3.43
C GLU D 472 -36.76 34.19 -3.19
N MET D 473 -37.16 32.98 -2.78
CA MET D 473 -36.25 31.81 -2.77
C MET D 473 -35.74 31.56 -4.18
N ALA D 474 -36.63 31.65 -5.18
CA ALA D 474 -36.26 31.46 -6.63
C ALA D 474 -35.21 32.46 -7.12
N ALA D 475 -35.35 33.73 -6.75
CA ALA D 475 -34.36 34.77 -7.03
C ALA D 475 -32.99 34.39 -6.49
N GLU D 476 -32.98 34.04 -5.21
CA GLU D 476 -31.76 33.66 -4.47
C GLU D 476 -31.01 32.49 -5.12
N LEU D 477 -31.78 31.50 -5.59
CA LEU D 477 -31.25 30.31 -6.26
C LEU D 477 -30.71 30.65 -7.67
N LYS D 478 -31.27 31.68 -8.30
CA LYS D 478 -30.85 32.08 -9.65
C LYS D 478 -29.54 32.84 -9.59
N ALA D 479 -29.32 33.55 -8.50
CA ALA D 479 -28.06 34.26 -8.31
C ALA D 479 -26.91 33.33 -7.93
N LEU D 480 -27.23 32.11 -7.52
CA LEU D 480 -26.21 31.18 -6.98
C LEU D 480 -25.79 30.12 -8.02
N TYR D 481 -26.76 29.32 -8.46
CA TYR D 481 -26.66 28.50 -9.65
C TYR D 481 -27.02 29.55 -10.64
N SER D 482 -26.72 29.38 -11.92
CA SER D 482 -27.24 30.39 -12.88
C SER D 482 -28.31 29.79 -13.79
N ASP D 483 -28.09 28.54 -14.16
CA ASP D 483 -28.95 27.80 -15.08
C ASP D 483 -29.74 26.78 -14.23
N ILE D 484 -31.05 26.66 -14.51
CA ILE D 484 -31.91 25.70 -13.82
C ILE D 484 -31.41 24.28 -14.01
N ASP D 485 -30.90 23.99 -15.21
CA ASP D 485 -30.40 22.68 -15.57
C ASP D 485 -29.16 22.28 -14.77
N VAL D 486 -28.69 23.16 -13.91
CA VAL D 486 -27.57 22.91 -13.02
C VAL D 486 -28.01 22.82 -11.53
N MET D 487 -29.27 23.13 -11.27
CA MET D 487 -29.83 22.97 -9.95
C MET D 487 -29.60 21.55 -9.44
N GLU D 488 -29.42 21.38 -8.12
CA GLU D 488 -29.10 20.08 -7.56
C GLU D 488 -30.30 19.46 -6.95
N LEU D 489 -30.31 18.13 -6.93
CA LEU D 489 -31.49 17.36 -6.49
C LEU D 489 -31.83 17.63 -5.04
N TYR D 490 -30.93 17.30 -4.12
CA TYR D 490 -31.29 17.35 -2.68
C TYR D 490 -31.85 18.70 -2.22
N PRO D 491 -31.14 19.82 -2.52
CA PRO D 491 -31.69 21.13 -2.17
C PRO D 491 -33.03 21.38 -2.85
N ALA D 492 -33.14 20.93 -4.10
CA ALA D 492 -34.34 21.10 -4.91
C ALA D 492 -35.54 20.43 -4.29
N LEU D 493 -35.35 19.25 -3.72
CA LEU D 493 -36.46 18.55 -3.02
C LEU D 493 -37.06 19.38 -1.85
N LEU D 494 -36.23 20.07 -1.06
CA LEU D 494 -36.73 20.78 0.15
C LEU D 494 -37.28 22.20 -0.09
N VAL D 495 -37.04 22.70 -1.30
CA VAL D 495 -37.34 24.06 -1.72
C VAL D 495 -38.51 24.05 -2.70
N GLU D 496 -38.80 22.88 -3.28
CA GLU D 496 -39.85 22.68 -4.30
C GLU D 496 -41.24 23.09 -3.87
N LYS D 497 -42.02 23.49 -4.87
CA LYS D 497 -43.39 23.88 -4.64
C LYS D 497 -44.16 22.67 -4.14
N PRO D 498 -44.64 22.72 -2.90
CA PRO D 498 -45.49 21.63 -2.47
C PRO D 498 -46.71 21.53 -3.32
N ARG D 499 -47.26 20.33 -3.45
CA ARG D 499 -48.65 20.17 -3.89
C ARG D 499 -49.58 20.90 -2.92
N PRO D 500 -50.79 21.26 -3.37
CA PRO D 500 -51.65 22.05 -2.48
C PRO D 500 -51.88 21.45 -1.09
N ASP D 501 -51.48 22.17 -0.03
CA ASP D 501 -51.70 21.76 1.37
C ASP D 501 -51.07 20.41 1.69
N ALA D 502 -49.96 20.10 0.99
CA ALA D 502 -49.24 18.84 1.07
C ALA D 502 -47.83 19.03 1.61
N ILE D 503 -47.24 17.94 2.08
CA ILE D 503 -45.94 17.94 2.71
C ILE D 503 -44.83 17.89 1.66
N PHE D 504 -45.11 17.29 0.51
CA PHE D 504 -44.10 17.09 -0.52
C PHE D 504 -44.49 17.65 -1.88
N GLY D 505 -43.46 17.95 -2.66
CA GLY D 505 -43.60 18.25 -4.05
C GLY D 505 -43.54 17.01 -4.92
N GLU D 506 -43.83 17.25 -6.21
CA GLU D 506 -43.83 16.27 -7.30
C GLU D 506 -42.61 15.39 -7.26
N THR D 507 -41.43 15.99 -7.29
CA THR D 507 -40.19 15.21 -7.41
C THR D 507 -40.02 14.20 -6.30
N MET D 508 -40.27 14.63 -5.06
CA MET D 508 -40.16 13.76 -3.91
C MET D 508 -41.09 12.55 -4.10
N VAL D 509 -42.36 12.79 -4.38
CA VAL D 509 -43.27 11.64 -4.63
C VAL D 509 -42.77 10.73 -5.77
N GLU D 510 -42.46 11.34 -6.92
CA GLU D 510 -42.27 10.57 -8.13
C GLU D 510 -40.98 9.75 -8.13
N LEU D 511 -39.93 10.28 -7.51
CA LEU D 511 -38.71 9.48 -7.31
C LEU D 511 -38.96 8.47 -6.16
N GLY D 512 -39.57 8.92 -5.08
CA GLY D 512 -39.66 8.11 -3.88
C GLY D 512 -40.46 6.86 -4.09
N ALA D 513 -41.64 7.03 -4.69
CA ALA D 513 -42.59 5.93 -4.69
C ALA D 513 -42.03 4.66 -5.37
N PRO D 514 -41.35 4.78 -6.53
CA PRO D 514 -40.79 3.58 -7.12
C PRO D 514 -39.72 2.89 -6.28
N PHE D 515 -38.81 3.64 -5.65
CA PHE D 515 -37.77 3.01 -4.76
C PHE D 515 -38.45 2.31 -3.60
N SER D 516 -39.46 3.02 -3.07
CA SER D 516 -40.18 2.61 -1.89
C SER D 516 -40.90 1.31 -2.06
N LEU D 517 -41.74 1.20 -3.09
CA LEU D 517 -42.59 0.01 -3.32
C LEU D 517 -41.83 -1.26 -3.78
N LYS D 518 -40.78 -1.06 -4.57
CA LYS D 518 -39.87 -2.16 -4.92
C LYS D 518 -39.19 -2.70 -3.67
N GLY D 519 -38.74 -1.82 -2.79
CA GLY D 519 -38.14 -2.27 -1.53
C GLY D 519 -39.07 -3.16 -0.74
N LEU D 520 -40.31 -2.70 -0.58
CA LEU D 520 -41.34 -3.38 0.18
C LEU D 520 -41.82 -4.63 -0.55
N MET D 521 -42.08 -4.56 -1.85
CA MET D 521 -42.65 -5.73 -2.56
C MET D 521 -41.57 -6.67 -3.06
N GLY D 522 -40.34 -6.18 -3.25
CA GLY D 522 -39.24 -7.04 -3.66
C GLY D 522 -38.77 -8.02 -2.60
N ASN D 523 -39.21 -7.83 -1.37
CA ASN D 523 -38.88 -8.72 -0.24
C ASN D 523 -39.26 -10.14 -0.53
N PRO D 524 -38.46 -11.10 -0.06
CA PRO D 524 -38.85 -12.46 -0.43
C PRO D 524 -40.15 -12.99 0.20
N ILE D 525 -40.56 -12.53 1.38
CA ILE D 525 -41.79 -13.07 1.94
C ILE D 525 -42.99 -12.72 1.05
N CYS D 526 -42.81 -11.85 0.05
CA CYS D 526 -43.90 -11.53 -0.90
C CYS D 526 -43.99 -12.42 -2.09
N SER D 527 -43.01 -13.29 -2.26
CA SER D 527 -42.95 -14.20 -3.39
C SER D 527 -43.91 -15.40 -3.26
N PRO D 528 -44.42 -15.91 -4.41
CA PRO D 528 -45.37 -17.02 -4.33
C PRO D 528 -44.97 -18.09 -3.32
N GLN D 529 -43.72 -18.50 -3.34
CA GLN D 529 -43.33 -19.68 -2.60
C GLN D 529 -43.23 -19.43 -1.08
N TYR D 530 -43.25 -18.16 -0.69
CA TYR D 530 -43.20 -17.75 0.71
C TYR D 530 -44.56 -17.33 1.29
N TRP D 531 -45.42 -16.73 0.45
CA TRP D 531 -46.69 -16.15 0.89
C TRP D 531 -47.74 -17.21 1.02
N LYS D 532 -47.76 -17.89 2.15
CA LYS D 532 -48.76 -18.89 2.41
C LYS D 532 -48.66 -19.23 3.91
N PRO D 533 -49.78 -19.63 4.52
CA PRO D 533 -49.87 -19.62 6.00
C PRO D 533 -48.73 -20.32 6.70
N SER D 534 -48.29 -21.45 6.13
CA SER D 534 -47.35 -22.31 6.83
C SER D 534 -46.02 -21.60 7.06
N THR D 535 -45.65 -20.70 6.16
CA THR D 535 -44.47 -19.88 6.33
C THR D 535 -44.51 -19.15 7.67
N PHE D 536 -45.73 -18.75 8.06
CA PHE D 536 -45.92 -17.93 9.25
C PHE D 536 -46.50 -18.68 10.45
N GLY D 537 -46.43 -20.00 10.42
CA GLY D 537 -46.89 -20.84 11.50
C GLY D 537 -48.36 -21.11 11.42
N GLY D 538 -48.89 -21.06 10.21
CA GLY D 538 -50.29 -21.39 9.98
C GLY D 538 -51.19 -20.19 9.86
N GLU D 539 -52.48 -20.39 10.08
CA GLU D 539 -53.48 -19.39 9.70
C GLU D 539 -53.53 -18.22 10.67
N VAL D 540 -53.37 -18.52 11.96
CA VAL D 540 -53.34 -17.48 13.01
C VAL D 540 -52.11 -16.56 12.92
N GLY D 541 -50.96 -17.15 12.55
CA GLY D 541 -49.74 -16.39 12.22
C GLY D 541 -49.89 -15.45 11.04
N PHE D 542 -50.46 -15.95 9.95
CA PHE D 542 -50.74 -15.15 8.72
C PHE D 542 -51.71 -14.02 9.05
N LYS D 543 -52.71 -14.30 9.88
CA LYS D 543 -53.69 -13.26 10.24
C LYS D 543 -53.02 -12.10 10.92
N ILE D 544 -51.95 -12.36 11.67
CA ILE D 544 -51.25 -11.29 12.38
C ILE D 544 -50.71 -10.34 11.36
N ILE D 545 -50.11 -10.87 10.29
CA ILE D 545 -49.64 -10.01 9.22
C ILE D 545 -50.79 -9.32 8.54
N ASN D 546 -51.85 -10.06 8.18
CA ASN D 546 -52.92 -9.48 7.37
C ASN D 546 -53.91 -8.51 8.01
N THR D 547 -53.89 -8.42 9.32
CA THR D 547 -54.67 -7.42 10.04
C THR D 547 -53.81 -6.36 10.74
N ALA D 548 -52.50 -6.31 10.44
CA ALA D 548 -51.61 -5.41 11.19
C ALA D 548 -52.04 -3.98 10.94
N SER D 549 -51.79 -3.11 11.90
CA SER D 549 -51.96 -1.67 11.69
C SER D 549 -51.09 -0.95 12.72
N ILE D 550 -50.87 0.34 12.53
CA ILE D 550 -50.17 1.14 13.56
C ILE D 550 -51.02 1.25 14.85
N GLN D 551 -52.33 1.33 14.73
CA GLN D 551 -53.10 1.41 15.96
C GLN D 551 -52.97 0.09 16.74
N SER D 552 -52.98 -1.06 16.06
CA SER D 552 -52.96 -2.31 16.81
C SER D 552 -51.56 -2.71 17.23
N LEU D 553 -50.56 -2.21 16.52
CA LEU D 553 -49.20 -2.43 16.97
C LEU D 553 -49.06 -1.76 18.36
N ILE D 554 -49.57 -0.54 18.48
CA ILE D 554 -49.49 0.22 19.74
C ILE D 554 -50.47 -0.29 20.80
N CYS D 555 -51.68 -0.60 20.40
CA CYS D 555 -52.71 -1.06 21.31
C CYS D 555 -52.28 -2.33 22.04
N ASN D 556 -51.74 -3.29 21.29
CA ASN D 556 -51.37 -4.58 21.81
C ASN D 556 -50.15 -4.60 22.71
N ASN D 557 -49.35 -3.51 22.66
CA ASN D 557 -48.02 -3.42 23.30
C ASN D 557 -47.78 -2.19 24.15
N VAL D 558 -48.73 -1.26 24.22
CA VAL D 558 -48.56 -0.07 25.07
C VAL D 558 -49.68 -0.02 26.10
N LYS D 559 -49.29 0.20 27.36
CA LYS D 559 -50.15 0.25 28.53
C LYS D 559 -51.35 1.16 28.26
N GLY D 560 -52.54 0.71 28.60
CA GLY D 560 -53.78 1.41 28.22
C GLY D 560 -54.02 0.93 26.80
N CYS D 561 -54.37 1.69 25.84
CA CYS D 561 -54.35 1.20 24.45
C CYS D 561 -54.58 2.54 23.86
N PRO D 562 -53.56 3.41 23.99
CA PRO D 562 -53.74 4.79 23.60
C PRO D 562 -54.00 4.89 22.11
N PHE D 563 -54.84 5.85 21.76
CA PHE D 563 -55.05 6.18 20.38
C PHE D 563 -53.73 6.61 19.74
N THR D 564 -53.43 6.09 18.55
CA THR D 564 -52.44 6.76 17.69
C THR D 564 -52.82 6.80 16.23
N SER D 565 -52.01 7.57 15.52
CA SER D 565 -52.19 7.78 14.14
C SER D 565 -50.94 8.51 13.67
N PHE D 566 -50.78 8.63 12.37
CA PHE D 566 -49.65 9.35 11.81
C PHE D 566 -50.03 10.81 11.59
N ASN D 567 -51.13 11.19 12.19
CA ASN D 567 -51.82 12.39 11.80
C ASN D 567 -52.45 13.01 13.04
N VAL D 568 -52.30 14.32 13.16
CA VAL D 568 -52.88 15.10 14.25
C VAL D 568 -54.41 15.21 14.09
N GLN D 569 -55.10 15.23 15.23
CA GLN D 569 -56.57 15.12 15.31
C GLN D 569 -57.22 16.39 15.85
C1 NAG E . 29.49 19.30 -8.95
C2 NAG E . 30.46 18.70 -9.96
C3 NAG E . 31.14 19.69 -10.89
C4 NAG E . 30.10 20.63 -11.51
C5 NAG E . 29.33 21.22 -10.35
C6 NAG E . 28.20 22.11 -10.85
C7 NAG E . 31.62 16.76 -9.14
C8 NAG E . 32.67 16.23 -8.20
N2 NAG E . 31.47 18.07 -9.14
O3 NAG E . 31.73 18.99 -11.96
O4 NAG E . 30.67 21.58 -12.43
O5 NAG E . 28.68 20.19 -9.64
O6 NAG E . 27.02 21.35 -11.09
O7 NAG E . 30.95 16.02 -9.88
C1 NAG E . 30.12 21.84 -13.46
C2 NAG E . 30.52 23.17 -14.08
C3 NAG E . 30.29 23.15 -15.59
C4 NAG E . 30.89 21.91 -16.23
C5 NAG E . 30.48 20.65 -15.47
C6 NAG E . 31.14 19.41 -16.06
C7 NAG E . 30.29 25.01 -12.53
C8 NAG E . 29.67 26.38 -12.38
N2 NAG E . 29.77 24.24 -13.48
O3 NAG E . 30.87 24.31 -16.18
O4 NAG E . 30.47 21.81 -17.59
O5 NAG E . 30.84 20.78 -14.10
O6 NAG E . 30.19 18.34 -16.12
O7 NAG E . 31.21 24.64 -11.83
C1 NAG F . 45.07 10.72 -1.35
C2 NAG F . 45.19 12.05 -2.09
C3 NAG F . 45.84 11.74 -3.45
C4 NAG F . 47.19 11.08 -3.19
C5 NAG F . 47.00 9.80 -2.39
C6 NAG F . 48.36 9.09 -2.19
C7 NAG F . 43.62 13.98 -1.95
C8 NAG F . 42.18 14.42 -2.05
N2 NAG F . 43.86 12.68 -2.17
O3 NAG F . 46.07 12.90 -4.21
O4 NAG F . 47.82 10.79 -4.42
O5 NAG F . 46.32 10.09 -1.19
O6 NAG F . 48.75 9.13 -0.84
O7 NAG F . 44.49 14.84 -1.69
C1 NAG F . 49.26 10.86 -4.17
C2 NAG F . 49.92 10.04 -5.27
C3 NAG F . 51.32 10.56 -5.58
C4 NAG F . 51.30 12.08 -5.79
C5 NAG F . 50.56 12.78 -4.65
C6 NAG F . 50.46 14.27 -4.90
C7 NAG F . 49.08 7.77 -5.28
C8 NAG F . 49.38 6.33 -4.95
N2 NAG F . 50.00 8.65 -4.89
O3 NAG F . 51.82 9.93 -6.76
O4 NAG F . 52.64 12.57 -5.85
O5 NAG F . 49.24 12.23 -4.55
O6 NAG F . 49.85 14.90 -3.77
O7 NAG F . 48.07 8.10 -5.87
C1 NAG G . -23.91 -18.28 8.17
C2 NAG G . -23.26 -17.18 9.01
C3 NAG G . -22.05 -17.71 9.75
C4 NAG G . -22.37 -19.00 10.48
C5 NAG G . -23.07 -19.99 9.56
C6 NAG G . -23.47 -21.25 10.32
C7 NAG G . -23.54 -14.91 8.18
C8 NAG G . -23.46 -14.09 6.93
N2 NAG G . -22.88 -16.07 8.16
O3 NAG G . -21.60 -16.73 10.69
O4 NAG G . -21.16 -19.59 10.98
O5 NAG G . -24.24 -19.38 9.01
O6 NAG G . -24.74 -21.06 10.95
O7 NAG G . -24.17 -14.55 9.16
C1 NAG G . -21.27 -20.41 12.19
C2 NAG G . -19.95 -21.11 12.49
C3 NAG G . -19.60 -21.02 13.97
C4 NAG G . -19.74 -19.59 14.48
C5 NAG G . -21.08 -18.99 14.05
C6 NAG G . -21.19 -17.53 14.49
C7 NAG G . -20.38 -22.84 10.85
C8 NAG G . -19.71 -22.09 9.73
N2 NAG G . -20.01 -22.50 12.08
O3 NAG G . -18.26 -21.47 14.19
O4 NAG G . -19.64 -19.58 15.90
O5 NAG G . -21.21 -19.07 12.64
O6 NAG G . -20.15 -16.77 13.86
O7 NAG G . -21.21 -23.71 10.64
C1 NAG H . -16.43 -3.89 -2.62
C2 NAG H . -15.41 -4.85 -1.99
C3 NAG H . -14.57 -4.16 -0.90
C4 NAG H . -13.99 -2.86 -1.42
C5 NAG H . -15.11 -1.97 -2.00
C6 NAG H . -14.55 -0.70 -2.64
C7 NAG H . -15.98 -7.22 -1.73
C8 NAG H . -16.92 -8.18 -1.04
N2 NAG H . -16.19 -5.94 -1.41
O3 NAG H . -13.51 -4.99 -0.42
O4 NAG H . -13.29 -2.23 -0.36
O5 NAG H . -15.83 -2.66 -2.99
O6 NAG H . -13.61 -1.05 -3.64
O7 NAG H . -15.10 -7.59 -2.55
C1 NAG H . -12.00 -1.70 -0.69
C2 NAG H . -11.41 -0.71 0.30
C3 NAG H . -9.89 -0.67 0.19
C4 NAG H . -9.30 -2.08 0.23
C5 NAG H . -10.02 -2.99 -0.76
C6 NAG H . -9.49 -4.41 -0.68
C7 NAG H . -13.19 0.93 0.44
C8 NAG H . -13.80 2.10 -0.27
N2 NAG H . -11.95 0.61 0.07
O3 NAG H . -9.36 0.09 1.29
O4 NAG H . -7.91 -2.02 -0.10
O5 NAG H . -11.42 -2.99 -0.48
O6 NAG H . -9.73 -5.08 -1.91
O7 NAG H . -13.79 0.31 1.30
C1 BOG I . 19.47 58.81 6.46
O1 BOG I . 20.05 57.86 5.58
C2 BOG I . 18.43 57.90 7.09
O2 BOG I . 17.48 57.41 6.13
C3 BOG I . 17.70 58.69 8.14
O3 BOG I . 16.50 57.96 8.46
C4 BOG I . 18.69 58.88 9.28
O4 BOG I . 18.19 59.68 10.39
C5 BOG I . 19.97 59.55 8.80
O5 BOG I . 20.40 59.26 7.45
C6 BOG I . 21.12 59.12 9.71
O6 BOG I . 22.06 58.54 8.82
C1' BOG I . 19.60 57.90 4.25
C2' BOG I . 20.77 57.52 3.36
C3' BOG I . 21.72 58.69 3.19
C4' BOG I . 22.69 58.85 4.35
C5' BOG I . 23.62 57.66 4.49
C6' BOG I . 24.89 57.85 3.68
C7' BOG I . 26.01 57.05 4.31
C8' BOG I . 26.46 57.76 5.57
C1 BOG J . 17.49 25.96 22.75
O1 BOG J . 18.35 25.53 23.78
C2 BOG J . 17.18 24.69 22.00
O2 BOG J . 18.40 23.98 21.81
C3 BOG J . 16.44 25.05 20.69
O3 BOG J . 16.07 23.83 20.01
C4 BOG J . 15.17 25.87 21.00
O4 BOG J . 14.67 26.52 19.81
C5 BOG J . 15.40 26.91 22.10
O5 BOG J . 16.23 26.46 23.20
C6 BOG J . 14.06 27.33 22.67
O6 BOG J . 13.56 26.29 23.51
C1' BOG J . 19.42 26.43 24.02
C2' BOG J . 19.83 26.30 25.48
C3' BOG J . 18.98 25.29 26.23
C4' BOG J . 19.53 25.07 27.64
C5' BOG J . 18.44 25.11 28.70
C6' BOG J . 18.99 25.53 30.06
C7' BOG J . 17.91 25.61 31.13
C8' BOG J . 17.89 24.36 32.01
CHA HEM K . 34.31 37.40 2.98
CHB HEM K . 37.06 41.56 3.66
CHC HEM K . 37.14 40.56 8.40
CHD HEM K . 33.67 37.02 7.80
C1A HEM K . 35.10 38.61 2.81
C2A HEM K . 35.31 39.16 1.44
C3A HEM K . 36.11 40.37 1.66
C4A HEM K . 36.29 40.45 3.13
CMA HEM K . 36.60 41.34 0.61
CAA HEM K . 34.85 38.61 0.10
CBA HEM K . 33.35 38.76 -0.16
CGA HEM K . 33.03 38.41 -1.62
O1A HEM K . 32.07 38.97 -2.22
O2A HEM K . 33.74 37.55 -2.18
C1B HEM K . 37.37 41.62 5.07
C2B HEM K . 38.46 42.50 5.54
C3B HEM K . 38.47 42.14 6.97
C4B HEM K . 37.40 41.13 7.10
CMB HEM K . 39.31 43.46 4.78
CAB HEM K . 39.28 42.66 8.10
CBB HEM K . 40.11 43.68 7.97
C1C HEM K . 36.16 39.55 8.61
C2C HEM K . 35.86 39.14 10.00
C3C HEM K . 34.84 38.12 9.83
C4C HEM K . 34.61 37.96 8.37
CMC HEM K . 36.44 39.68 11.27
CAC HEM K . 34.29 37.39 11.00
CBC HEM K . 33.71 36.22 10.96
C1D HEM K . 33.58 36.82 6.37
C2D HEM K . 32.95 35.57 5.92
C3D HEM K . 33.14 35.66 4.48
C4D HEM K . 33.88 36.94 4.31
CMD HEM K . 32.28 34.51 6.76
CAD HEM K . 32.75 34.67 3.43
CBD HEM K . 33.99 33.83 3.08
CGD HEM K . 33.80 33.10 1.78
O1D HEM K . 33.30 33.71 0.81
O2D HEM K . 34.16 31.90 1.70
NA HEM K . 35.80 39.30 3.91
NB HEM K . 36.77 40.78 5.96
NC HEM K . 35.53 38.78 7.55
ND HEM K . 34.18 37.61 5.43
FE HEM K . 35.13 39.46 5.75
O DF0 L . 23.16 26.73 22.11
C7 DF0 L . 23.66 27.71 22.62
O1 DF0 L . 22.82 28.54 23.24
C6 DF0 L . 25.17 28.01 22.60
C4 DF0 L . 25.58 28.76 21.35
C5 DF0 L . 25.36 30.13 21.21
C DF0 L . 25.76 30.76 20.03
F DF0 L . 25.61 32.08 19.79
C3 DF0 L . 26.16 28.03 20.33
C2 DF0 L . 26.57 28.61 19.15
C1 DF0 L . 26.38 29.96 18.96
C8 DF0 L . 26.78 30.65 17.69
C13 DF0 L . 25.87 31.50 17.07
C12 DF0 L . 26.24 32.15 15.90
C11 DF0 L . 27.50 31.95 15.35
C10 DF0 L . 28.41 31.10 15.99
C9 DF0 L . 28.05 30.44 17.16
C1 BOG M . 25.45 -12.61 15.20
O1 BOG M . 24.04 -12.58 15.10
C2 BOG M . 25.87 -11.24 15.71
O2 BOG M . 25.43 -10.15 14.90
C3 BOG M . 27.36 -11.13 15.72
O3 BOG M . 27.70 -9.77 15.94
C4 BOG M . 27.82 -11.99 16.84
O4 BOG M . 29.25 -11.87 16.88
C5 BOG M . 27.30 -13.43 16.63
O5 BOG M . 25.93 -13.55 16.17
C6 BOG M . 27.41 -14.26 17.92
O6 BOG M . 26.31 -14.04 18.81
C1' BOG M . 23.47 -12.43 13.79
C2' BOG M . 21.97 -12.69 13.88
C3' BOG M . 21.42 -12.46 15.29
C4' BOG M . 19.96 -12.90 15.46
C5' BOG M . 19.82 -14.40 15.73
C6' BOG M . 18.34 -14.76 15.99
C7' BOG M . 18.17 -16.19 16.52
C8' BOG M . 17.88 -16.24 18.01
CHA HEM N . 37.97 -8.62 -9.97
CHB HEM N . 37.44 -11.72 -13.88
CHC HEM N . 33.06 -12.92 -12.22
CHD HEM N . 34.19 -10.73 -7.82
C1A HEM N . 38.18 -9.34 -11.23
C2A HEM N . 39.41 -9.10 -12.08
C3A HEM N . 39.21 -10.04 -13.21
C4A HEM N . 37.93 -10.74 -12.92
CMA HEM N . 40.13 -10.26 -14.39
CAA HEM N . 40.59 -8.14 -11.92
CBA HEM N . 41.35 -8.20 -10.57
CGA HEM N . 42.88 -8.13 -10.65
O1A HEM N . 43.57 -9.15 -10.93
O2A HEM N . 43.44 -7.03 -10.37
C1B HEM N . 36.12 -12.30 -13.78
C2B HEM N . 35.51 -12.90 -15.00
C3B HEM N . 34.18 -13.22 -14.45
C4B HEM N . 34.23 -12.78 -13.05
CMB HEM N . 36.13 -13.09 -16.35
CAB HEM N . 33.03 -13.89 -15.09
CBB HEM N . 33.09 -14.33 -16.32
C1C HEM N . 33.02 -12.45 -10.85
C2C HEM N . 31.93 -12.90 -9.96
C3C HEM N . 32.29 -12.30 -8.69
C4C HEM N . 33.52 -11.49 -8.88
CMC HEM N . 30.77 -13.82 -10.24
CAC HEM N . 31.39 -12.43 -7.55
CBC HEM N . 31.31 -11.48 -6.65
C1D HEM N . 35.37 -9.89 -8.06
C2D HEM N . 35.67 -8.83 -7.11
C3D HEM N . 36.81 -8.19 -7.77
C4D HEM N . 36.95 -8.98 -9.01
CMD HEM N . 35.01 -8.50 -5.80
CAD HEM N . 37.62 -7.00 -7.34
CBD HEM N . 37.22 -5.79 -8.22
CGD HEM N . 38.09 -4.58 -7.95
O1D HEM N . 39.07 -4.62 -7.19
O2D HEM N . 37.77 -3.55 -8.54
NA HEM N . 37.14 -10.27 -11.77
NB HEM N . 35.38 -12.17 -12.65
NC HEM N . 33.98 -11.49 -10.28
ND HEM N . 36.07 -9.96 -9.21
FE HEM N . 35.88 -11.41 -10.73
O DF0 O . 23.63 -11.26 9.76
C7 DF0 O . 23.20 -12.07 8.94
O1 DF0 O . 23.29 -13.34 9.31
C6 DF0 O . 22.59 -11.70 7.57
C4 DF0 O . 23.64 -11.62 6.51
C5 DF0 O . 24.36 -12.74 6.13
C DF0 O . 25.36 -12.65 5.14
F DF0 O . 26.09 -13.69 4.74
C3 DF0 O . 23.92 -10.40 5.91
C2 DF0 O . 24.90 -10.26 4.91
C1 DF0 O . 25.66 -11.35 4.49
C8 DF0 O . 26.76 -11.27 3.46
C13 DF0 O . 27.94 -11.99 3.64
C12 DF0 O . 28.98 -11.90 2.72
C11 DF0 O . 28.88 -11.08 1.61
C10 DF0 O . 27.71 -10.35 1.43
C9 DF0 O . 26.67 -10.43 2.35
C1 BOG P . -19.60 -58.44 -6.44
O1 BOG P . -19.23 -57.45 -5.49
C2 BOG P . -21.11 -58.39 -6.64
O2 BOG P . -21.78 -58.72 -5.42
C3 BOG P . -21.54 -59.36 -7.74
O3 BOG P . -22.92 -59.15 -8.06
C4 BOG P . -20.69 -59.20 -8.99
O4 BOG P . -20.95 -60.27 -9.90
C5 BOG P . -19.20 -59.21 -8.63
O5 BOG P . -18.94 -58.19 -7.67
C6 BOG P . -18.35 -58.96 -9.87
O6 BOG P . -17.99 -57.58 -9.94
C1' BOG P . -18.90 -58.03 -4.22
C2' BOG P . -17.71 -57.28 -3.61
C3' BOG P . -16.52 -57.30 -4.56
C4' BOG P . -16.22 -55.90 -5.09
C5' BOG P . -14.72 -55.65 -5.17
C6' BOG P . -14.26 -55.52 -6.61
C7' BOG P . -14.18 -54.07 -7.04
C8' BOG P . -13.41 -53.93 -8.33
C1 BOG Q . -40.09 -31.34 -19.27
O1 BOG Q . -39.81 -30.57 -20.45
C2 BOG Q . -41.05 -30.47 -18.48
O2 BOG Q . -40.54 -29.14 -18.46
C3 BOG Q . -41.26 -31.06 -17.06
O3 BOG Q . -42.19 -30.27 -16.32
C4 BOG Q . -41.79 -32.48 -17.14
O4 BOG Q . -41.46 -33.15 -15.92
C5 BOG Q . -41.31 -33.31 -18.34
O5 BOG Q . -40.70 -32.63 -19.47
C6 BOG Q . -42.49 -34.08 -18.92
O6 BOG Q . -43.53 -33.18 -19.37
C1' BOG Q . -39.11 -31.28 -21.48
C2' BOG Q . -38.74 -30.31 -22.60
C3' BOG Q . -39.97 -29.79 -23.37
C4' BOG Q . -39.94 -30.03 -24.89
C5' BOG Q . -41.26 -30.60 -25.48
C6' BOG Q . -40.99 -31.49 -26.70
C7' BOG Q . -42.05 -31.38 -27.80
C8' BOG Q . -42.03 -30.02 -28.45
CHA HEM R . -15.08 -33.03 -5.73
CHB HEM R . -11.11 -35.50 -7.49
CHC HEM R . -12.77 -34.65 -11.97
CHD HEM R . -17.10 -33.13 -10.12
C1A HEM R . -13.84 -33.73 -5.87
C2A HEM R . -13.01 -34.04 -4.65
C3A HEM R . -11.86 -34.78 -5.20
C4A HEM R . -12.11 -34.85 -6.66
CMA HEM R . -10.70 -35.38 -4.45
CAA HEM R . -13.23 -33.73 -3.17
CBA HEM R . -14.64 -34.01 -2.67
CGA HEM R . -14.74 -34.59 -1.26
O1A HEM R . -13.99 -35.55 -0.91
O2A HEM R . -15.61 -34.10 -0.50
C1B HEM R . -11.20 -35.43 -8.94
C2B HEM R . -10.00 -35.73 -9.78
C3B HEM R . -10.56 -35.45 -11.11
C4B HEM R . -11.95 -35.03 -10.84
CMB HEM R . -8.64 -36.20 -9.37
CAB HEM R . -9.98 -35.52 -12.49
CBB HEM R . -8.76 -35.93 -12.73
C1C HEM R . -14.11 -34.20 -11.81
C2C HEM R . -14.97 -34.24 -13.00
C3C HEM R . -16.23 -33.89 -12.45
C4C HEM R . -16.02 -33.54 -11.00
CMC HEM R . -14.72 -34.63 -14.42
CAC HEM R . -17.31 -33.61 -13.39
CBC HEM R . -17.79 -32.39 -13.23
C1D HEM R . -16.91 -32.93 -8.70
C2D HEM R . -17.90 -32.11 -7.96
C3D HEM R . -17.27 -32.07 -6.63
C4D HEM R . -16.02 -32.86 -6.82
CMD HEM R . -19.19 -31.50 -8.46
CAD HEM R . -17.71 -31.36 -5.39
CBD HEM R . -16.89 -30.04 -5.41
CGD HEM R . -17.20 -29.07 -4.29
O1D HEM R . -17.76 -29.48 -3.25
O2D HEM R . -16.89 -27.87 -4.43
NA HEM R . -13.27 -34.08 -7.16
NB HEM R . -12.34 -34.98 -9.55
NC HEM R . -14.63 -33.69 -10.53
ND HEM R . -15.79 -33.32 -8.04
FE HEM R . -14.28 -34.51 -8.80
O DF0 S . -34.44 -29.21 -20.63
C7 DF0 S . -33.54 -29.89 -21.13
O1 DF0 S . -33.70 -31.21 -21.30
C6 DF0 S . -32.22 -29.30 -21.55
C4 DF0 S . -31.18 -29.78 -20.54
C5 DF0 S . -30.76 -31.11 -20.47
C DF0 S . -29.82 -31.48 -19.52
F DF0 S . -29.34 -32.71 -19.38
C3 DF0 S . -30.67 -28.84 -19.68
C2 DF0 S . -29.73 -29.19 -18.73
C1 DF0 S . -29.27 -30.48 -18.60
C8 DF0 S . -28.26 -30.80 -17.58
C13 DF0 S . -28.46 -31.84 -16.69
C12 DF0 S . -27.52 -32.13 -15.68
C11 DF0 S . -26.38 -31.36 -15.58
C10 DF0 S . -26.19 -30.30 -16.48
C9 DF0 S . -27.12 -30.03 -17.48
C1 BOG T . -47.93 6.96 -11.98
O1 BOG T . -49.11 6.32 -11.49
C2 BOG T . -47.02 5.92 -12.62
O2 BOG T . -46.60 4.99 -11.62
C3 BOG T . -45.79 6.59 -13.23
O3 BOG T . -45.07 5.63 -14.02
C4 BOG T . -46.20 7.76 -14.12
O4 BOG T . -45.03 8.49 -14.50
C5 BOG T . -47.16 8.69 -13.39
O5 BOG T . -48.30 7.94 -12.95
C6 BOG T . -47.62 9.82 -14.30
O6 BOG T . -48.65 9.34 -15.18
C1' BOG T . -49.05 6.09 -10.09
C2' BOG T . -50.44 6.18 -9.49
C3' BOG T . -51.44 5.36 -10.30
C4' BOG T . -52.74 6.14 -10.52
C5' BOG T . -53.85 5.21 -11.00
C6' BOG T . -55.20 5.65 -10.46
C7' BOG T . -55.82 6.73 -11.34
C8' BOG T . -57.33 6.75 -11.20
CHA HEM U . -28.79 10.59 8.97
CHB HEM U . -29.61 13.31 13.09
CHC HEM U . -34.37 12.48 12.51
CHD HEM U . -33.48 10.65 7.90
C1A HEM U . -28.67 11.38 10.17
C2A HEM U . -27.30 11.77 10.62
C3A HEM U . -27.55 12.58 11.83
C4A HEM U . -29.03 12.59 11.96
CMA HEM U . -26.53 13.26 12.70
CAA HEM U . -25.98 11.42 9.97
CBA HEM U . -25.81 12.10 8.60
CGA HEM U . -24.40 11.97 8.06
O1A HEM U . -23.88 12.95 7.45
O2A HEM U . -23.77 10.90 8.24
C1B HEM U . -31.04 13.28 13.33
C2B HEM U . -31.57 13.65 14.66
C3B HEM U . -33.00 13.36 14.47
C4B HEM U . -33.08 12.89 13.07
CMB HEM U . -30.83 14.18 15.87
CAB HEM U . -34.15 13.56 15.41
CBB HEM U . -34.06 14.19 16.58
C1C HEM U . -34.50 11.94 11.17
C2C HEM U . -35.86 11.83 10.59
C3C HEM U . -35.59 11.33 9.24
C4C HEM U . -34.12 11.15 9.12
CMC HEM U . -37.21 12.19 11.17
CAC HEM U . -36.71 11.02 8.32
CBC HEM U . -36.62 10.23 7.26
C1D HEM U . -32.05 10.43 7.82
C2D HEM U . -31.52 9.56 6.75
C3D HEM U . -30.10 9.52 7.08
C4D HEM U . -30.05 10.38 8.30
CMD HEM U . -32.27 8.91 5.64
CAD HEM U . -28.97 8.80 6.40
CBD HEM U . -28.25 7.81 7.31
CGD HEM U . -27.35 6.94 6.48
O1D HEM U . -26.89 7.39 5.42
O2D HEM U . -27.10 5.79 6.84
NA HEM U . -29.80 11.75 11.02
NB HEM U . -31.90 12.79 12.39
NC HEM U . -33.38 11.43 10.37
ND HEM U . -31.18 10.87 8.77
FE HEM U . -31.57 12.20 10.36
O DF0 V . -46.90 5.57 -5.99
C7 DF0 V . -47.71 6.03 -5.20
O1 DF0 V . -48.51 6.99 -5.68
C6 DF0 V . -47.84 5.54 -3.74
C4 DF0 V . -46.63 5.99 -2.98
C5 DF0 V . -46.45 7.32 -2.68
C DF0 V . -45.30 7.71 -2.00
F DF0 V . -45.10 9.00 -1.67
C3 DF0 V . -45.66 5.07 -2.61
C2 DF0 V . -44.49 5.43 -1.91
C1 DF0 V . -44.26 6.74 -1.61
C8 DF0 V . -43.04 7.21 -0.90
C13 DF0 V . -42.40 8.36 -1.40
C12 DF0 V . -41.26 8.84 -0.77
C11 DF0 V . -40.73 8.17 0.35
C10 DF0 V . -41.36 7.03 0.83
C9 DF0 V . -42.51 6.52 0.20
#